data_2AWG
# 
_entry.id   2AWG 
# 
_audit_conform.dict_name       mmcif_pdbx.dic 
_audit_conform.dict_version    5.376 
_audit_conform.dict_location   http://mmcif.pdb.org/dictionaries/ascii/mmcif_pdbx.dic 
# 
loop_
_database_2.database_id 
_database_2.database_code 
_database_2.pdbx_database_accession 
_database_2.pdbx_DOI 
PDB   2AWG         pdb_00002awg 10.2210/pdb2awg/pdb 
RCSB  RCSB034394   ?            ?                   
WWPDB D_1000034394 ?            ?                   
# 
_pdbx_database_status.status_code                     REL 
_pdbx_database_status.entry_id                        2AWG 
_pdbx_database_status.recvd_initial_deposition_date   2005-09-01 
_pdbx_database_status.deposit_site                    RCSB 
_pdbx_database_status.process_site                    RCSB 
_pdbx_database_status.status_code_sf                  REL 
_pdbx_database_status.status_code_mr                  ? 
_pdbx_database_status.SG_entry                        Y 
_pdbx_database_status.pdb_format_compatible           Y 
_pdbx_database_status.status_code_cs                  ? 
_pdbx_database_status.status_code_nmr_data            ? 
_pdbx_database_status.methods_development_category    ? 
# 
loop_
_audit_author.name 
_audit_author.pdbx_ordinal 
'Walker, J.R.'                         1  
'Davis, T.'                            2  
'Newman, E.M.'                         3  
'Finerty, P.'                          4  
'Mackenzie, F.'                        5  
'Weigelt, J.'                          6  
'Sundstrom, M.'                        7  
'Arrowsmith, C.'                       8  
'Edwards, A.'                          9  
'Bochkarev, A.'                        10 
'Dhe-Paganon, S.'                      11 
'Structural Genomics Consortium (SGC)' 12 
# 
_citation.id                        primary 
_citation.title                     'Structure of the human FK-506 binding protein 8' 
_citation.journal_abbrev            'To be Published' 
_citation.journal_volume            ? 
_citation.page_first                ? 
_citation.page_last                 ? 
_citation.year                      ? 
_citation.journal_id_ASTM           ? 
_citation.country                   ? 
_citation.journal_id_ISSN           ? 
_citation.journal_id_CSD            0353 
_citation.book_publisher            ? 
_citation.pdbx_database_id_PubMed   ? 
_citation.pdbx_database_id_DOI      ? 
# 
loop_
_citation_author.citation_id 
_citation_author.name 
_citation_author.ordinal 
_citation_author.identifier_ORCID 
primary 'Walker, J.R.'    1  ? 
primary 'Davis, T.'       2  ? 
primary 'Newman, E.M.'    3  ? 
primary 'Finerty, P.'     4  ? 
primary 'Mackenzie, F.'   5  ? 
primary 'Weigelt, J.'     6  ? 
primary 'Sundstrom, M.'   7  ? 
primary 'Arrowsmith, C.'  8  ? 
primary 'Edwards, A.'     9  ? 
primary 'Bochkarev, A.'   10 ? 
primary 'Dhe-Paganon, S.' 11 ? 
# 
_cell.entry_id           2AWG 
_cell.length_a           30.911 
_cell.length_b           53.795 
_cell.length_c           30.640 
_cell.angle_alpha        90.00 
_cell.angle_beta         92.43 
_cell.angle_gamma        90.00 
_cell.Z_PDB              2 
_cell.pdbx_unique_axis   ? 
_cell.length_a_esd       ? 
_cell.length_b_esd       ? 
_cell.length_c_esd       ? 
_cell.angle_alpha_esd    ? 
_cell.angle_beta_esd     ? 
_cell.angle_gamma_esd    ? 
# 
_symmetry.entry_id                         2AWG 
_symmetry.space_group_name_H-M             'P 1 21 1' 
_symmetry.pdbx_full_space_group_name_H-M   ? 
_symmetry.cell_setting                     ? 
_symmetry.Int_Tables_number                4 
_symmetry.space_group_name_Hall            ? 
# 
loop_
_entity.id 
_entity.type 
_entity.src_method 
_entity.pdbx_description 
_entity.formula_weight 
_entity.pdbx_number_of_molecules 
_entity.pdbx_ec 
_entity.pdbx_mutation 
_entity.pdbx_fragment 
_entity.details 
1 polymer man '38 kDa FK-506 binding protein' 12638.400 1   ? ? 'FKBP-type PPIase Domain, residues 90-205' ? 
2 water   nat water                           18.015    115 ? ? ?                                          ? 
# 
_entity_name_com.entity_id   1 
_entity_name_com.name        'FKBPR38, FK506-binding protein 8' 
# 
_entity_poly.entity_id                      1 
_entity_poly.type                           'polypeptide(L)' 
_entity_poly.nstd_linkage                   no 
_entity_poly.nstd_monomer                   no 
_entity_poly.pdbx_seq_one_letter_code       
;GSPEEWLDILGNGLLRKKTLVPGPPGSSRPVKGQVVTVHLQTSLENGTRVQEEPELVFTLGDCDVIQALDLSVPLMDVGE
TAMVTADSKYCYGPQGRSPYIPPHAALCLEVTLKTAVD
;
_entity_poly.pdbx_seq_one_letter_code_can   
;GSPEEWLDILGNGLLRKKTLVPGPPGSSRPVKGQVVTVHLQTSLENGTRVQEEPELVFTLGDCDVIQALDLSVPLMDVGE
TAMVTADSKYCYGPQGRSPYIPPHAALCLEVTLKTAVD
;
_entity_poly.pdbx_strand_id                 A 
_entity_poly.pdbx_target_identifier         ? 
# 
loop_
_entity_poly_seq.entity_id 
_entity_poly_seq.num 
_entity_poly_seq.mon_id 
_entity_poly_seq.hetero 
1 1   GLY n 
1 2   SER n 
1 3   PRO n 
1 4   GLU n 
1 5   GLU n 
1 6   TRP n 
1 7   LEU n 
1 8   ASP n 
1 9   ILE n 
1 10  LEU n 
1 11  GLY n 
1 12  ASN n 
1 13  GLY n 
1 14  LEU n 
1 15  LEU n 
1 16  ARG n 
1 17  LYS n 
1 18  LYS n 
1 19  THR n 
1 20  LEU n 
1 21  VAL n 
1 22  PRO n 
1 23  GLY n 
1 24  PRO n 
1 25  PRO n 
1 26  GLY n 
1 27  SER n 
1 28  SER n 
1 29  ARG n 
1 30  PRO n 
1 31  VAL n 
1 32  LYS n 
1 33  GLY n 
1 34  GLN n 
1 35  VAL n 
1 36  VAL n 
1 37  THR n 
1 38  VAL n 
1 39  HIS n 
1 40  LEU n 
1 41  GLN n 
1 42  THR n 
1 43  SER n 
1 44  LEU n 
1 45  GLU n 
1 46  ASN n 
1 47  GLY n 
1 48  THR n 
1 49  ARG n 
1 50  VAL n 
1 51  GLN n 
1 52  GLU n 
1 53  GLU n 
1 54  PRO n 
1 55  GLU n 
1 56  LEU n 
1 57  VAL n 
1 58  PHE n 
1 59  THR n 
1 60  LEU n 
1 61  GLY n 
1 62  ASP n 
1 63  CYS n 
1 64  ASP n 
1 65  VAL n 
1 66  ILE n 
1 67  GLN n 
1 68  ALA n 
1 69  LEU n 
1 70  ASP n 
1 71  LEU n 
1 72  SER n 
1 73  VAL n 
1 74  PRO n 
1 75  LEU n 
1 76  MET n 
1 77  ASP n 
1 78  VAL n 
1 79  GLY n 
1 80  GLU n 
1 81  THR n 
1 82  ALA n 
1 83  MET n 
1 84  VAL n 
1 85  THR n 
1 86  ALA n 
1 87  ASP n 
1 88  SER n 
1 89  LYS n 
1 90  TYR n 
1 91  CYS n 
1 92  TYR n 
1 93  GLY n 
1 94  PRO n 
1 95  GLN n 
1 96  GLY n 
1 97  ARG n 
1 98  SER n 
1 99  PRO n 
1 100 TYR n 
1 101 ILE n 
1 102 PRO n 
1 103 PRO n 
1 104 HIS n 
1 105 ALA n 
1 106 ALA n 
1 107 LEU n 
1 108 CYS n 
1 109 LEU n 
1 110 GLU n 
1 111 VAL n 
1 112 THR n 
1 113 LEU n 
1 114 LYS n 
1 115 THR n 
1 116 ALA n 
1 117 VAL n 
1 118 ASP n 
# 
_entity_src_gen.entity_id                          1 
_entity_src_gen.pdbx_src_id                        1 
_entity_src_gen.pdbx_alt_source_flag               sample 
_entity_src_gen.pdbx_seq_type                      ? 
_entity_src_gen.pdbx_beg_seq_num                   ? 
_entity_src_gen.pdbx_end_seq_num                   ? 
_entity_src_gen.gene_src_common_name               human 
_entity_src_gen.gene_src_genus                     Homo 
_entity_src_gen.pdbx_gene_src_gene                 'FKBP8, FKBP38' 
_entity_src_gen.gene_src_species                   ? 
_entity_src_gen.gene_src_strain                    ? 
_entity_src_gen.gene_src_tissue                    ? 
_entity_src_gen.gene_src_tissue_fraction           ? 
_entity_src_gen.gene_src_details                   ? 
_entity_src_gen.pdbx_gene_src_fragment             ? 
_entity_src_gen.pdbx_gene_src_scientific_name      'Homo sapiens' 
_entity_src_gen.pdbx_gene_src_ncbi_taxonomy_id     9606 
_entity_src_gen.pdbx_gene_src_variant              ? 
_entity_src_gen.pdbx_gene_src_cell_line            ? 
_entity_src_gen.pdbx_gene_src_atcc                 ? 
_entity_src_gen.pdbx_gene_src_organ                ? 
_entity_src_gen.pdbx_gene_src_organelle            ? 
_entity_src_gen.pdbx_gene_src_cell                 ? 
_entity_src_gen.pdbx_gene_src_cellular_location    ? 
_entity_src_gen.host_org_common_name               ? 
_entity_src_gen.pdbx_host_org_scientific_name      'Escherichia coli BL21(DE3)' 
_entity_src_gen.pdbx_host_org_ncbi_taxonomy_id     469008 
_entity_src_gen.host_org_genus                     Escherichia 
_entity_src_gen.pdbx_host_org_gene                 ? 
_entity_src_gen.pdbx_host_org_organ                ? 
_entity_src_gen.host_org_species                   'Escherichia coli' 
_entity_src_gen.pdbx_host_org_tissue               ? 
_entity_src_gen.pdbx_host_org_tissue_fraction      ? 
_entity_src_gen.pdbx_host_org_strain               'BL21 (DE3)' 
_entity_src_gen.pdbx_host_org_variant              ? 
_entity_src_gen.pdbx_host_org_cell_line            ? 
_entity_src_gen.pdbx_host_org_atcc                 ? 
_entity_src_gen.pdbx_host_org_culture_collection   ? 
_entity_src_gen.pdbx_host_org_cell                 ? 
_entity_src_gen.pdbx_host_org_organelle            ? 
_entity_src_gen.pdbx_host_org_cellular_location    ? 
_entity_src_gen.pdbx_host_org_vector_type          PLASMID 
_entity_src_gen.pdbx_host_org_vector               ? 
_entity_src_gen.host_org_details                   ? 
_entity_src_gen.expression_system_id               ? 
_entity_src_gen.plasmid_name                       PET28-LIC 
_entity_src_gen.plasmid_details                    ? 
_entity_src_gen.pdbx_description                   ? 
# 
_struct_ref.id                         1 
_struct_ref.db_name                    UNP 
_struct_ref.db_code                    FKBP8_HUMAN 
_struct_ref.pdbx_db_accession          Q14318 
_struct_ref.entity_id                  1 
_struct_ref.pdbx_seq_one_letter_code   
;PEEWLDILGNGLLRKKTLVPGPPGSSRPVKGQVVTVHLQTSLENGTRVQEEPELVFTLGDCDVIQALDLSVPLMDVGETA
MVTADSKYCYGPQGRSPYIPPHAALCLEVTLKTAVD
;
_struct_ref.pdbx_align_begin           33 
_struct_ref.pdbx_db_isoform            ? 
# 
_struct_ref_seq.align_id                      1 
_struct_ref_seq.ref_id                        1 
_struct_ref_seq.pdbx_PDB_id_code              2AWG 
_struct_ref_seq.pdbx_strand_id                A 
_struct_ref_seq.seq_align_beg                 3 
_struct_ref_seq.pdbx_seq_align_beg_ins_code   ? 
_struct_ref_seq.seq_align_end                 118 
_struct_ref_seq.pdbx_seq_align_end_ins_code   ? 
_struct_ref_seq.pdbx_db_accession             Q14318 
_struct_ref_seq.db_align_beg                  33 
_struct_ref_seq.pdbx_db_align_beg_ins_code    ? 
_struct_ref_seq.db_align_end                  148 
_struct_ref_seq.pdbx_db_align_end_ins_code    ? 
_struct_ref_seq.pdbx_auth_seq_align_beg       90 
_struct_ref_seq.pdbx_auth_seq_align_end       205 
# 
loop_
_struct_ref_seq_dif.align_id 
_struct_ref_seq_dif.pdbx_pdb_id_code 
_struct_ref_seq_dif.mon_id 
_struct_ref_seq_dif.pdbx_pdb_strand_id 
_struct_ref_seq_dif.seq_num 
_struct_ref_seq_dif.pdbx_pdb_ins_code 
_struct_ref_seq_dif.pdbx_seq_db_name 
_struct_ref_seq_dif.pdbx_seq_db_accession_code 
_struct_ref_seq_dif.db_mon_id 
_struct_ref_seq_dif.pdbx_seq_db_seq_num 
_struct_ref_seq_dif.details 
_struct_ref_seq_dif.pdbx_auth_seq_num 
_struct_ref_seq_dif.pdbx_ordinal 
1 2AWG GLY A 1 ? UNP Q14318 ? ? 'cloning artifact' 88 1 
1 2AWG SER A 2 ? UNP Q14318 ? ? 'cloning artifact' 89 2 
# 
loop_
_chem_comp.id 
_chem_comp.type 
_chem_comp.mon_nstd_flag 
_chem_comp.name 
_chem_comp.pdbx_synonyms 
_chem_comp.formula 
_chem_comp.formula_weight 
ALA 'L-peptide linking' y ALANINE         ? 'C3 H7 N O2'     89.093  
ARG 'L-peptide linking' y ARGININE        ? 'C6 H15 N4 O2 1' 175.209 
ASN 'L-peptide linking' y ASPARAGINE      ? 'C4 H8 N2 O3'    132.118 
ASP 'L-peptide linking' y 'ASPARTIC ACID' ? 'C4 H7 N O4'     133.103 
CYS 'L-peptide linking' y CYSTEINE        ? 'C3 H7 N O2 S'   121.158 
GLN 'L-peptide linking' y GLUTAMINE       ? 'C5 H10 N2 O3'   146.144 
GLU 'L-peptide linking' y 'GLUTAMIC ACID' ? 'C5 H9 N O4'     147.129 
GLY 'peptide linking'   y GLYCINE         ? 'C2 H5 N O2'     75.067  
HIS 'L-peptide linking' y HISTIDINE       ? 'C6 H10 N3 O2 1' 156.162 
HOH non-polymer         . WATER           ? 'H2 O'           18.015  
ILE 'L-peptide linking' y ISOLEUCINE      ? 'C6 H13 N O2'    131.173 
LEU 'L-peptide linking' y LEUCINE         ? 'C6 H13 N O2'    131.173 
LYS 'L-peptide linking' y LYSINE          ? 'C6 H15 N2 O2 1' 147.195 
MET 'L-peptide linking' y METHIONINE      ? 'C5 H11 N O2 S'  149.211 
PHE 'L-peptide linking' y PHENYLALANINE   ? 'C9 H11 N O2'    165.189 
PRO 'L-peptide linking' y PROLINE         ? 'C5 H9 N O2'     115.130 
SER 'L-peptide linking' y SERINE          ? 'C3 H7 N O3'     105.093 
THR 'L-peptide linking' y THREONINE       ? 'C4 H9 N O3'     119.119 
TRP 'L-peptide linking' y TRYPTOPHAN      ? 'C11 H12 N2 O2'  204.225 
TYR 'L-peptide linking' y TYROSINE        ? 'C9 H11 N O3'    181.189 
VAL 'L-peptide linking' y VALINE          ? 'C5 H11 N O2'    117.146 
# 
_exptl.entry_id          2AWG 
_exptl.method            'X-RAY DIFFRACTION' 
_exptl.crystals_number   1 
# 
_exptl_crystal.id                    1 
_exptl_crystal.density_meas          ? 
_exptl_crystal.density_Matthews      2.08 
_exptl_crystal.density_percent_sol   40.54 
_exptl_crystal.description           ? 
_exptl_crystal.F_000                 ? 
_exptl_crystal.preparation           ? 
# 
_exptl_crystal_grow.crystal_id      1 
_exptl_crystal_grow.method          ? 
_exptl_crystal_grow.temp            298 
_exptl_crystal_grow.temp_details    ? 
_exptl_crystal_grow.pH              7.50 
_exptl_crystal_grow.pdbx_details    
'1.8M ammonium sulfate, 0.2M sodium acetate, 0.1M HEPES pH 7.5, VAPOR DIFFUSION, SITTING DROP, temperature 298K, pH 7.50' 
_exptl_crystal_grow.pdbx_pH_range   . 
# 
_diffrn.id                     1 
_diffrn.ambient_temp           100.0 
_diffrn.ambient_temp_details   ? 
_diffrn.crystal_id             1 
# 
_diffrn_detector.diffrn_id              1 
_diffrn_detector.detector               'IMAGE PLATE' 
_diffrn_detector.type                   'RIGAKU RAXIS IV++' 
_diffrn_detector.pdbx_collection_date   2005-08-04 
_diffrn_detector.details                ? 
# 
_diffrn_radiation.diffrn_id                        1 
_diffrn_radiation.wavelength_id                    1 
_diffrn_radiation.pdbx_monochromatic_or_laue_m_l   M 
_diffrn_radiation.monochromator                    ? 
_diffrn_radiation.pdbx_diffrn_protocol             'SINGLE WAVELENGTH' 
_diffrn_radiation.pdbx_scattering_type             x-ray 
# 
_diffrn_radiation_wavelength.id           1 
_diffrn_radiation_wavelength.wavelength   1.5418 
_diffrn_radiation_wavelength.wt           1.0 
# 
_diffrn_source.diffrn_id                   1 
_diffrn_source.source                      'ROTATING ANODE' 
_diffrn_source.type                        'RIGAKU FR-E' 
_diffrn_source.pdbx_synchrotron_site       ? 
_diffrn_source.pdbx_synchrotron_beamline   ? 
_diffrn_source.pdbx_wavelength             1.5418 
_diffrn_source.pdbx_wavelength_list        ? 
# 
_reflns.entry_id                     2AWG 
_reflns.observed_criterion_sigma_I   -3.000 
_reflns.observed_criterion_sigma_F   ? 
_reflns.d_resolution_low             30.890 
_reflns.d_resolution_high            1.600 
_reflns.number_obs                   12477 
_reflns.number_all                   ? 
_reflns.percent_possible_obs         94.0 
_reflns.pdbx_Rmerge_I_obs            0.049 
_reflns.pdbx_Rsym_value              ? 
_reflns.pdbx_netI_over_sigmaI        37.2000 
_reflns.B_iso_Wilson_estimate        ? 
_reflns.pdbx_redundancy              6.200 
_reflns.R_free_details               ? 
_reflns.limit_h_max                  ? 
_reflns.limit_h_min                  ? 
_reflns.limit_k_max                  ? 
_reflns.limit_k_min                  ? 
_reflns.limit_l_max                  ? 
_reflns.limit_l_min                  ? 
_reflns.observed_criterion_F_max     ? 
_reflns.observed_criterion_F_min     ? 
_reflns.pdbx_chi_squared             ? 
_reflns.pdbx_scaling_rejects         ? 
_reflns.pdbx_diffrn_id               1 
_reflns.pdbx_ordinal                 1 
# 
_reflns_shell.d_res_high             1.60 
_reflns_shell.d_res_low              1.66 
_reflns_shell.percent_possible_all   66.4 
_reflns_shell.Rmerge_I_obs           0.183 
_reflns_shell.pdbx_Rsym_value        ? 
_reflns_shell.meanI_over_sigI_obs    6.750 
_reflns_shell.pdbx_redundancy        3.20 
_reflns_shell.percent_possible_obs   ? 
_reflns_shell.number_unique_all      ? 
_reflns_shell.number_measured_all    ? 
_reflns_shell.number_measured_obs    ? 
_reflns_shell.number_unique_obs      ? 
_reflns_shell.pdbx_chi_squared       ? 
_reflns_shell.pdbx_diffrn_id         ? 
_reflns_shell.pdbx_ordinal           1 
# 
_refine.entry_id                                 2AWG 
_refine.ls_number_reflns_obs                     11871 
_refine.ls_number_reflns_all                     12477 
_refine.pdbx_ls_sigma_I                          ? 
_refine.pdbx_ls_sigma_F                          ? 
_refine.pdbx_data_cutoff_high_absF               ? 
_refine.pdbx_data_cutoff_low_absF                ? 
_refine.pdbx_data_cutoff_high_rms_absF           ? 
_refine.ls_d_res_low                             30.89 
_refine.ls_d_res_high                            1.60 
_refine.ls_percent_reflns_obs                    93.97 
_refine.ls_R_factor_obs                          0.16874 
_refine.ls_R_factor_all                          ? 
_refine.ls_R_factor_R_work                       0.16705 
_refine.ls_R_factor_R_free                       0.20224 
_refine.ls_R_factor_R_free_error                 ? 
_refine.ls_R_factor_R_free_error_details         ? 
_refine.ls_percent_reflns_R_free                 4.8 
_refine.ls_number_reflns_R_free                  605 
_refine.ls_number_parameters                     ? 
_refine.ls_number_restraints                     ? 
_refine.occupancy_min                            ? 
_refine.occupancy_max                            ? 
_refine.correlation_coeff_Fo_to_Fc               0.967 
_refine.correlation_coeff_Fo_to_Fc_free          0.946 
_refine.B_iso_mean                               24.740 
_refine.aniso_B[1][1]                            -0.23 
_refine.aniso_B[2][2]                            -0.42 
_refine.aniso_B[3][3]                            0.62 
_refine.aniso_B[1][2]                            0.00 
_refine.aniso_B[1][3]                            -0.35 
_refine.aniso_B[2][3]                            0.00 
_refine.solvent_model_details                    'BABINET MODEL WITH MASK' 
_refine.solvent_model_param_ksol                 ? 
_refine.solvent_model_param_bsol                 ? 
_refine.pdbx_solvent_vdw_probe_radii             1.20 
_refine.pdbx_solvent_ion_probe_radii             0.80 
_refine.pdbx_solvent_shrinkage_radii             0.80 
_refine.pdbx_ls_cross_valid_method               THROUGHOUT 
_refine.details                                  'HYDROGENS HAVE BEEN ADDED IN THE RIDING POSITIONS' 
_refine.pdbx_starting_model                      'PDB ENTRY 1Q1C' 
_refine.pdbx_method_to_determine_struct          'MOLECULAR REPLACEMENT' 
_refine.pdbx_isotropic_thermal_model             ? 
_refine.pdbx_stereochemistry_target_values       'MAXIMUM LIKELIHOOD' 
_refine.pdbx_stereochem_target_val_spec_case     ? 
_refine.pdbx_R_Free_selection_details            RANDOM 
_refine.pdbx_overall_ESU_R                       0.099 
_refine.pdbx_overall_ESU_R_Free                  0.098 
_refine.overall_SU_ML                            0.058 
_refine.overall_SU_B                             1.611 
_refine.ls_redundancy_reflns_obs                 ? 
_refine.B_iso_min                                ? 
_refine.B_iso_max                                ? 
_refine.overall_SU_R_Cruickshank_DPI             ? 
_refine.overall_SU_R_free                        ? 
_refine.ls_wR_factor_R_free                      ? 
_refine.ls_wR_factor_R_work                      ? 
_refine.overall_FOM_free_R_set                   ? 
_refine.overall_FOM_work_R_set                   ? 
_refine.pdbx_refine_id                           'X-RAY DIFFRACTION' 
_refine.pdbx_diffrn_id                           1 
_refine.pdbx_TLS_residual_ADP_flag               ? 
_refine.pdbx_overall_phase_error                 ? 
_refine.pdbx_overall_SU_R_free_Cruickshank_DPI   ? 
_refine.pdbx_overall_SU_R_Blow_DPI               ? 
_refine.pdbx_overall_SU_R_free_Blow_DPI          ? 
# 
_refine_hist.pdbx_refine_id                   'X-RAY DIFFRACTION' 
_refine_hist.cycle_id                         LAST 
_refine_hist.pdbx_number_atoms_protein        884 
_refine_hist.pdbx_number_atoms_nucleic_acid   0 
_refine_hist.pdbx_number_atoms_ligand         0 
_refine_hist.number_atoms_solvent             115 
_refine_hist.number_atoms_total               999 
_refine_hist.d_res_high                       1.60 
_refine_hist.d_res_low                        30.89 
# 
loop_
_refine_ls_restr.type 
_refine_ls_restr.dev_ideal 
_refine_ls_restr.dev_ideal_target 
_refine_ls_restr.weight 
_refine_ls_restr.number 
_refine_ls_restr.pdbx_refine_id 
_refine_ls_restr.pdbx_restraint_function 
r_bond_refined_d             0.010  0.022  ? 902  'X-RAY DIFFRACTION' ? 
r_bond_other_d               ?      ?      ? ?    'X-RAY DIFFRACTION' ? 
r_angle_refined_deg          1.355  2.009  ? 1233 'X-RAY DIFFRACTION' ? 
r_angle_other_deg            ?      ?      ? ?    'X-RAY DIFFRACTION' ? 
r_dihedral_angle_1_deg       6.306  5.000  ? 117  'X-RAY DIFFRACTION' ? 
r_dihedral_angle_2_deg       35.764 25.455 ? 33   'X-RAY DIFFRACTION' ? 
r_dihedral_angle_3_deg       12.310 15.000 ? 148  'X-RAY DIFFRACTION' ? 
r_dihedral_angle_4_deg       17.369 15.000 ? 4    'X-RAY DIFFRACTION' ? 
r_chiral_restr               0.093  0.200  ? 147  'X-RAY DIFFRACTION' ? 
r_gen_planes_refined         0.005  0.020  ? 673  'X-RAY DIFFRACTION' ? 
r_gen_planes_other           ?      ?      ? ?    'X-RAY DIFFRACTION' ? 
r_nbd_refined                0.202  0.200  ? 384  'X-RAY DIFFRACTION' ? 
r_nbd_other                  ?      ?      ? ?    'X-RAY DIFFRACTION' ? 
r_nbtor_refined              0.310  0.200  ? 609  'X-RAY DIFFRACTION' ? 
r_nbtor_other                ?      ?      ? ?    'X-RAY DIFFRACTION' ? 
r_xyhbond_nbd_refined        0.106  0.200  ? 89   'X-RAY DIFFRACTION' ? 
r_xyhbond_nbd_other          ?      ?      ? ?    'X-RAY DIFFRACTION' ? 
r_metal_ion_refined          ?      ?      ? ?    'X-RAY DIFFRACTION' ? 
r_metal_ion_other            ?      ?      ? ?    'X-RAY DIFFRACTION' ? 
r_symmetry_vdw_refined       0.225  0.200  ? 47   'X-RAY DIFFRACTION' ? 
r_symmetry_vdw_other         ?      ?      ? ?    'X-RAY DIFFRACTION' ? 
r_symmetry_hbond_refined     0.103  0.200  ? 26   'X-RAY DIFFRACTION' ? 
r_symmetry_hbond_other       ?      ?      ? ?    'X-RAY DIFFRACTION' ? 
r_symmetry_metal_ion_refined ?      ?      ? ?    'X-RAY DIFFRACTION' ? 
r_symmetry_metal_ion_other   ?      ?      ? ?    'X-RAY DIFFRACTION' ? 
r_mcbond_it                  1.445  3.000  ? 606  'X-RAY DIFFRACTION' ? 
r_mcbond_other               ?      ?      ? ?    'X-RAY DIFFRACTION' ? 
r_mcangle_it                 2.239  4.000  ? 960  'X-RAY DIFFRACTION' ? 
r_scbond_it                  3.150  5.000  ? 330  'X-RAY DIFFRACTION' ? 
r_scangle_it                 4.764  7.000  ? 273  'X-RAY DIFFRACTION' ? 
r_rigid_bond_restr           ?      ?      ? ?    'X-RAY DIFFRACTION' ? 
r_sphericity_free            ?      ?      ? ?    'X-RAY DIFFRACTION' ? 
r_sphericity_bonded          ?      ?      ? ?    'X-RAY DIFFRACTION' ? 
# 
_refine_ls_shell.pdbx_total_number_of_bins_used   20 
_refine_ls_shell.d_res_high                       1.601 
_refine_ls_shell.d_res_low                        1.642 
_refine_ls_shell.number_reflns_R_work             589 
_refine_ls_shell.R_factor_R_work                  0.22 
_refine_ls_shell.percent_reflns_obs               63.27 
_refine_ls_shell.R_factor_R_free                  0.253 
_refine_ls_shell.R_factor_R_free_error            ? 
_refine_ls_shell.percent_reflns_R_free            ? 
_refine_ls_shell.number_reflns_R_free             26 
_refine_ls_shell.redundancy_reflns_obs            ? 
_refine_ls_shell.number_reflns_all                ? 
_refine_ls_shell.number_reflns_obs                ? 
_refine_ls_shell.R_factor_all                     ? 
_refine_ls_shell.pdbx_refine_id                   'X-RAY DIFFRACTION' 
# 
_struct.entry_id                  2AWG 
_struct.title                     'Structure of the PPIase domain of the Human FK506-binding protein 8' 
_struct.pdbx_model_details        ? 
_struct.pdbx_CASP_flag            ? 
_struct.pdbx_model_type_details   ? 
# 
_struct_keywords.entry_id        2AWG 
_struct_keywords.pdbx_keywords   'SIGNALING PROTEIN INHIBITOR' 
_struct_keywords.text            
'FKBP-type, PPIase, Bcl-2 INHIBITOR, SHH SIGNALLING ANTAGONIST, Structural Genomics Consortium, SGC, SIGNALING PROTEIN INHIBITOR' 
# 
loop_
_struct_asym.id 
_struct_asym.pdbx_blank_PDB_chainid_flag 
_struct_asym.pdbx_modified 
_struct_asym.entity_id 
_struct_asym.details 
A N N 1 ? 
B N N 2 ? 
# 
loop_
_struct_conf.conf_type_id 
_struct_conf.id 
_struct_conf.pdbx_PDB_helix_id 
_struct_conf.beg_label_comp_id 
_struct_conf.beg_label_asym_id 
_struct_conf.beg_label_seq_id 
_struct_conf.pdbx_beg_PDB_ins_code 
_struct_conf.end_label_comp_id 
_struct_conf.end_label_asym_id 
_struct_conf.end_label_seq_id 
_struct_conf.pdbx_end_PDB_ins_code 
_struct_conf.beg_auth_comp_id 
_struct_conf.beg_auth_asym_id 
_struct_conf.beg_auth_seq_id 
_struct_conf.end_auth_comp_id 
_struct_conf.end_auth_asym_id 
_struct_conf.end_auth_seq_id 
_struct_conf.pdbx_PDB_helix_class 
_struct_conf.details 
_struct_conf.pdbx_PDB_helix_length 
HELX_P HELX_P1 1 ILE A 66 ? VAL A 73 ? ILE A 153 VAL A 160 1 ? 8 
HELX_P HELX_P2 2 PRO A 74 ? MET A 76 ? PRO A 161 MET A 163 5 ? 3 
HELX_P HELX_P3 3 SER A 88 ? CYS A 91 ? SER A 175 CYS A 178 5 ? 4 
# 
_struct_conf_type.id          HELX_P 
_struct_conf_type.criteria    ? 
_struct_conf_type.reference   ? 
# 
_struct_mon_prot_cis.pdbx_id                1 
_struct_mon_prot_cis.label_comp_id          SER 
_struct_mon_prot_cis.label_seq_id           98 
_struct_mon_prot_cis.label_asym_id          A 
_struct_mon_prot_cis.label_alt_id           . 
_struct_mon_prot_cis.pdbx_PDB_ins_code      ? 
_struct_mon_prot_cis.auth_comp_id           SER 
_struct_mon_prot_cis.auth_seq_id            185 
_struct_mon_prot_cis.auth_asym_id           A 
_struct_mon_prot_cis.pdbx_label_comp_id_2   PRO 
_struct_mon_prot_cis.pdbx_label_seq_id_2    99 
_struct_mon_prot_cis.pdbx_label_asym_id_2   A 
_struct_mon_prot_cis.pdbx_PDB_ins_code_2    ? 
_struct_mon_prot_cis.pdbx_auth_comp_id_2    PRO 
_struct_mon_prot_cis.pdbx_auth_seq_id_2     186 
_struct_mon_prot_cis.pdbx_auth_asym_id_2    A 
_struct_mon_prot_cis.pdbx_PDB_model_num     1 
_struct_mon_prot_cis.pdbx_omega_angle       -1.20 
# 
_struct_sheet.id               A 
_struct_sheet.type             ? 
_struct_sheet.number_strands   6 
_struct_sheet.details          ? 
# 
loop_
_struct_sheet_order.sheet_id 
_struct_sheet_order.range_id_1 
_struct_sheet_order.range_id_2 
_struct_sheet_order.offset 
_struct_sheet_order.sense 
A 1 2 ? anti-parallel 
A 2 3 ? anti-parallel 
A 3 4 ? anti-parallel 
A 4 5 ? anti-parallel 
A 5 6 ? anti-parallel 
# 
loop_
_struct_sheet_range.sheet_id 
_struct_sheet_range.id 
_struct_sheet_range.beg_label_comp_id 
_struct_sheet_range.beg_label_asym_id 
_struct_sheet_range.beg_label_seq_id 
_struct_sheet_range.pdbx_beg_PDB_ins_code 
_struct_sheet_range.end_label_comp_id 
_struct_sheet_range.end_label_asym_id 
_struct_sheet_range.end_label_seq_id 
_struct_sheet_range.pdbx_end_PDB_ins_code 
_struct_sheet_range.beg_auth_comp_id 
_struct_sheet_range.beg_auth_asym_id 
_struct_sheet_range.beg_auth_seq_id 
_struct_sheet_range.end_auth_comp_id 
_struct_sheet_range.end_auth_asym_id 
_struct_sheet_range.end_auth_seq_id 
A 1 TRP A 6   ? ASP A 8   ? TRP A 93  ASP A 95  
A 2 LEU A 15  ? VAL A 21  ? LEU A 102 VAL A 108 
A 3 THR A 81  ? ALA A 86  ? THR A 168 ALA A 173 
A 4 LEU A 107 ? VAL A 117 ? LEU A 194 VAL A 204 
A 5 VAL A 35  ? SER A 43  ? VAL A 122 SER A 130 
A 6 ARG A 49  ? THR A 59  ? ARG A 136 THR A 146 
# 
loop_
_pdbx_struct_sheet_hbond.sheet_id 
_pdbx_struct_sheet_hbond.range_id_1 
_pdbx_struct_sheet_hbond.range_id_2 
_pdbx_struct_sheet_hbond.range_1_label_atom_id 
_pdbx_struct_sheet_hbond.range_1_label_comp_id 
_pdbx_struct_sheet_hbond.range_1_label_asym_id 
_pdbx_struct_sheet_hbond.range_1_label_seq_id 
_pdbx_struct_sheet_hbond.range_1_PDB_ins_code 
_pdbx_struct_sheet_hbond.range_1_auth_atom_id 
_pdbx_struct_sheet_hbond.range_1_auth_comp_id 
_pdbx_struct_sheet_hbond.range_1_auth_asym_id 
_pdbx_struct_sheet_hbond.range_1_auth_seq_id 
_pdbx_struct_sheet_hbond.range_2_label_atom_id 
_pdbx_struct_sheet_hbond.range_2_label_comp_id 
_pdbx_struct_sheet_hbond.range_2_label_asym_id 
_pdbx_struct_sheet_hbond.range_2_label_seq_id 
_pdbx_struct_sheet_hbond.range_2_PDB_ins_code 
_pdbx_struct_sheet_hbond.range_2_auth_atom_id 
_pdbx_struct_sheet_hbond.range_2_auth_comp_id 
_pdbx_struct_sheet_hbond.range_2_auth_asym_id 
_pdbx_struct_sheet_hbond.range_2_auth_seq_id 
A 1 2 N LEU A 7   ? N LEU A 94  O LYS A 17  ? O LYS A 104 
A 2 3 N LEU A 20  ? N LEU A 107 O THR A 81  ? O THR A 168 
A 3 4 N VAL A 84  ? N VAL A 171 O LEU A 109 ? O LEU A 196 
A 4 5 O VAL A 117 ? O VAL A 204 N VAL A 35  ? N VAL A 122 
A 5 6 N LEU A 40  ? N LEU A 127 O GLU A 53  ? O GLU A 140 
# 
_atom_sites.entry_id                    2AWG 
_atom_sites.fract_transf_matrix[1][1]   0.01534229 
_atom_sites.fract_transf_matrix[1][2]   0.00610926 
_atom_sites.fract_transf_matrix[1][3]   -0.02785253 
_atom_sites.fract_transf_matrix[2][1]   -0.01444966 
_atom_sites.fract_transf_matrix[2][2]   0.01019862 
_atom_sites.fract_transf_matrix[2][3]   -0.00572245 
_atom_sites.fract_transf_matrix[3][1]   0.01416271 
_atom_sites.fract_transf_matrix[3][2]   0.02684364 
_atom_sites.fract_transf_matrix[3][3]   0.01207907 
_atom_sites.fract_transf_vector[1]      0.221489 
_atom_sites.fract_transf_vector[2]      0.251125 
_atom_sites.fract_transf_vector[3]      0.136972 
# 
loop_
_atom_type.symbol 
C 
N 
O 
S 
# 
loop_
_atom_site.group_PDB 
_atom_site.id 
_atom_site.type_symbol 
_atom_site.label_atom_id 
_atom_site.label_alt_id 
_atom_site.label_comp_id 
_atom_site.label_asym_id 
_atom_site.label_entity_id 
_atom_site.label_seq_id 
_atom_site.pdbx_PDB_ins_code 
_atom_site.Cartn_x 
_atom_site.Cartn_y 
_atom_site.Cartn_z 
_atom_site.occupancy 
_atom_site.B_iso_or_equiv 
_atom_site.pdbx_formal_charge 
_atom_site.auth_seq_id 
_atom_site.auth_comp_id 
_atom_site.auth_asym_id 
_atom_site.auth_atom_id 
_atom_site.pdbx_PDB_model_num 
ATOM   1   N N   . GLY A 1 1   ? -10.566 2.326   -9.188  1.00 27.10 ? 88  GLY A N   1 
ATOM   2   C CA  . GLY A 1 1   ? -11.890 3.023   -9.283  1.00 26.90 ? 88  GLY A CA  1 
ATOM   3   C C   . GLY A 1 1   ? -11.745 4.525   -9.402  1.00 26.05 ? 88  GLY A C   1 
ATOM   4   O O   . GLY A 1 1   ? -10.649 5.030   -9.600  1.00 26.59 ? 88  GLY A O   1 
ATOM   5   N N   . SER A 1 2   ? -12.860 5.239   -9.288  1.00 26.20 ? 89  SER A N   1 
ATOM   6   C CA  . SER A 1 2   ? -12.845 6.703   -9.260  1.00 25.26 ? 89  SER A CA  1 
ATOM   7   C C   . SER A 1 2   ? -12.372 7.153   -7.872  1.00 25.17 ? 89  SER A C   1 
ATOM   8   O O   . SER A 1 2   ? -12.707 6.503   -6.876  1.00 26.45 ? 89  SER A O   1 
ATOM   9   C CB  . SER A 1 2   ? -14.253 7.223   -9.538  1.00 26.38 ? 89  SER A CB  1 
ATOM   10  O OG  . SER A 1 2   ? -14.270 8.629   -9.569  1.00 25.64 ? 89  SER A OG  1 
ATOM   11  N N   . PRO A 1 3   ? -11.575 8.244   -7.794  1.00 25.95 ? 90  PRO A N   1 
ATOM   12  C CA  . PRO A 1 3   ? -10.984 8.705   -6.525  1.00 26.54 ? 90  PRO A CA  1 
ATOM   13  C C   . PRO A 1 3   ? -11.876 8.891   -5.291  1.00 28.30 ? 90  PRO A C   1 
ATOM   14  O O   . PRO A 1 3   ? -11.362 8.823   -4.176  1.00 28.40 ? 90  PRO A O   1 
ATOM   15  C CB  . PRO A 1 3   ? -10.320 10.032  -6.904  1.00 27.42 ? 90  PRO A CB  1 
ATOM   16  C CG  . PRO A 1 3   ? -9.953  9.860   -8.327  1.00 26.50 ? 90  PRO A CG  1 
ATOM   17  C CD  . PRO A 1 3   ? -11.102 9.067   -8.923  1.00 25.91 ? 90  PRO A CD  1 
ATOM   18  N N   . GLU A 1 4   ? -13.175 9.128   -5.452  1.00 27.30 ? 91  GLU A N   1 
ATOM   19  C CA  . GLU A 1 4   ? -14.023 9.343   -4.263  1.00 28.77 ? 91  GLU A CA  1 
ATOM   20  C C   . GLU A 1 4   ? -14.436 8.027   -3.583  1.00 29.81 ? 91  GLU A C   1 
ATOM   21  O O   . GLU A 1 4   ? -15.013 8.031   -2.483  1.00 30.91 ? 91  GLU A O   1 
ATOM   22  C CB  . GLU A 1 4   ? -15.259 10.188  -4.610  1.00 30.04 ? 91  GLU A CB  1 
ATOM   23  C CG  . GLU A 1 4   ? -16.389 9.408   -5.287  1.00 30.30 ? 91  GLU A CG  1 
ATOM   24  C CD  . GLU A 1 4   ? -16.144 9.104   -6.769  1.00 31.80 ? 91  GLU A CD  1 
ATOM   25  O OE1 . GLU A 1 4   ? -15.091 9.483   -7.317  1.00 31.29 ? 91  GLU A OE1 1 
ATOM   26  O OE2 . GLU A 1 4   ? -17.020 8.467   -7.390  1.00 34.16 ? 91  GLU A OE2 1 
ATOM   27  N N   . GLU A 1 5   ? -14.146 6.905   -4.237  1.00 27.92 ? 92  GLU A N   1 
ATOM   28  C CA  . GLU A 1 5   ? -14.558 5.603   -3.744  1.00 29.92 ? 92  GLU A CA  1 
ATOM   29  C C   . GLU A 1 5   ? -13.480 4.991   -2.866  1.00 29.47 ? 92  GLU A C   1 
ATOM   30  O O   . GLU A 1 5   ? -12.314 4.910   -3.264  1.00 30.02 ? 92  GLU A O   1 
ATOM   31  C CB  . GLU A 1 5   ? -14.835 4.661   -4.907  1.00 30.54 ? 92  GLU A CB  1 
ATOM   32  C CG  . GLU A 1 5   ? -15.960 5.116   -5.817  1.00 34.44 ? 92  GLU A CG  1 
ATOM   33  C CD  . GLU A 1 5   ? -16.153 4.177   -6.990  1.00 39.35 ? 92  GLU A CD  1 
ATOM   34  O OE1 . GLU A 1 5   ? -15.141 3.756   -7.604  1.00 38.51 ? 92  GLU A OE1 1 
ATOM   35  O OE2 . GLU A 1 5   ? -17.321 3.868   -7.292  1.00 41.69 ? 92  GLU A OE2 1 
ATOM   36  N N   . TRP A 1 6   ? -13.885 4.529   -1.689  1.00 26.68 ? 93  TRP A N   1 
ATOM   37  C CA  . TRP A 1 6   ? -12.977 3.847   -0.776  1.00 25.59 ? 93  TRP A CA  1 
ATOM   38  C C   . TRP A 1 6   ? -13.374 2.393   -0.637  1.00 26.49 ? 93  TRP A C   1 
ATOM   39  O O   . TRP A 1 6   ? -14.551 2.077   -0.413  1.00 28.27 ? 93  TRP A O   1 
ATOM   40  C CB  . TRP A 1 6   ? -13.018 4.503   0.594   1.00 25.63 ? 93  TRP A CB  1 
ATOM   41  C CG  . TRP A 1 6   ? -12.328 5.814   0.674   1.00 26.57 ? 93  TRP A CG  1 
ATOM   42  C CD1 . TRP A 1 6   ? -12.888 7.052   0.507   1.00 28.40 ? 93  TRP A CD1 1 
ATOM   43  C CD2 . TRP A 1 6   ? -10.949 6.033   0.994   1.00 25.16 ? 93  TRP A CD2 1 
ATOM   44  N NE1 . TRP A 1 6   ? -11.932 8.033   0.684   1.00 29.65 ? 93  TRP A NE1 1 
ATOM   45  C CE2 . TRP A 1 6   ? -10.734 7.435   0.989   1.00 27.45 ? 93  TRP A CE2 1 
ATOM   46  C CE3 . TRP A 1 6   ? -9.875  5.186   1.282   1.00 25.58 ? 93  TRP A CE3 1 
ATOM   47  C CZ2 . TRP A 1 6   ? -9.484  8.003   1.254   1.00 27.70 ? 93  TRP A CZ2 1 
ATOM   48  C CZ3 . TRP A 1 6   ? -8.631  5.750   1.549   1.00 26.61 ? 93  TRP A CZ3 1 
ATOM   49  C CH2 . TRP A 1 6   ? -8.445  7.149   1.534   1.00 27.36 ? 93  TRP A CH2 1 
ATOM   50  N N   . LEU A 1 7   ? -12.384 1.514   -0.754  1.00 23.52 ? 94  LEU A N   1 
ATOM   51  C CA  . LEU A 1 7   ? -12.573 0.091   -0.585  1.00 21.64 ? 94  LEU A CA  1 
ATOM   52  C C   . LEU A 1 7   ? -12.165 -0.317  0.832   1.00 21.73 ? 94  LEU A C   1 
ATOM   53  O O   . LEU A 1 7   ? -11.070 0.008   1.282   1.00 24.72 ? 94  LEU A O   1 
ATOM   54  C CB  . LEU A 1 7   ? -11.714 -0.675  -1.593  1.00 22.88 ? 94  LEU A CB  1 
ATOM   55  C CG  . LEU A 1 7   ? -11.772 -2.204  -1.539  1.00 27.37 ? 94  LEU A CG  1 
ATOM   56  C CD1 . LEU A 1 7   ? -13.178 -2.743  -1.811  1.00 29.51 ? 94  LEU A CD1 1 
ATOM   57  C CD2 . LEU A 1 7   ? -10.794 -2.763  -2.553  1.00 29.31 ? 94  LEU A CD2 1 
ATOM   58  N N   . ASP A 1 8   ? -13.046 -1.036  1.517   1.00 20.59 ? 95  ASP A N   1 
ATOM   59  C CA  . ASP A 1 8   ? -12.716 -1.592  2.830   1.00 19.53 ? 95  ASP A CA  1 
ATOM   60  C C   . ASP A 1 8   ? -12.144 -2.969  2.554   1.00 21.74 ? 95  ASP A C   1 
ATOM   61  O O   . ASP A 1 8   ? -12.865 -3.899  2.227   1.00 23.05 ? 95  ASP A O   1 
ATOM   62  C CB  . ASP A 1 8   ? -13.989 -1.656  3.674   1.00 20.48 ? 95  ASP A CB  1 
ATOM   63  C CG  . ASP A 1 8   ? -13.773 -2.250  5.050   1.00 23.35 ? 95  ASP A CG  1 
ATOM   64  O OD1 . ASP A 1 8   ? -12.694 -2.823  5.328   1.00 22.96 ? 95  ASP A OD1 1 
ATOM   65  O OD2 . ASP A 1 8   ? -14.732 -2.165  5.850   1.00 23.77 ? 95  ASP A OD2 1 
ATOM   66  N N   . ILE A 1 9   ? -10.823 -3.081  2.640   1.00 22.08 ? 96  ILE A N   1 
ATOM   67  C CA  . ILE A 1 9   ? -10.147 -4.299  2.185   1.00 23.34 ? 96  ILE A CA  1 
ATOM   68  C C   . ILE A 1 9   ? -10.533 -5.546  2.979   1.00 23.99 ? 96  ILE A C   1 
ATOM   69  O O   . ILE A 1 9   ? -10.782 -6.622  2.390   1.00 24.34 ? 96  ILE A O   1 
ATOM   70  C CB  . ILE A 1 9   ? -8.624  -4.094  2.197   1.00 24.41 ? 96  ILE A CB  1 
ATOM   71  C CG1 . ILE A 1 9   ? -8.242  -3.075  1.123   1.00 26.18 ? 96  ILE A CG1 1 
ATOM   72  C CG2 . ILE A 1 9   ? -7.884  -5.416  1.943   1.00 27.17 ? 96  ILE A CG2 1 
ATOM   73  C CD1 . ILE A 1 9   ? -6.787  -2.719  1.132   1.00 26.22 ? 96  ILE A CD1 1 
ATOM   74  N N   . LEU A 1 10  ? -10.586 -5.412  4.304   1.00 21.76 ? 97  LEU A N   1 
ATOM   75  C CA  . LEU A 1 10  ? -10.788 -6.581  5.167   1.00 21.46 ? 97  LEU A CA  1 
ATOM   76  C C   . LEU A 1 10  ? -12.206 -6.725  5.722   1.00 21.62 ? 97  LEU A C   1 
ATOM   77  O O   . LEU A 1 10  ? -12.539 -7.754  6.310   1.00 23.34 ? 97  LEU A O   1 
ATOM   78  C CB  . LEU A 1 10  ? -9.786  -6.576  6.325   1.00 22.10 ? 97  LEU A CB  1 
ATOM   79  C CG  . LEU A 1 10  ? -8.318  -6.577  5.903   1.00 24.18 ? 97  LEU A CG  1 
ATOM   80  C CD1 . LEU A 1 10  ? -7.440  -6.381  7.131   1.00 29.45 ? 97  LEU A CD1 1 
ATOM   81  C CD2 . LEU A 1 10  ? -7.953  -7.861  5.157   1.00 30.30 ? 97  LEU A CD2 1 
ATOM   82  N N   . GLY A 1 11  ? -13.026 -5.693  5.545   1.00 22.43 ? 98  GLY A N   1 
ATOM   83  C CA  . GLY A 1 11  ? -14.400 -5.721  6.016   1.00 22.79 ? 98  GLY A CA  1 
ATOM   84  C C   . GLY A 1 11  ? -14.569 -5.296  7.461   1.00 22.55 ? 98  GLY A C   1 
ATOM   85  O O   . GLY A 1 11  ? -15.676 -5.362  7.999   1.00 22.96 ? 98  GLY A O   1 
ATOM   86  N N   . ASN A 1 12  ? -13.477 -4.852  8.086   1.00 21.52 ? 99  ASN A N   1 
ATOM   87  C CA  . ASN A 1 12  ? -13.529 -4.322  9.446   1.00 19.45 ? 99  ASN A CA  1 
ATOM   88  C C   . ASN A 1 12  ? -13.334 -2.796  9.525   1.00 19.18 ? 99  ASN A C   1 
ATOM   89  O O   . ASN A 1 12  ? -13.240 -2.242  10.616  1.00 19.84 ? 99  ASN A O   1 
ATOM   90  C CB  . ASN A 1 12  ? -12.511 -5.044  10.327  1.00 19.14 ? 99  ASN A CB  1 
ATOM   91  C CG  . ASN A 1 12  ? -11.071 -4.714  9.953   1.00 19.86 ? 99  ASN A CG  1 
ATOM   92  O OD1 . ASN A 1 12  ? -10.810 -4.054  8.940   1.00 19.75 ? 99  ASN A OD1 1 
ATOM   93  N ND2 . ASN A 1 12  ? -10.125 -5.201  10.753  1.00 21.01 ? 99  ASN A ND2 1 
ATOM   94  N N   . GLY A 1 13  ? -13.252 -2.138  8.363   1.00 17.54 ? 100 GLY A N   1 
ATOM   95  C CA  . GLY A 1 13  ? -13.102 -0.689  8.282   1.00 20.67 ? 100 GLY A CA  1 
ATOM   96  C C   . GLY A 1 13  ? -11.717 -0.133  8.606   1.00 20.49 ? 100 GLY A C   1 
ATOM   97  O O   . GLY A 1 13  ? -11.523 1.090   8.614   1.00 22.54 ? 100 GLY A O   1 
ATOM   98  N N   . LEU A 1 14  ? -10.750 -1.007  8.854   1.00 18.87 ? 101 LEU A N   1 
ATOM   99  C CA  . LEU A 1 14  ? -9.443  -0.544  9.374   1.00 19.84 ? 101 LEU A CA  1 
ATOM   100 C C   . LEU A 1 14  ? -8.329  -0.402  8.329   1.00 18.67 ? 101 LEU A C   1 
ATOM   101 O O   . LEU A 1 14  ? -7.280  0.188   8.624   1.00 19.99 ? 101 LEU A O   1 
ATOM   102 C CB  . LEU A 1 14  ? -8.972  -1.423  10.547  1.00 19.60 ? 101 LEU A CB  1 
ATOM   103 C CG  . LEU A 1 14  ? -9.888  -1.384  11.770  1.00 19.93 ? 101 LEU A CG  1 
ATOM   104 C CD1 . LEU A 1 14  ? -9.381  -2.314  12.853  1.00 25.60 ? 101 LEU A CD1 1 
ATOM   105 C CD2 . LEU A 1 14  ? -10.046 0.036   12.312  1.00 22.85 ? 101 LEU A CD2 1 
ATOM   106 N N   . LEU A 1 15  ? -8.557  -0.923  7.125   1.00 17.82 ? 102 LEU A N   1 
ATOM   107 C CA  . LEU A 1 15  ? -7.589  -0.856  6.054   1.00 21.09 ? 102 LEU A CA  1 
ATOM   108 C C   . LEU A 1 15  ? -8.377  -0.449  4.822   1.00 20.51 ? 102 LEU A C   1 
ATOM   109 O O   . LEU A 1 15  ? -9.164  -1.241  4.297   1.00 20.53 ? 102 LEU A O   1 
ATOM   110 C CB  . LEU A 1 15  ? -6.928  -2.224  5.845   1.00 21.46 ? 102 LEU A CB  1 
ATOM   111 C CG  . LEU A 1 15  ? -5.826  -2.281  4.784   1.00 21.52 ? 102 LEU A CG  1 
ATOM   112 C CD1 . LEU A 1 15  ? -4.672  -1.362  5.140   1.00 21.71 ? 102 LEU A CD1 1 
ATOM   113 C CD2 . LEU A 1 15  ? -5.329  -3.728  4.562   1.00 24.05 ? 102 LEU A CD2 1 
ATOM   114 N N   . ARG A 1 16  ? -8.187  0.792   4.379   1.00 19.29 ? 103 ARG A N   1 
ATOM   115 C CA  . ARG A 1 16  ? -9.006  1.325   3.285   1.00 18.51 ? 103 ARG A CA  1 
ATOM   116 C C   . ARG A 1 16  ? -8.153  1.824   2.141   1.00 19.36 ? 103 ARG A C   1 
ATOM   117 O O   . ARG A 1 16  ? -7.072  2.345   2.355   1.00 20.16 ? 103 ARG A O   1 
ATOM   118 C CB  . ARG A 1 16  ? -9.884  2.474   3.784   1.00 20.38 ? 103 ARG A CB  1 
ATOM   119 C CG  . ARG A 1 16  ? -10.625 2.164   5.080   1.00 24.40 ? 103 ARG A CG  1 
ATOM   120 C CD  . ARG A 1 16  ? -12.054 2.496   4.933   1.00 30.00 ? 103 ARG A CD  1 
ATOM   121 N NE  . ARG A 1 16  ? -12.762 2.423   6.199   1.00 28.87 ? 103 ARG A NE  1 
ATOM   122 C CZ  . ARG A 1 16  ? -14.076 2.260   6.276   1.00 26.49 ? 103 ARG A CZ  1 
ATOM   123 N NH1 . ARG A 1 16  ? -14.774 2.119   5.162   1.00 24.33 ? 103 ARG A NH1 1 
ATOM   124 N NH2 . ARG A 1 16  ? -14.676 2.205   7.461   1.00 29.58 ? 103 ARG A NH2 1 
ATOM   125 N N   . LYS A 1 17  ? -8.672  1.702   0.926   1.00 17.87 ? 104 LYS A N   1 
ATOM   126 C CA  . LYS A 1 17  ? -7.891  2.021   -0.249  1.00 18.41 ? 104 LYS A CA  1 
ATOM   127 C C   . LYS A 1 17  ? -8.742  2.828   -1.211  1.00 20.26 ? 104 LYS A C   1 
ATOM   128 O O   . LYS A 1 17  ? -9.905  2.494   -1.453  1.00 21.31 ? 104 LYS A O   1 
ATOM   129 C CB  . LYS A 1 17  ? -7.427  0.707   -0.912  1.00 19.80 ? 104 LYS A CB  1 
ATOM   130 C CG  . LYS A 1 17  ? -6.757  0.860   -2.252  1.00 21.01 ? 104 LYS A CG  1 
ATOM   131 C CD  . LYS A 1 17  ? -7.745  0.548   -3.383  1.00 23.57 ? 104 LYS A CD  1 
ATOM   132 C CE  . LYS A 1 17  ? -7.009  0.560   -4.704  1.00 23.72 ? 104 LYS A CE  1 
ATOM   133 N NZ  . LYS A 1 17  ? -7.927  0.431   -5.865  1.00 22.51 ? 104 LYS A NZ  1 
ATOM   134 N N   . LYS A 1 18  ? -8.162  3.886   -1.760  1.00 19.40 ? 105 LYS A N   1 
ATOM   135 C CA  . LYS A 1 18  ? -8.787  4.583   -2.875  1.00 20.79 ? 105 LYS A CA  1 
ATOM   136 C C   . LYS A 1 18  ? -7.822  4.754   -4.032  1.00 21.60 ? 105 LYS A C   1 
ATOM   137 O O   . LYS A 1 18  ? -6.607  4.732   -3.867  1.00 22.06 ? 105 LYS A O   1 
ATOM   138 C CB  . LYS A 1 18  ? -9.309  5.954   -2.440  1.00 22.13 ? 105 LYS A CB  1 
ATOM   139 C CG  . LYS A 1 18  ? -8.236  6.914   -2.041  1.00 22.81 ? 105 LYS A CG  1 
ATOM   140 C CD  . LYS A 1 18  ? -8.770  8.352   -1.950  1.00 30.73 ? 105 LYS A CD  1 
ATOM   141 C CE  . LYS A 1 18  ? -8.453  9.157   -3.187  1.00 35.33 ? 105 LYS A CE  1 
ATOM   142 N NZ  . LYS A 1 18  ? -8.897  10.575  -2.996  1.00 39.97 ? 105 LYS A NZ  1 
ATOM   143 N N   . THR A 1 19  ? -8.367  4.929   -5.223  1.00 20.34 ? 106 THR A N   1 
ATOM   144 C CA  . THR A 1 19  ? -7.526  5.158   -6.370  1.00 19.64 ? 106 THR A CA  1 
ATOM   145 C C   . THR A 1 19  ? -7.237  6.652   -6.468  1.00 20.57 ? 106 THR A C   1 
ATOM   146 O O   . THR A 1 19  ? -8.171  7.451   -6.449  1.00 22.56 ? 106 THR A O   1 
ATOM   147 C CB  . THR A 1 19  ? -8.261  4.698   -7.635  1.00 20.08 ? 106 THR A CB  1 
ATOM   148 O OG1 . THR A 1 19  ? -8.462  3.283   -7.569  1.00 20.71 ? 106 THR A OG1 1 
ATOM   149 C CG2 . THR A 1 19  ? -7.493  5.069   -8.902  1.00 22.33 ? 106 THR A CG2 1 
ATOM   150 N N   . LEU A 1 20  ? -5.969  7.025   -6.629  1.00 19.95 ? 107 LEU A N   1 
ATOM   151 C CA  . LEU A 1 20  ? -5.611  8.421   -6.946  1.00 21.26 ? 107 LEU A CA  1 
ATOM   152 C C   . LEU A 1 20  ? -5.526  8.604   -8.456  1.00 22.64 ? 107 LEU A C   1 
ATOM   153 O O   . LEU A 1 20  ? -6.068  9.574   -9.003  1.00 22.80 ? 107 LEU A O   1 
ATOM   154 C CB  . LEU A 1 20  ? -4.298  8.854   -6.268  1.00 21.89 ? 107 LEU A CB  1 
ATOM   155 C CG  . LEU A 1 20  ? -4.285  8.947   -4.733  1.00 21.98 ? 107 LEU A CG  1 
ATOM   156 C CD1 . LEU A 1 20  ? -2.855  9.070   -4.198  1.00 21.91 ? 107 LEU A CD1 1 
ATOM   157 C CD2 . LEU A 1 20  ? -5.133  10.121  -4.264  1.00 27.63 ? 107 LEU A CD2 1 
ATOM   158 N N   . VAL A 1 21  ? -4.853  7.659   -9.123  1.00 21.38 ? 108 VAL A N   1 
ATOM   159 C CA  . VAL A 1 21  ? -4.642  7.693   -10.572 1.00 19.91 ? 108 VAL A CA  1 
ATOM   160 C C   . VAL A 1 21  ? -4.955  6.288   -11.081 1.00 20.47 ? 108 VAL A C   1 
ATOM   161 O O   . VAL A 1 21  ? -4.241  5.345   -10.733 1.00 20.23 ? 108 VAL A O   1 
ATOM   162 C CB  . VAL A 1 21  ? -3.161  7.997   -10.919 1.00 21.32 ? 108 VAL A CB  1 
ATOM   163 C CG1 . VAL A 1 21  ? -2.939  7.964   -12.452 1.00 21.73 ? 108 VAL A CG1 1 
ATOM   164 C CG2 . VAL A 1 21  ? -2.735  9.342   -10.325 1.00 24.70 ? 108 VAL A CG2 1 
ATOM   165 N N   . PRO A 1 22  ? -6.022  6.120   -11.892 1.00 19.53 ? 109 PRO A N   1 
ATOM   166 C CA  . PRO A 1 22  ? -6.300  4.750   -12.349 1.00 19.16 ? 109 PRO A CA  1 
ATOM   167 C C   . PRO A 1 22  ? -5.222  4.193   -13.278 1.00 18.28 ? 109 PRO A C   1 
ATOM   168 O O   . PRO A 1 22  ? -4.523  4.952   -13.953 1.00 18.61 ? 109 PRO A O   1 
ATOM   169 C CB  . PRO A 1 22  ? -7.633  4.880   -13.117 1.00 20.21 ? 109 PRO A CB  1 
ATOM   170 C CG  . PRO A 1 22  ? -7.752  6.298   -13.428 1.00 22.50 ? 109 PRO A CG  1 
ATOM   171 C CD  . PRO A 1 22  ? -7.011  7.087   -12.400 1.00 20.69 ? 109 PRO A CD  1 
ATOM   172 N N   . GLY A 1 23  ? -5.093  2.867   -13.303 1.00 18.18 ? 110 GLY A N   1 
ATOM   173 C CA  . GLY A 1 23  ? -4.308  2.213   -14.343 1.00 19.34 ? 110 GLY A CA  1 
ATOM   174 C C   . GLY A 1 23  ? -5.061  2.393   -15.659 1.00 20.79 ? 110 GLY A C   1 
ATOM   175 O O   . GLY A 1 23  ? -6.270  2.655   -15.633 1.00 20.04 ? 110 GLY A O   1 
ATOM   176 N N   . PRO A 1 24  ? -4.365  2.273   -16.806 1.00 19.32 ? 111 PRO A N   1 
ATOM   177 C CA  . PRO A 1 24  ? -5.064  2.368   -18.109 1.00 19.60 ? 111 PRO A CA  1 
ATOM   178 C C   . PRO A 1 24  ? -6.206  1.348   -18.195 1.00 20.50 ? 111 PRO A C   1 
ATOM   179 O O   . PRO A 1 24  ? -6.151  0.305   -17.528 1.00 20.07 ? 111 PRO A O   1 
ATOM   180 C CB  . PRO A 1 24  ? -3.960  2.033   -19.124 1.00 20.20 ? 111 PRO A CB  1 
ATOM   181 C CG  . PRO A 1 24  ? -2.711  2.456   -18.433 1.00 22.65 ? 111 PRO A CG  1 
ATOM   182 C CD  . PRO A 1 24  ? -2.918  2.070   -16.988 1.00 20.63 ? 111 PRO A CD  1 
ATOM   183 N N   . PRO A 1 25  ? -7.248  1.649   -18.995 1.00 23.24 ? 112 PRO A N   1 
ATOM   184 C CA  . PRO A 1 25  ? -8.429  0.783   -19.127 1.00 25.42 ? 112 PRO A CA  1 
ATOM   185 C C   . PRO A 1 25  ? -8.178  -0.726  -19.200 1.00 28.98 ? 112 PRO A C   1 
ATOM   186 O O   . PRO A 1 25  ? -8.873  -1.491  -18.524 1.00 31.94 ? 112 PRO A O   1 
ATOM   187 C CB  . PRO A 1 25  ? -9.084  1.299   -20.419 1.00 27.00 ? 112 PRO A CB  1 
ATOM   188 C CG  . PRO A 1 25  ? -8.831  2.773   -20.344 1.00 24.91 ? 112 PRO A CG  1 
ATOM   189 C CD  . PRO A 1 25  ? -7.400  2.882   -19.799 1.00 22.48 ? 112 PRO A CD  1 
ATOM   190 N N   . GLY A 1 26  ? -7.222  -1.167  -20.002 1.00 28.41 ? 113 GLY A N   1 
ATOM   191 C CA  . GLY A 1 26  ? -7.031  -2.627  -20.149 1.00 28.26 ? 113 GLY A CA  1 
ATOM   192 C C   . GLY A 1 26  ? -6.204  -3.300  -19.051 1.00 28.40 ? 113 GLY A C   1 
ATOM   193 O O   . GLY A 1 26  ? -5.952  -4.503  -19.104 1.00 28.09 ? 113 GLY A O   1 
ATOM   194 N N   . SER A 1 27  ? -5.770  -2.536  -18.052 1.00 25.99 ? 114 SER A N   1 
ATOM   195 C CA  . SER A 1 27  ? -4.822  -3.091  -17.074 1.00 25.63 ? 114 SER A CA  1 
ATOM   196 C C   . SER A 1 27  ? -5.508  -4.043  -16.099 1.00 26.12 ? 114 SER A C   1 
ATOM   197 O O   . SER A 1 27  ? -6.740  -4.023  -15.961 1.00 28.44 ? 114 SER A O   1 
ATOM   198 C CB  . SER A 1 27  ? -4.098  -1.972  -16.330 1.00 26.40 ? 114 SER A CB  1 
ATOM   199 O OG  . SER A 1 27  ? -2.933  -2.485  -15.706 1.00 32.05 ? 114 SER A OG  1 
ATOM   200 N N   . SER A 1 28  ? -4.715  -4.882  -15.426 1.00 24.60 ? 115 SER A N   1 
ATOM   201 C CA  . SER A 1 28  ? -5.281  -5.863  -14.512 1.00 24.82 ? 115 SER A CA  1 
ATOM   202 C C   . SER A 1 28  ? -4.554  -5.859  -13.168 1.00 21.39 ? 115 SER A C   1 
ATOM   203 O O   . SER A 1 28  ? -3.486  -5.265  -13.033 1.00 21.21 ? 115 SER A O   1 
ATOM   204 C CB  . SER A 1 28  ? -5.165  -7.259  -15.121 1.00 27.67 ? 115 SER A CB  1 
ATOM   205 O OG  . SER A 1 28  ? -3.795  -7.585  -15.308 1.00 34.19 ? 115 SER A OG  1 
ATOM   206 N N   . ARG A 1 29  ? -5.147  -6.555  -12.209 1.00 22.00 ? 116 ARG A N   1 
ATOM   207 C CA  . ARG A 1 29  ? -4.590  -6.705  -10.867 1.00 21.07 ? 116 ARG A CA  1 
ATOM   208 C C   . ARG A 1 29  ? -3.467  -7.743  -10.875 1.00 20.95 ? 116 ARG A C   1 
ATOM   209 O O   . ARG A 1 29  ? -3.500  -8.696  -11.668 1.00 21.12 ? 116 ARG A O   1 
ATOM   210 C CB  . ARG A 1 29  ? -5.666  -7.167  -9.883  1.00 23.99 ? 116 ARG A CB  1 
ATOM   211 C CG  . ARG A 1 29  ? -6.811  -6.191  -9.631  1.00 22.86 ? 116 ARG A CG  1 
ATOM   212 C CD  . ARG A 1 29  ? -7.906  -6.883  -8.795  1.00 25.83 ? 116 ARG A CD  1 
ATOM   213 N NE  . ARG A 1 29  ? -8.903  -5.941  -8.297  1.00 29.49 ? 116 ARG A NE  1 
ATOM   214 C CZ  . ARG A 1 29  ? -10.060 -6.284  -7.729  1.00 36.58 ? 116 ARG A CZ  1 
ATOM   215 N NH1 . ARG A 1 29  ? -10.393 -7.562  -7.569  1.00 34.35 ? 116 ARG A NH1 1 
ATOM   216 N NH2 . ARG A 1 29  ? -10.893 -5.333  -7.318  1.00 37.17 ? 116 ARG A NH2 1 
ATOM   217 N N   . PRO A 1 30  ? -2.487  -7.594  -9.967  1.00 18.16 ? 117 PRO A N   1 
ATOM   218 C CA  . PRO A 1 30  ? -1.408  -8.583  -9.875  1.00 19.22 ? 117 PRO A CA  1 
ATOM   219 C C   . PRO A 1 30  ? -1.923  -9.827  -9.184  1.00 18.83 ? 117 PRO A C   1 
ATOM   220 O O   . PRO A 1 30  ? -3.003  -9.810  -8.602  1.00 19.69 ? 117 PRO A O   1 
ATOM   221 C CB  . PRO A 1 30  ? -0.368  -7.878  -9.007  1.00 18.00 ? 117 PRO A CB  1 
ATOM   222 C CG  . PRO A 1 30  ? -1.215  -6.987  -8.085  1.00 18.35 ? 117 PRO A CG  1 
ATOM   223 C CD  . PRO A 1 30  ? -2.348  -6.507  -8.977  1.00 19.13 ? 117 PRO A CD  1 
ATOM   224 N N   . VAL A 1 31  ? -1.149  -10.895 -9.258  1.00 17.75 ? 118 VAL A N   1 
ATOM   225 C CA  . VAL A 1 31  ? -1.484  -12.153 -8.602  1.00 18.72 ? 118 VAL A CA  1 
ATOM   226 C C   . VAL A 1 31  ? -0.490  -12.393 -7.463  1.00 16.73 ? 118 VAL A C   1 
ATOM   227 O O   . VAL A 1 31  ? 0.726   -12.192 -7.641  1.00 18.67 ? 118 VAL A O   1 
ATOM   228 C CB  . VAL A 1 31  ? -1.390  -13.298 -9.644  1.00 16.49 ? 118 VAL A CB  1 
ATOM   229 C CG1 . VAL A 1 31  ? -1.743  -14.675 -9.033  1.00 19.48 ? 118 VAL A CG1 1 
ATOM   230 C CG2 . VAL A 1 31  ? -2.273  -12.997 -10.837 1.00 20.57 ? 118 VAL A CG2 1 
ATOM   231 N N   . LYS A 1 32  ? -0.981  -12.871 -6.314  1.00 18.92 ? 119 LYS A N   1 
ATOM   232 C CA  . LYS A 1 32  ? -0.069  -13.230 -5.228  1.00 19.60 ? 119 LYS A CA  1 
ATOM   233 C C   . LYS A 1 32  ? 0.956   -14.213 -5.778  1.00 19.76 ? 119 LYS A C   1 
ATOM   234 O O   . LYS A 1 32  ? 0.626   -15.093 -6.575  1.00 19.51 ? 119 LYS A O   1 
ATOM   235 C CB  . LYS A 1 32  ? -0.797  -13.801 -4.007  1.00 22.18 ? 119 LYS A CB  1 
ATOM   236 C CG  . LYS A 1 32  ? -1.684  -12.795 -3.315  1.00 23.10 ? 119 LYS A CG  1 
ATOM   237 C CD  . LYS A 1 32  ? -2.046  -13.245 -1.895  1.00 29.81 ? 119 LYS A CD  1 
ATOM   238 C CE  . LYS A 1 32  ? -2.526  -12.066 -1.080  1.00 36.21 ? 119 LYS A CE  1 
ATOM   239 N NZ  . LYS A 1 32  ? -2.572  -12.383 0.380   1.00 37.52 ? 119 LYS A NZ  1 
ATOM   240 N N   . GLY A 1 33  ? 2.210   -14.036 -5.372  1.00 18.57 ? 120 GLY A N   1 
ATOM   241 C CA  . GLY A 1 33  ? 3.304   -14.851 -5.898  1.00 18.42 ? 120 GLY A CA  1 
ATOM   242 C C   . GLY A 1 33  ? 4.081   -14.187 -7.018  1.00 17.90 ? 120 GLY A C   1 
ATOM   243 O O   . GLY A 1 33  ? 5.239   -14.575 -7.308  1.00 20.55 ? 120 GLY A O   1 
ATOM   244 N N   . GLN A 1 34  ? 3.464   -13.212 -7.696  1.00 17.58 ? 121 GLN A N   1 
ATOM   245 C CA  . GLN A 1 34  ? 4.206   -12.431 -8.673  1.00 17.18 ? 121 GLN A CA  1 
ATOM   246 C C   . GLN A 1 34  ? 5.177   -11.472 -7.987  1.00 17.11 ? 121 GLN A C   1 
ATOM   247 O O   . GLN A 1 34  ? 4.969   -11.084 -6.838  1.00 18.57 ? 121 GLN A O   1 
ATOM   248 C CB  . GLN A 1 34  ? 3.252   -11.648 -9.570  1.00 18.39 ? 121 GLN A CB  1 
ATOM   249 C CG  . GLN A 1 34  ? 2.477   -12.520 -10.530 1.00 18.98 ? 121 GLN A CG  1 
ATOM   250 C CD  . GLN A 1 34  ? 1.695   -11.717 -11.550 1.00 22.80 ? 121 GLN A CD  1 
ATOM   251 O OE1 . GLN A 1 34  ? 0.930   -10.833 -11.199 1.00 23.35 ? 121 GLN A OE1 1 
ATOM   252 N NE2 . GLN A 1 34  ? 1.888   -12.031 -12.832 1.00 28.15 ? 121 GLN A NE2 1 
ATOM   253 N N   . VAL A 1 35  ? 6.226   -11.092 -8.704  1.00 17.62 ? 122 VAL A N   1 
ATOM   254 C CA  . VAL A 1 35  ? 7.161   -10.103 -8.176  1.00 16.96 ? 122 VAL A CA  1 
ATOM   255 C C   . VAL A 1 35  ? 6.631   -8.762  -8.667  1.00 19.41 ? 122 VAL A C   1 
ATOM   256 O O   . VAL A 1 35  ? 6.504   -8.529  -9.897  1.00 18.56 ? 122 VAL A O   1 
ATOM   257 C CB  . VAL A 1 35  ? 8.576   -10.331 -8.713  1.00 17.09 ? 122 VAL A CB  1 
ATOM   258 C CG1 . VAL A 1 35  ? 9.501   -9.244  -8.192  1.00 18.12 ? 122 VAL A CG1 1 
ATOM   259 C CG2 . VAL A 1 35  ? 9.072   -11.719 -8.296  1.00 17.76 ? 122 VAL A CG2 1 
ATOM   260 N N   . VAL A 1 36  ? 6.315   -7.896  -7.713  1.00 17.34 ? 123 VAL A N   1 
ATOM   261 C CA  . VAL A 1 36  ? 5.787   -6.574  -8.037  1.00 17.00 ? 123 VAL A CA  1 
ATOM   262 C C   . VAL A 1 36  ? 6.802   -5.489  -7.717  1.00 17.61 ? 123 VAL A C   1 
ATOM   263 O O   . VAL A 1 36  ? 7.652   -5.648  -6.841  1.00 17.57 ? 123 VAL A O   1 
ATOM   264 C CB  . VAL A 1 36  ? 4.460   -6.285  -7.280  1.00 17.18 ? 123 VAL A CB  1 
ATOM   265 C CG1 . VAL A 1 36  ? 3.414   -7.293  -7.672  1.00 18.67 ? 123 VAL A CG1 1 
ATOM   266 C CG2 . VAL A 1 36  ? 4.681   -6.309  -5.763  1.00 17.87 ? 123 VAL A CG2 1 
ATOM   267 N N   . THR A 1 37  ? 6.689   -4.376  -8.437  1.00 16.24 ? 124 THR A N   1 
ATOM   268 C CA  . THR A 1 37  ? 7.520   -3.220  -8.186  1.00 15.98 ? 124 THR A CA  1 
ATOM   269 C C   . THR A 1 37  ? 6.593   -2.056  -7.924  1.00 16.54 ? 124 THR A C   1 
ATOM   270 O O   . THR A 1 37  ? 5.664   -1.794  -8.718  1.00 18.52 ? 124 THR A O   1 
ATOM   271 C CB  . THR A 1 37  ? 8.430   -2.869  -9.385  1.00 17.11 ? 124 THR A CB  1 
ATOM   272 O OG1 . THR A 1 37  ? 9.267   -3.997  -9.705  1.00 19.53 ? 124 THR A OG1 1 
ATOM   273 C CG2 . THR A 1 37  ? 9.332   -1.665  -9.051  1.00 19.86 ? 124 THR A CG2 1 
ATOM   274 N N   . VAL A 1 38  ? 6.845   -1.372  -6.816  1.00 17.25 ? 125 VAL A N   1 
ATOM   275 C CA  . VAL A 1 38  ? 6.051   -0.206  -6.471  1.00 16.16 ? 125 VAL A CA  1 
ATOM   276 C C   . VAL A 1 38  ? 6.927   0.977   -6.099  1.00 17.01 ? 125 VAL A C   1 
ATOM   277 O O   . VAL A 1 38  ? 8.071   0.806   -5.669  1.00 19.15 ? 125 VAL A O   1 
ATOM   278 C CB  . VAL A 1 38  ? 5.075   -0.496  -5.289  1.00 18.21 ? 125 VAL A CB  1 
ATOM   279 C CG1 . VAL A 1 38  ? 4.215   -1.751  -5.574  1.00 17.61 ? 125 VAL A CG1 1 
ATOM   280 C CG2 . VAL A 1 38  ? 5.822   -0.629  -3.960  1.00 18.27 ? 125 VAL A CG2 1 
ATOM   281 N N   . HIS A 1 39  ? 6.357   2.168   -6.264  1.00 17.17 ? 126 HIS A N   1 
ATOM   282 C CA  . HIS A 1 39  ? 6.865   3.386   -5.650  1.00 17.47 ? 126 HIS A CA  1 
ATOM   283 C C   . HIS A 1 39  ? 6.019   3.582   -4.402  1.00 17.81 ? 126 HIS A C   1 
ATOM   284 O O   . HIS A 1 39  ? 4.795   3.739   -4.498  1.00 18.19 ? 126 HIS A O   1 
ATOM   285 C CB  . HIS A 1 39  ? 6.673   4.587   -6.578  1.00 18.35 ? 126 HIS A CB  1 
ATOM   286 C CG  . HIS A 1 39  ? 7.274   5.861   -6.054  1.00 22.25 ? 126 HIS A CG  1 
ATOM   287 N ND1 . HIS A 1 39  ? 7.890   6.782   -6.876  1.00 27.90 ? 126 HIS A ND1 1 
ATOM   288 C CD2 . HIS A 1 39  ? 7.375   6.359   -4.797  1.00 27.42 ? 126 HIS A CD2 1 
ATOM   289 C CE1 . HIS A 1 39  ? 8.323   7.802   -6.155  1.00 28.17 ? 126 HIS A CE1 1 
ATOM   290 N NE2 . HIS A 1 39  ? 8.013   7.578   -4.891  1.00 23.88 ? 126 HIS A NE2 1 
ATOM   291 N N   . LEU A 1 40  ? 6.660   3.576   -3.238  1.00 18.93 ? 127 LEU A N   1 
ATOM   292 C CA  . LEU A 1 40  ? 5.938   3.710   -1.978  1.00 18.26 ? 127 LEU A CA  1 
ATOM   293 C C   . LEU A 1 40  ? 6.313   5.017   -1.310  1.00 19.94 ? 127 LEU A C   1 
ATOM   294 O O   . LEU A 1 40  ? 7.485   5.350   -1.207  1.00 19.58 ? 127 LEU A O   1 
ATOM   295 C CB  . LEU A 1 40  ? 6.270   2.543   -1.039  1.00 18.20 ? 127 LEU A CB  1 
ATOM   296 C CG  . LEU A 1 40  ? 5.844   2.711   0.423   1.00 19.51 ? 127 LEU A CG  1 
ATOM   297 C CD1 . LEU A 1 40  ? 4.306   2.534   0.509   1.00 20.12 ? 127 LEU A CD1 1 
ATOM   298 C CD2 . LEU A 1 40  ? 6.540   1.723   1.345   1.00 19.26 ? 127 LEU A CD2 1 
ATOM   299 N N   . GLN A 1 41  ? 5.303   5.735   -0.830  1.00 19.57 ? 128 GLN A N   1 
ATOM   300 C CA  . GLN A 1 41  ? 5.512   6.911   -0.013  1.00 21.99 ? 128 GLN A CA  1 
ATOM   301 C C   . GLN A 1 41  ? 4.669   6.721   1.234   1.00 20.88 ? 128 GLN A C   1 
ATOM   302 O O   . GLN A 1 41  ? 3.468   6.434   1.148   1.00 22.59 ? 128 GLN A O   1 
ATOM   303 C CB  . GLN A 1 41  ? 5.092   8.173   -0.768  1.00 22.15 ? 128 GLN A CB  1 
ATOM   304 C CG  . GLN A 1 41  ? 5.824   8.392   -2.088  1.00 27.81 ? 128 GLN A CG  1 
ATOM   305 C CD  . GLN A 1 41  ? 5.307   9.619   -2.818  1.00 27.74 ? 128 GLN A CD  1 
ATOM   306 O OE1 . GLN A 1 41  ? 5.631   10.754  -2.461  1.00 32.94 ? 128 GLN A OE1 1 
ATOM   307 N NE2 . GLN A 1 41  ? 4.477   9.393   -3.832  1.00 31.58 ? 128 GLN A NE2 1 
ATOM   308 N N   . THR A 1 42  ? 5.297   6.843   2.392   1.00 19.64 ? 129 THR A N   1 
ATOM   309 C CA  . THR A 1 42  ? 4.600   6.594   3.647   1.00 20.35 ? 129 THR A CA  1 
ATOM   310 C C   . THR A 1 42  ? 4.561   7.847   4.503   1.00 21.17 ? 129 THR A C   1 
ATOM   311 O O   . THR A 1 42  ? 5.603   8.468   4.727   1.00 20.66 ? 129 THR A O   1 
ATOM   312 C CB  . THR A 1 42  ? 5.330   5.509   4.450   1.00 23.32 ? 129 THR A CB  1 
ATOM   313 O OG1 . THR A 1 42  ? 5.530   4.348   3.612   1.00 22.61 ? 129 THR A OG1 1 
ATOM   314 C CG2 . THR A 1 42  ? 4.527   5.155   5.661   1.00 24.08 ? 129 THR A CG2 1 
ATOM   315 N N   . SER A 1 43  ? 3.384   8.191   5.015   1.00 20.55 ? 130 SER A N   1 
ATOM   316 C CA  . SER A 1 43  ? 3.279   9.358   5.878   1.00 22.08 ? 130 SER A CA  1 
ATOM   317 C C   . SER A 1 43  ? 2.491   9.075   7.140   1.00 24.06 ? 130 SER A C   1 
ATOM   318 O O   . SER A 1 43  ? 1.691   8.123   7.206   1.00 20.95 ? 130 SER A O   1 
ATOM   319 C CB  . SER A 1 43  ? 2.692   10.557  5.122   1.00 24.18 ? 130 SER A CB  1 
ATOM   320 O OG  . SER A 1 43  ? 1.393   10.265  4.662   1.00 29.09 ? 130 SER A OG  1 
ATOM   321 N N   . LEU A 1 44  ? 2.755   9.902   8.147   1.00 23.29 ? 131 LEU A N   1 
ATOM   322 C CA  . LEU A 1 44  ? 2.016   9.849   9.400   1.00 27.61 ? 131 LEU A CA  1 
ATOM   323 C C   . LEU A 1 44  ? 0.775   10.715  9.284   1.00 28.84 ? 131 LEU A C   1 
ATOM   324 O O   . LEU A 1 44  ? 0.621   11.488  8.330   1.00 29.53 ? 131 LEU A O   1 
ATOM   325 C CB  . LEU A 1 44  ? 2.887   10.332  10.560  1.00 26.63 ? 131 LEU A CB  1 
ATOM   326 C CG  . LEU A 1 44  ? 4.224   9.636   10.850  1.00 28.14 ? 131 LEU A CG  1 
ATOM   327 C CD1 . LEU A 1 44  ? 4.943   10.314  12.022  1.00 29.31 ? 131 LEU A CD1 1 
ATOM   328 C CD2 . LEU A 1 44  ? 4.042   8.147   11.135  1.00 30.11 ? 131 LEU A CD2 1 
ATOM   329 N N   . GLU A 1 45  ? -0.104  10.598  10.274  1.00 30.39 ? 132 GLU A N   1 
ATOM   330 C CA  . GLU A 1 45  ? -1.374  11.311  10.259  1.00 33.50 ? 132 GLU A CA  1 
ATOM   331 C C   . GLU A 1 45  ? -1.206  12.832  10.176  1.00 33.26 ? 132 GLU A C   1 
ATOM   332 O O   . GLU A 1 45  ? -1.981  13.509  9.503   1.00 33.30 ? 132 GLU A O   1 
ATOM   333 C CB  . GLU A 1 45  ? -2.239  10.870  11.448  1.00 34.48 ? 132 GLU A CB  1 
ATOM   334 C CG  . GLU A 1 45  ? -2.713  9.418   11.292  1.00 38.45 ? 132 GLU A CG  1 
ATOM   335 C CD  . GLU A 1 45  ? -3.637  8.941   12.400  1.00 39.21 ? 132 GLU A CD  1 
ATOM   336 O OE1 . GLU A 1 45  ? -3.164  8.780   13.553  1.00 45.00 ? 132 GLU A OE1 1 
ATOM   337 O OE2 . GLU A 1 45  ? -4.832  8.702   12.107  1.00 42.80 ? 132 GLU A OE2 1 
ATOM   338 N N   . ASN A 1 46  ? -0.164  13.356  10.819  1.00 33.18 ? 133 ASN A N   1 
ATOM   339 C CA  . ASN A 1 46  ? 0.130   14.790  10.768  1.00 34.00 ? 133 ASN A CA  1 
ATOM   340 C C   . ASN A 1 46  ? 0.742   15.272  9.438   1.00 33.17 ? 133 ASN A C   1 
ATOM   341 O O   . ASN A 1 46  ? 1.044   16.461  9.287   1.00 34.33 ? 133 ASN A O   1 
ATOM   342 C CB  . ASN A 1 46  ? 1.026   15.188  11.945  1.00 33.95 ? 133 ASN A CB  1 
ATOM   343 C CG  . ASN A 1 46  ? 2.394   14.531  11.883  1.00 37.37 ? 133 ASN A CG  1 
ATOM   344 O OD1 . ASN A 1 46  ? 2.901   14.248  10.805  1.00 36.73 ? 133 ASN A OD1 1 
ATOM   345 N ND2 . ASN A 1 46  ? 2.998   14.287  13.046  1.00 38.59 ? 133 ASN A ND2 1 
ATOM   346 N N   . GLY A 1 47  ? 0.934   14.351  8.489   1.00 30.87 ? 134 GLY A N   1 
ATOM   347 C CA  . GLY A 1 47  ? 1.471   14.696  7.168   1.00 29.32 ? 134 GLY A CA  1 
ATOM   348 C C   . GLY A 1 47  ? 2.980   14.552  7.017   1.00 27.16 ? 134 GLY A C   1 
ATOM   349 O O   . GLY A 1 47  ? 3.527   14.759  5.923   1.00 27.87 ? 134 GLY A O   1 
ATOM   350 N N   . THR A 1 48  ? 3.653   14.200  8.107   1.00 24.53 ? 135 THR A N   1 
ATOM   351 C CA  . THR A 1 48  ? 5.096   13.996  8.087   1.00 22.51 ? 135 THR A CA  1 
ATOM   352 C C   . THR A 1 48  ? 5.399   12.783  7.215   1.00 22.42 ? 135 THR A C   1 
ATOM   353 O O   . THR A 1 48  ? 4.871   11.695  7.463   1.00 22.34 ? 135 THR A O   1 
ATOM   354 C CB  . THR A 1 48  ? 5.636   13.773  9.514   1.00 23.88 ? 135 THR A CB  1 
ATOM   355 O OG1 . THR A 1 48  ? 5.458   14.984  10.275  1.00 25.51 ? 135 THR A OG1 1 
ATOM   356 C CG2 . THR A 1 48  ? 7.096   13.384  9.524   1.00 24.96 ? 135 THR A CG2 1 
ATOM   357 N N   . ARG A 1 49  ? 6.238   12.986  6.198   1.00 19.05 ? 136 ARG A N   1 
ATOM   358 C CA  . ARG A 1 49  ? 6.673   11.868  5.323   1.00 18.64 ? 136 ARG A CA  1 
ATOM   359 C C   . ARG A 1 49  ? 7.797   11.092  6.004   1.00 20.57 ? 136 ARG A C   1 
ATOM   360 O O   . ARG A 1 49  ? 8.831   11.675  6.347   1.00 20.15 ? 136 ARG A O   1 
ATOM   361 C CB  . ARG A 1 49  ? 7.139   12.381  3.963   1.00 19.05 ? 136 ARG A CB  1 
ATOM   362 C CG  . ARG A 1 49  ? 6.073   13.160  3.195   1.00 22.33 ? 136 ARG A CG  1 
ATOM   363 C CD  . ARG A 1 49  ? 6.624   13.751  1.906   1.00 23.61 ? 136 ARG A CD  1 
ATOM   364 N NE  . ARG A 1 49  ? 6.962   12.709  0.936   1.00 31.40 ? 136 ARG A NE  1 
ATOM   365 C CZ  . ARG A 1 49  ? 7.606   12.913  -0.210  1.00 33.21 ? 136 ARG A CZ  1 
ATOM   366 N NH1 . ARG A 1 49  ? 8.019   14.136  -0.555  1.00 29.26 ? 136 ARG A NH1 1 
ATOM   367 N NH2 . ARG A 1 49  ? 7.843   11.876  -1.015  1.00 31.32 ? 136 ARG A NH2 1 
ATOM   368 N N   . VAL A 1 50  ? 7.599   9.787   6.192   1.00 20.32 ? 137 VAL A N   1 
ATOM   369 C CA  . VAL A 1 50  ? 8.534   8.956   6.977   1.00 21.76 ? 137 VAL A CA  1 
ATOM   370 C C   . VAL A 1 50  ? 9.272   7.862   6.164   1.00 22.84 ? 137 VAL A C   1 
ATOM   371 O O   . VAL A 1 50  ? 10.272  7.314   6.637   1.00 23.10 ? 137 VAL A O   1 
ATOM   372 C CB  . VAL A 1 50  ? 7.840   8.323   8.223   1.00 20.62 ? 137 VAL A CB  1 
ATOM   373 C CG1 . VAL A 1 50  ? 7.532   9.412   9.260   1.00 21.67 ? 137 VAL A CG1 1 
ATOM   374 C CG2 . VAL A 1 50  ? 6.546   7.594   7.823   1.00 20.13 ? 137 VAL A CG2 1 
ATOM   375 N N   . GLN A 1 51  ? 8.764   7.543   4.969   1.00 21.58 ? 138 GLN A N   1 
ATOM   376 C CA  . GLN A 1 51  ? 9.413   6.588   4.041   1.00 23.43 ? 138 GLN A CA  1 
ATOM   377 C C   . GLN A 1 51  ? 9.192   6.987   2.613   1.00 21.86 ? 138 GLN A C   1 
ATOM   378 O O   . GLN A 1 51  ? 8.115   7.453   2.238   1.00 20.73 ? 138 GLN A O   1 
ATOM   379 C CB  . GLN A 1 51  ? 8.861   5.158   4.174   1.00 24.00 ? 138 GLN A CB  1 
ATOM   380 C CG  . GLN A 1 51  ? 8.942   4.552   5.521   1.00 28.63 ? 138 GLN A CG  1 
ATOM   381 C CD  . GLN A 1 51  ? 8.389   3.133   5.558   1.00 28.53 ? 138 GLN A CD  1 
ATOM   382 O OE1 . GLN A 1 51  ? 7.272   2.867   5.102   1.00 27.93 ? 138 GLN A OE1 1 
ATOM   383 N NE2 . GLN A 1 51  ? 9.165   2.222   6.134   1.00 33.98 ? 138 GLN A NE2 1 
ATOM   384 N N   . GLU A 1 52  ? 10.219  6.794   1.793   1.00 22.83 ? 139 GLU A N   1 
ATOM   385 C CA  . GLU A 1 52  ? 10.005  6.802   0.369   1.00 25.05 ? 139 GLU A CA  1 
ATOM   386 C C   . GLU A 1 52  ? 10.899  5.792   -0.300  1.00 26.12 ? 139 GLU A C   1 
ATOM   387 O O   . GLU A 1 52  ? 12.108  5.817   -0.115  1.00 27.96 ? 139 GLU A O   1 
ATOM   388 C CB  . GLU A 1 52  ? 10.230  8.174   -0.255  1.00 25.01 ? 139 GLU A CB  1 
ATOM   389 C CG  . GLU A 1 52  ? 9.808   8.172   -1.723  1.00 30.58 ? 139 GLU A CG  1 
ATOM   390 C CD  . GLU A 1 52  ? 10.074  9.466   -2.441  1.00 37.93 ? 139 GLU A CD  1 
ATOM   391 O OE1 . GLU A 1 52  ? 10.927  10.260  -1.966  1.00 41.06 ? 139 GLU A OE1 1 
ATOM   392 O OE2 . GLU A 1 52  ? 9.431   9.683   -3.495  1.00 35.27 ? 139 GLU A OE2 1 
ATOM   393 N N   . GLU A 1 53  ? 10.286  4.921   -1.098  1.00 23.97 ? 140 GLU A N   1 
ATOM   394 C CA  . GLU A 1 53  ? 11.007  3.885   -1.825  1.00 23.31 ? 140 GLU A CA  1 
ATOM   395 C C   . GLU A 1 53  ? 10.506  3.879   -3.263  1.00 23.47 ? 140 GLU A C   1 
ATOM   396 O O   . GLU A 1 53  ? 9.432   3.346   -3.535  1.00 21.05 ? 140 GLU A O   1 
ATOM   397 C CB  . GLU A 1 53  ? 10.768  2.519   -1.181  1.00 23.66 ? 140 GLU A CB  1 
ATOM   398 C CG  . GLU A 1 53  ? 11.277  2.385   0.250   1.00 30.29 ? 140 GLU A CG  1 
ATOM   399 C CD  . GLU A 1 53  ? 12.798  2.265   0.356   1.00 36.93 ? 140 GLU A CD  1 
ATOM   400 O OE1 . GLU A 1 53  ? 13.506  2.210   -0.689  1.00 35.32 ? 140 GLU A OE1 1 
ATOM   401 O OE2 . GLU A 1 53  ? 13.284  2.223   1.508   1.00 41.65 ? 140 GLU A OE2 1 
ATOM   402 N N   . PRO A 1 54  ? 11.242  4.534   -4.184  1.00 23.55 ? 141 PRO A N   1 
ATOM   403 C CA  . PRO A 1 54  ? 10.813  4.610   -5.570  1.00 23.17 ? 141 PRO A CA  1 
ATOM   404 C C   . PRO A 1 54  ? 10.836  3.296   -6.339  1.00 20.10 ? 141 PRO A C   1 
ATOM   405 O O   . PRO A 1 54  ? 10.188  3.194   -7.378  1.00 23.72 ? 141 PRO A O   1 
ATOM   406 C CB  . PRO A 1 54  ? 11.794  5.621   -6.193  1.00 23.89 ? 141 PRO A CB  1 
ATOM   407 C CG  . PRO A 1 54  ? 12.348  6.361   -5.026  1.00 24.66 ? 141 PRO A CG  1 
ATOM   408 C CD  . PRO A 1 54  ? 12.459  5.334   -3.955  1.00 25.80 ? 141 PRO A CD  1 
ATOM   409 N N   . GLU A 1 55  ? 11.555  2.300   -5.822  1.00 19.72 ? 142 GLU A N   1 
ATOM   410 C CA  . GLU A 1 55  ? 11.645  1.013   -6.516  1.00 19.82 ? 142 GLU A CA  1 
ATOM   411 C C   . GLU A 1 55  ? 11.691  -0.145  -5.527  1.00 19.12 ? 142 GLU A C   1 
ATOM   412 O O   . GLU A 1 55  ? 12.717  -0.828  -5.374  1.00 20.84 ? 142 GLU A O   1 
ATOM   413 C CB  . GLU A 1 55  ? 12.796  0.998   -7.539  1.00 19.78 ? 142 GLU A CB  1 
ATOM   414 C CG  . GLU A 1 55  ? 12.834  -0.254  -8.414  1.00 21.35 ? 142 GLU A CG  1 
ATOM   415 C CD  . GLU A 1 55  ? 13.417  -0.007  -9.799  1.00 24.96 ? 142 GLU A CD  1 
ATOM   416 O OE1 . GLU A 1 55  ? 13.195  1.078   -10.368 1.00 24.16 ? 142 GLU A OE1 1 
ATOM   417 O OE2 . GLU A 1 55  ? 14.063  -0.923  -10.338 1.00 27.33 ? 142 GLU A OE2 1 
ATOM   418 N N   . LEU A 1 56  ? 10.563  -0.330  -4.840  1.00 16.49 ? 143 LEU A N   1 
ATOM   419 C CA  . LEU A 1 56  ? 10.392  -1.418  -3.893  1.00 15.61 ? 143 LEU A CA  1 
ATOM   420 C C   . LEU A 1 56  ? 9.914   -2.662  -4.641  1.00 17.50 ? 143 LEU A C   1 
ATOM   421 O O   . LEU A 1 56  ? 8.824   -2.672  -5.201  1.00 18.10 ? 143 LEU A O   1 
ATOM   422 C CB  . LEU A 1 56  ? 9.385   -1.002  -2.821  1.00 17.41 ? 143 LEU A CB  1 
ATOM   423 C CG  . LEU A 1 56  ? 9.010   -2.048  -1.778  1.00 17.77 ? 143 LEU A CG  1 
ATOM   424 C CD1 . LEU A 1 56  ? 10.236  -2.648  -1.099  1.00 20.75 ? 143 LEU A CD1 1 
ATOM   425 C CD2 . LEU A 1 56  ? 8.064   -1.448  -0.752  1.00 19.08 ? 143 LEU A CD2 1 
ATOM   426 N N   . VAL A 1 57  ? 10.751  -3.692  -4.644  1.00 16.89 ? 144 VAL A N   1 
ATOM   427 C CA  . VAL A 1 57  ? 10.516  -4.921  -5.414  1.00 16.04 ? 144 VAL A CA  1 
ATOM   428 C C   . VAL A 1 57  ? 10.351  -6.072  -4.422  1.00 17.26 ? 144 VAL A C   1 
ATOM   429 O O   . VAL A 1 57  ? 11.204  -6.291  -3.565  1.00 18.21 ? 144 VAL A O   1 
ATOM   430 C CB  . VAL A 1 57  ? 11.731  -5.223  -6.374  1.00 16.31 ? 144 VAL A CB  1 
ATOM   431 C CG1 . VAL A 1 57  ? 11.516  -6.532  -7.124  1.00 18.47 ? 144 VAL A CG1 1 
ATOM   432 C CG2 . VAL A 1 57  ? 11.939  -4.077  -7.359  1.00 18.24 ? 144 VAL A CG2 1 
ATOM   433 N N   . PHE A 1 58  ? 9.237   -6.796  -4.537  1.00 16.62 ? 145 PHE A N   1 
ATOM   434 C CA  . PHE A 1 58  ? 8.952   -7.882  -3.594  1.00 16.70 ? 145 PHE A CA  1 
ATOM   435 C C   . PHE A 1 58  ? 7.963   -8.886  -4.179  1.00 17.46 ? 145 PHE A C   1 
ATOM   436 O O   . PHE A 1 58  ? 7.218   -8.573  -5.106  1.00 17.50 ? 145 PHE A O   1 
ATOM   437 C CB  . PHE A 1 58  ? 8.426   -7.326  -2.258  1.00 16.61 ? 145 PHE A CB  1 
ATOM   438 C CG  . PHE A 1 58  ? 7.092   -6.563  -2.359  1.00 16.55 ? 145 PHE A CG  1 
ATOM   439 C CD1 . PHE A 1 58  ? 5.887   -7.174  -1.975  1.00 18.32 ? 145 PHE A CD1 1 
ATOM   440 C CD2 . PHE A 1 58  ? 7.075   -5.218  -2.761  1.00 16.58 ? 145 PHE A CD2 1 
ATOM   441 C CE1 . PHE A 1 58  ? 4.675   -6.471  -2.023  1.00 18.62 ? 145 PHE A CE1 1 
ATOM   442 C CE2 . PHE A 1 58  ? 5.880   -4.488  -2.834  1.00 16.88 ? 145 PHE A CE2 1 
ATOM   443 C CZ  . PHE A 1 58  ? 4.666   -5.111  -2.459  1.00 18.40 ? 145 PHE A CZ  1 
ATOM   444 N N   . THR A 1 59  ? 7.941   -10.084 -3.612  1.00 16.98 ? 146 THR A N   1 
ATOM   445 C CA  . THR A 1 59  ? 6.969   -11.078 -4.033  1.00 16.23 ? 146 THR A CA  1 
ATOM   446 C C   . THR A 1 59  ? 5.684   -10.812 -3.274  1.00 17.33 ? 146 THR A C   1 
ATOM   447 O O   . THR A 1 59  ? 5.637   -10.899 -2.040  1.00 16.69 ? 146 THR A O   1 
ATOM   448 C CB  . THR A 1 59  ? 7.462   -12.502 -3.732  1.00 18.78 ? 146 THR A CB  1 
ATOM   449 O OG1 . THR A 1 59  ? 8.644   -12.757 -4.503  1.00 18.23 ? 146 THR A OG1 1 
ATOM   450 C CG2 . THR A 1 59  ? 6.406   -13.517 -4.107  1.00 18.35 ? 146 THR A CG2 1 
ATOM   451 N N   . LEU A 1 60  ? 4.636   -10.502 -4.026  1.00 15.47 ? 147 LEU A N   1 
ATOM   452 C CA  . LEU A 1 60  ? 3.348   -10.173 -3.437  1.00 16.78 ? 147 LEU A CA  1 
ATOM   453 C C   . LEU A 1 60  ? 2.747   -11.329 -2.621  1.00 16.69 ? 147 LEU A C   1 
ATOM   454 O O   . LEU A 1 60  ? 2.607   -12.439 -3.124  1.00 17.79 ? 147 LEU A O   1 
ATOM   455 C CB  . LEU A 1 60  ? 2.391   -9.746  -4.559  1.00 17.30 ? 147 LEU A CB  1 
ATOM   456 C CG  . LEU A 1 60  ? 1.002   -9.277  -4.151  1.00 15.89 ? 147 LEU A CG  1 
ATOM   457 C CD1 . LEU A 1 60  ? 1.082   -8.067  -3.241  1.00 16.47 ? 147 LEU A CD1 1 
ATOM   458 C CD2 . LEU A 1 60  ? 0.212   -8.969  -5.433  1.00 18.73 ? 147 LEU A CD2 1 
ATOM   459 N N   . GLY A 1 61  ? 2.403   -11.060 -1.364  1.00 18.59 ? 148 GLY A N   1 
ATOM   460 C CA  . GLY A 1 61  ? 1.780   -12.073 -0.496  1.00 18.47 ? 148 GLY A CA  1 
ATOM   461 C C   . GLY A 1 61  ? 2.745   -12.865 0.370   1.00 19.58 ? 148 GLY A C   1 
ATOM   462 O O   . GLY A 1 61  ? 2.308   -13.677 1.174   1.00 20.85 ? 148 GLY A O   1 
ATOM   463 N N   . ASP A 1 62  ? 4.051   -12.613 0.223   1.00 19.04 ? 149 ASP A N   1 
ATOM   464 C CA  . ASP A 1 62  ? 5.084   -13.351 0.980   1.00 20.66 ? 149 ASP A CA  1 
ATOM   465 C C   . ASP A 1 62  ? 5.395   -12.769 2.362   1.00 21.98 ? 149 ASP A C   1 
ATOM   466 O O   . ASP A 1 62  ? 6.321   -13.251 3.040   1.00 21.99 ? 149 ASP A O   1 
ATOM   467 C CB  . ASP A 1 62  ? 6.393   -13.464 0.191   1.00 20.53 ? 149 ASP A CB  1 
ATOM   468 C CG  . ASP A 1 62  ? 6.421   -14.644 -0.766  1.00 24.45 ? 149 ASP A CG  1 
ATOM   469 O OD1 . ASP A 1 62  ? 5.376   -15.302 -0.991  1.00 24.61 ? 149 ASP A OD1 1 
ATOM   470 O OD2 . ASP A 1 62  ? 7.516   -14.905 -1.324  1.00 25.24 ? 149 ASP A OD2 1 
ATOM   471 N N   . CYS A 1 63  ? 4.647   -11.744 2.780   1.00 21.33 ? 150 CYS A N   1 
ATOM   472 C CA  . CYS A 1 63  ? 4.842   -11.130 4.097   1.00 22.70 ? 150 CYS A CA  1 
ATOM   473 C C   . CYS A 1 63  ? 6.238   -10.515 4.218   1.00 20.75 ? 150 CYS A C   1 
ATOM   474 O O   . CYS A 1 63  ? 6.818   -10.516 5.315   1.00 22.48 ? 150 CYS A O   1 
ATOM   475 C CB  . CYS A 1 63  ? 4.665   -12.136 5.241   1.00 23.52 ? 150 CYS A CB  1 
ATOM   476 S SG  . CYS A 1 63  ? 3.216   -13.183 5.200   1.00 32.91 ? 150 CYS A SG  1 
ATOM   477 N N   . ASP A 1 64  ? 6.770   -9.994  3.107   1.00 20.00 ? 151 ASP A N   1 
ATOM   478 C CA  . ASP A 1 64  ? 8.081   -9.336  3.124   1.00 18.63 ? 151 ASP A CA  1 
ATOM   479 C C   . ASP A 1 64  ? 7.968   -7.811  3.235   1.00 19.57 ? 151 ASP A C   1 
ATOM   480 O O   . ASP A 1 64  ? 8.980   -7.094  3.257   1.00 20.42 ? 151 ASP A O   1 
ATOM   481 C CB  . ASP A 1 64  ? 8.871   -9.690  1.878   1.00 18.16 ? 151 ASP A CB  1 
ATOM   482 C CG  . ASP A 1 64  ? 9.305   -11.141 1.855   1.00 21.81 ? 151 ASP A CG  1 
ATOM   483 O OD1 . ASP A 1 64  ? 9.435   -11.744 2.949   1.00 22.98 ? 151 ASP A OD1 1 
ATOM   484 O OD2 . ASP A 1 64  ? 9.522   -11.662 0.746   1.00 23.17 ? 151 ASP A OD2 1 
ATOM   485 N N   . VAL A 1 65  ? 6.726   -7.334  3.300   1.00 19.33 ? 152 VAL A N   1 
ATOM   486 C CA  . VAL A 1 65  ? 6.446   -5.919  3.526   1.00 17.96 ? 152 VAL A CA  1 
ATOM   487 C C   . VAL A 1 65  ? 5.334   -5.828  4.568   1.00 18.25 ? 152 VAL A C   1 
ATOM   488 O O   . VAL A 1 65  ? 4.739   -6.848  4.932   1.00 19.95 ? 152 VAL A O   1 
ATOM   489 C CB  . VAL A 1 65  ? 5.994   -5.209  2.213   1.00 18.41 ? 152 VAL A CB  1 
ATOM   490 C CG1 . VAL A 1 65  ? 7.157   -5.131  1.225   1.00 18.48 ? 152 VAL A CG1 1 
ATOM   491 C CG2 . VAL A 1 65  ? 4.790   -5.931  1.592   1.00 19.47 ? 152 VAL A CG2 1 
ATOM   492 N N   . ILE A 1 66  ? 5.062   -4.620  5.070   1.00 17.79 ? 153 ILE A N   1 
ATOM   493 C CA  . ILE A 1 66  ? 3.966   -4.486  6.030   1.00 18.20 ? 153 ILE A CA  1 
ATOM   494 C C   . ILE A 1 66  ? 2.638   -5.000  5.469   1.00 19.67 ? 153 ILE A C   1 
ATOM   495 O O   . ILE A 1 66  ? 2.385   -4.932  4.263   1.00 20.57 ? 153 ILE A O   1 
ATOM   496 C CB  . ILE A 1 66  ? 3.826   -3.050  6.574   1.00 19.05 ? 153 ILE A CB  1 
ATOM   497 C CG1 . ILE A 1 66  ? 3.648   -2.021  5.453   1.00 19.60 ? 153 ILE A CG1 1 
ATOM   498 C CG2 . ILE A 1 66  ? 5.050   -2.695  7.429   1.00 20.90 ? 153 ILE A CG2 1 
ATOM   499 C CD1 . ILE A 1 66  ? 3.265   -0.618  5.963   1.00 21.20 ? 153 ILE A CD1 1 
ATOM   500 N N   . GLN A 1 67  ? 1.806   -5.546  6.353   1.00 20.49 ? 154 GLN A N   1 
ATOM   501 C CA  . GLN A 1 67  ? 0.521   -6.077  5.939   1.00 21.62 ? 154 GLN A CA  1 
ATOM   502 C C   . GLN A 1 67  ? -0.283  -5.087  5.106   1.00 21.58 ? 154 GLN A C   1 
ATOM   503 O O   . GLN A 1 67  ? -0.951  -5.487  4.141   1.00 23.99 ? 154 GLN A O   1 
ATOM   504 C CB  . GLN A 1 67  ? -0.300  -6.504  7.151   1.00 23.39 ? 154 GLN A CB  1 
ATOM   505 C CG  . GLN A 1 67  ? 0.348   -7.521  8.049   1.00 29.12 ? 154 GLN A CG  1 
ATOM   506 C CD  . GLN A 1 67  ? -0.418  -7.656  9.365   1.00 34.76 ? 154 GLN A CD  1 
ATOM   507 O OE1 . GLN A 1 67  ? -1.496  -8.263  9.402   1.00 32.84 ? 154 GLN A OE1 1 
ATOM   508 N NE2 . GLN A 1 67  ? 0.123   -7.068  10.446  1.00 35.73 ? 154 GLN A NE2 1 
ATOM   509 N N   . ALA A 1 68  ? -0.260  -3.813  5.495   1.00 20.91 ? 155 ALA A N   1 
ATOM   510 C CA  . ALA A 1 68  ? -1.001  -2.746  4.796   1.00 21.13 ? 155 ALA A CA  1 
ATOM   511 C C   . ALA A 1 68  ? -0.703  -2.690  3.308   1.00 23.14 ? 155 ALA A C   1 
ATOM   512 O O   . ALA A 1 68  ? -1.583  -2.384  2.504   1.00 25.51 ? 155 ALA A O   1 
ATOM   513 C CB  . ALA A 1 68  ? -0.719  -1.408  5.426   1.00 22.81 ? 155 ALA A CB  1 
ATOM   514 N N   . LEU A 1 69  ? 0.544   -2.985  2.947   1.00 21.11 ? 156 LEU A N   1 
ATOM   515 C CA  . LEU A 1 69  ? 0.946   -3.005  1.557   1.00 20.97 ? 156 LEU A CA  1 
ATOM   516 C C   . LEU A 1 69  ? 0.669   -4.364  0.886   1.00 20.19 ? 156 LEU A C   1 
ATOM   517 O O   . LEU A 1 69  ? 0.146   -4.418  -0.245  1.00 21.68 ? 156 LEU A O   1 
ATOM   518 C CB  . LEU A 1 69  ? 2.419   -2.585  1.440   1.00 21.77 ? 156 LEU A CB  1 
ATOM   519 C CG  . LEU A 1 69  ? 3.016   -2.366  0.047   1.00 22.64 ? 156 LEU A CG  1 
ATOM   520 C CD1 . LEU A 1 69  ? 2.372   -1.162  -0.630  1.00 24.10 ? 156 LEU A CD1 1 
ATOM   521 C CD2 . LEU A 1 69  ? 4.530   -2.139  0.159   1.00 23.58 ? 156 LEU A CD2 1 
ATOM   522 N N   . ASP A 1 70  ? 0.988   -5.466  1.571   1.00 20.47 ? 157 ASP A N   1 
ATOM   523 C CA  . ASP A 1 70  ? 0.776   -6.801  1.003   1.00 21.03 ? 157 ASP A CA  1 
ATOM   524 C C   . ASP A 1 70  ? -0.712  -7.092  0.754   1.00 20.61 ? 157 ASP A C   1 
ATOM   525 O O   . ASP A 1 70  ? -1.065  -7.857  -0.149  1.00 22.16 ? 157 ASP A O   1 
ATOM   526 C CB  . ASP A 1 70  ? 1.335   -7.854  1.955   1.00 20.67 ? 157 ASP A CB  1 
ATOM   527 C CG  . ASP A 1 70  ? 2.250   -8.870  1.276   1.00 19.05 ? 157 ASP A CG  1 
ATOM   528 O OD1 . ASP A 1 70  ? 2.683   -8.677  0.119   1.00 18.32 ? 157 ASP A OD1 1 
ATOM   529 O OD2 . ASP A 1 70  ? 2.549   -9.868  1.966   1.00 23.63 ? 157 ASP A OD2 1 
ATOM   530 N N   . LEU A 1 71  ? -1.581  -6.487  1.563   1.00 20.10 ? 158 LEU A N   1 
ATOM   531 C CA  . LEU A 1 71  ? -3.019  -6.712  1.448   1.00 19.34 ? 158 LEU A CA  1 
ATOM   532 C C   . LEU A 1 71  ? -3.721  -5.768  0.475   1.00 19.63 ? 158 LEU A C   1 
ATOM   533 O O   . LEU A 1 71  ? -4.814  -6.091  -0.017  1.00 20.33 ? 158 LEU A O   1 
ATOM   534 C CB  . LEU A 1 71  ? -3.692  -6.614  2.826   1.00 20.20 ? 158 LEU A CB  1 
ATOM   535 C CG  . LEU A 1 71  ? -3.322  -7.693  3.835   1.00 23.76 ? 158 LEU A CG  1 
ATOM   536 C CD1 . LEU A 1 71  ? -3.812  -7.285  5.217   1.00 26.57 ? 158 LEU A CD1 1 
ATOM   537 C CD2 . LEU A 1 71  ? -3.906  -9.043  3.418   1.00 29.66 ? 158 LEU A CD2 1 
ATOM   538 N N   . SER A 1 72  ? -3.105  -4.618  0.203   1.00 18.66 ? 159 SER A N   1 
ATOM   539 C CA  . SER A 1 72  ? -3.726  -3.611  -0.654  1.00 17.88 ? 159 SER A CA  1 
ATOM   540 C C   . SER A 1 72  ? -3.272  -3.672  -2.106  1.00 19.43 ? 159 SER A C   1 
ATOM   541 O O   . SER A 1 72  ? -4.060  -3.412  -3.014  1.00 18.00 ? 159 SER A O   1 
ATOM   542 C CB  . SER A 1 72  ? -3.516  -2.199  -0.084  1.00 21.49 ? 159 SER A CB  1 
ATOM   543 O OG  . SER A 1 72  ? -2.138  -1.826  -0.069  1.00 22.46 ? 159 SER A OG  1 
ATOM   544 N N   . VAL A 1 73  ? -1.999  -3.993  -2.334  1.00 16.66 ? 160 VAL A N   1 
ATOM   545 C CA  . VAL A 1 73  ? -1.501  -4.107  -3.697  1.00 17.07 ? 160 VAL A CA  1 
ATOM   546 C C   . VAL A 1 73  ? -2.336  -5.070  -4.587  1.00 16.78 ? 160 VAL A C   1 
ATOM   547 O O   . VAL A 1 73  ? -2.521  -4.787  -5.752  1.00 17.82 ? 160 VAL A O   1 
ATOM   548 C CB  . VAL A 1 73  ? 0.028   -4.410  -3.727  1.00 18.77 ? 160 VAL A CB  1 
ATOM   549 C CG1 . VAL A 1 73  ? 0.493   -4.831  -5.100  1.00 17.72 ? 160 VAL A CG1 1 
ATOM   550 C CG2 . VAL A 1 73  ? 0.782   -3.171  -3.275  1.00 18.07 ? 160 VAL A CG2 1 
ATOM   551 N N   . PRO A 1 74  ? -2.853  -6.187  -4.034  1.00 18.61 ? 161 PRO A N   1 
ATOM   552 C CA  . PRO A 1 74  ? -3.675  -7.079  -4.901  1.00 18.36 ? 161 PRO A CA  1 
ATOM   553 C C   . PRO A 1 74  ? -4.970  -6.452  -5.401  1.00 18.69 ? 161 PRO A C   1 
ATOM   554 O O   . PRO A 1 74  ? -5.608  -7.004  -6.312  1.00 21.64 ? 161 PRO A O   1 
ATOM   555 C CB  . PRO A 1 74  ? -4.014  -8.262  -3.979  1.00 18.54 ? 161 PRO A CB  1 
ATOM   556 C CG  . PRO A 1 74  ? -2.919  -8.238  -2.929  1.00 19.02 ? 161 PRO A CG  1 
ATOM   557 C CD  . PRO A 1 74  ? -2.648  -6.768  -2.694  1.00 19.69 ? 161 PRO A CD  1 
ATOM   558 N N   . LEU A 1 75  ? -5.356  -5.329  -4.795  1.00 18.08 ? 162 LEU A N   1 
ATOM   559 C CA  . LEU A 1 75  ? -6.588  -4.624  -5.162  1.00 20.60 ? 162 LEU A CA  1 
ATOM   560 C C   . LEU A 1 75  ? -6.335  -3.371  -6.009  1.00 20.54 ? 162 LEU A C   1 
ATOM   561 O O   . LEU A 1 75  ? -7.228  -2.513  -6.164  1.00 21.07 ? 162 LEU A O   1 
ATOM   562 C CB  . LEU A 1 75  ? -7.443  -4.348  -3.916  1.00 23.07 ? 162 LEU A CB  1 
ATOM   563 C CG  . LEU A 1 75  ? -7.953  -5.665  -3.293  1.00 27.42 ? 162 LEU A CG  1 
ATOM   564 C CD1 . LEU A 1 75  ? -8.454  -5.481  -1.873  1.00 34.75 ? 162 LEU A CD1 1 
ATOM   565 C CD2 . LEU A 1 75  ? -9.007  -6.336  -4.189  1.00 31.47 ? 162 LEU A CD2 1 
ATOM   566 N N   . MET A 1 76  ? -5.127  -3.285  -6.567  1.00 18.85 ? 163 MET A N   1 
ATOM   567 C CA  . MET A 1 76  ? -4.744  -2.225  -7.499  1.00 18.72 ? 163 MET A CA  1 
ATOM   568 C C   . MET A 1 76  ? -4.528  -2.798  -8.894  1.00 18.53 ? 163 MET A C   1 
ATOM   569 O O   . MET A 1 76  ? -4.103  -3.944  -9.031  1.00 18.32 ? 163 MET A O   1 
ATOM   570 C CB  . MET A 1 76  ? -3.413  -1.591  -7.067  1.00 17.71 ? 163 MET A CB  1 
ATOM   571 C CG  . MET A 1 76  ? -3.464  -0.917  -5.699  1.00 22.19 ? 163 MET A CG  1 
ATOM   572 S SD  . MET A 1 76  ? -1.832  -0.348  -5.191  1.00 21.63 ? 163 MET A SD  1 
ATOM   573 C CE  . MET A 1 76  ? -1.516  0.861   -6.508  1.00 19.08 ? 163 MET A CE  1 
ATOM   574 N N   . ASP A 1 77  ? -4.769  -1.993  -9.927  1.00 17.28 ? 164 ASP A N   1 
ATOM   575 C CA  . ASP A 1 77  ? -4.345  -2.376  -11.275 1.00 18.49 ? 164 ASP A CA  1 
ATOM   576 C C   . ASP A 1 77  ? -2.869  -2.061  -11.476 1.00 18.42 ? 164 ASP A C   1 
ATOM   577 O O   . ASP A 1 77  ? -2.341  -1.120  -10.870 1.00 19.03 ? 164 ASP A O   1 
ATOM   578 C CB  . ASP A 1 77  ? -5.176  -1.636  -12.333 1.00 18.73 ? 164 ASP A CB  1 
ATOM   579 C CG  . ASP A 1 77  ? -6.647  -2.067  -12.340 1.00 24.37 ? 164 ASP A CG  1 
ATOM   580 O OD1 . ASP A 1 77  ? -6.927  -3.248  -12.032 1.00 24.17 ? 164 ASP A OD1 1 
ATOM   581 O OD2 . ASP A 1 77  ? -7.527  -1.225  -12.662 1.00 23.06 ? 164 ASP A OD2 1 
ATOM   582 N N   . VAL A 1 78  ? -2.197  -2.807  -12.347 1.00 18.27 ? 165 VAL A N   1 
ATOM   583 C CA  . VAL A 1 78  ? -0.842  -2.422  -12.713 1.00 19.27 ? 165 VAL A CA  1 
ATOM   584 C C   . VAL A 1 78  ? -0.934  -1.055  -13.402 1.00 19.97 ? 165 VAL A C   1 
ATOM   585 O O   . VAL A 1 78  ? -1.725  -0.865  -14.344 1.00 21.25 ? 165 VAL A O   1 
ATOM   586 C CB  . VAL A 1 78  ? -0.135  -3.474  -13.584 1.00 19.44 ? 165 VAL A CB  1 
ATOM   587 C CG1 . VAL A 1 78  ? 1.263   -3.002  -13.930 1.00 21.73 ? 165 VAL A CG1 1 
ATOM   588 C CG2 . VAL A 1 78  ? -0.086  -4.823  -12.836 1.00 20.95 ? 165 VAL A CG2 1 
ATOM   589 N N   . GLY A 1 79  ? -0.172  -0.100  -12.882 1.00 17.32 ? 166 GLY A N   1 
ATOM   590 C CA  . GLY A 1 79  ? -0.162  1.275   -13.410 1.00 19.71 ? 166 GLY A CA  1 
ATOM   591 C C   . GLY A 1 79  ? -0.939  2.250   -12.547 1.00 18.59 ? 166 GLY A C   1 
ATOM   592 O O   . GLY A 1 79  ? -0.858  3.473   -12.762 1.00 19.54 ? 166 GLY A O   1 
ATOM   593 N N   . GLU A 1 80  ? -1.696  1.715   -11.589 1.00 19.24 ? 167 GLU A N   1 
ATOM   594 C CA  . GLU A 1 80  ? -2.496  2.528   -10.664 1.00 18.67 ? 167 GLU A CA  1 
ATOM   595 C C   . GLU A 1 80  ? -1.651  3.182   -9.572  1.00 19.15 ? 167 GLU A C   1 
ATOM   596 O O   . GLU A 1 80  ? -0.717  2.560   -9.055  1.00 19.14 ? 167 GLU A O   1 
ATOM   597 C CB  . GLU A 1 80  ? -3.568  1.656   -10.010 1.00 19.24 ? 167 GLU A CB  1 
ATOM   598 C CG  . GLU A 1 80  ? -4.452  2.399   -8.982  1.00 17.91 ? 167 GLU A CG  1 
ATOM   599 C CD  . GLU A 1 80  ? -5.628  1.570   -8.499  1.00 19.59 ? 167 GLU A CD  1 
ATOM   600 O OE1 . GLU A 1 80  ? -5.999  0.584   -9.180  1.00 19.98 ? 167 GLU A OE1 1 
ATOM   601 O OE2 . GLU A 1 80  ? -6.182  1.914   -7.437  1.00 20.68 ? 167 GLU A OE2 1 
ATOM   602 N N   . THR A 1 81  ? -2.006  4.419   -9.203  1.00 17.59 ? 168 THR A N   1 
ATOM   603 C CA  . THR A 1 81  ? -1.522  5.015   -7.953  1.00 18.32 ? 168 THR A CA  1 
ATOM   604 C C   . THR A 1 81  ? -2.707  5.045   -6.993  1.00 19.35 ? 168 THR A C   1 
ATOM   605 O O   . THR A 1 81  ? -3.788  5.528   -7.346  1.00 19.32 ? 168 THR A O   1 
ATOM   606 C CB  . THR A 1 81  ? -0.940  6.452   -8.136  1.00 20.18 ? 168 THR A CB  1 
ATOM   607 O OG1 . THR A 1 81  ? 0.199   6.404   -9.015  1.00 20.54 ? 168 THR A OG1 1 
ATOM   608 C CG2 . THR A 1 81  ? -0.497  7.027   -6.760  1.00 18.65 ? 168 THR A CG2 1 
ATOM   609 N N   . ALA A 1 82  ? -2.527  4.439   -5.819  1.00 18.17 ? 169 ALA A N   1 
ATOM   610 C CA  . ALA A 1 82  ? -3.554  4.369   -4.795  1.00 18.27 ? 169 ALA A CA  1 
ATOM   611 C C   . ALA A 1 82  ? -3.110  5.059   -3.519  1.00 19.79 ? 169 ALA A C   1 
ATOM   612 O O   . ALA A 1 82  ? -1.914  5.213   -3.270  1.00 19.29 ? 169 ALA A O   1 
ATOM   613 C CB  . ALA A 1 82  ? -3.920  2.906   -4.490  1.00 19.95 ? 169 ALA A CB  1 
ATOM   614 N N   . MET A 1 83  ? -4.088  5.438   -2.709  1.00 18.42 ? 170 MET A N   1 
ATOM   615 C CA  . MET A 1 83  ? -3.826  5.887   -1.345  1.00 18.31 ? 170 MET A CA  1 
ATOM   616 C C   . MET A 1 83  ? -4.446  4.869   -0.396  1.00 19.11 ? 170 MET A C   1 
ATOM   617 O O   . MET A 1 83  ? -5.616  4.516   -0.525  1.00 19.58 ? 170 MET A O   1 
ATOM   618 C CB  . MET A 1 83  ? -4.431  7.274   -1.085  1.00 20.52 ? 170 MET A CB  1 
ATOM   619 C CG  . MET A 1 83  ? -4.272  7.770   0.352   1.00 25.90 ? 170 MET A CG  1 
ATOM   620 S SD  . MET A 1 83  ? -2.567  7.885   0.983   1.00 34.52 ? 170 MET A SD  1 
ATOM   621 C CE  . MET A 1 83  ? -1.991  9.341   0.125   1.00 32.56 ? 170 MET A CE  1 
ATOM   622 N N   . VAL A 1 84  ? -3.653  4.387   0.555   1.00 17.81 ? 171 VAL A N   1 
ATOM   623 C CA  . VAL A 1 84  ? -4.139  3.410   1.525   1.00 17.06 ? 171 VAL A CA  1 
ATOM   624 C C   . VAL A 1 84  ? -4.050  4.020   2.913   1.00 18.28 ? 171 VAL A C   1 
ATOM   625 O O   . VAL A 1 84  ? -2.987  4.515   3.300   1.00 19.81 ? 171 VAL A O   1 
ATOM   626 C CB  . VAL A 1 84  ? -3.262  2.132   1.493   1.00 17.92 ? 171 VAL A CB  1 
ATOM   627 C CG1 . VAL A 1 84  ? -3.703  1.117   2.555   1.00 18.69 ? 171 VAL A CG1 1 
ATOM   628 C CG2 . VAL A 1 84  ? -3.296  1.496   0.102   1.00 20.95 ? 171 VAL A CG2 1 
ATOM   629 N N   . THR A 1 85  ? -5.149  3.979   3.667   1.00 18.15 ? 172 THR A N   1 
ATOM   630 C CA  . THR A 1 85  ? -5.114  4.380   5.083   1.00 19.64 ? 172 THR A CA  1 
ATOM   631 C C   . THR A 1 85  ? -5.138  3.116   5.935   1.00 20.31 ? 172 THR A C   1 
ATOM   632 O O   . THR A 1 85  ? -5.989  2.249   5.739   1.00 20.42 ? 172 THR A O   1 
ATOM   633 C CB  . THR A 1 85  ? -6.274  5.322   5.457   1.00 21.98 ? 172 THR A CB  1 
ATOM   634 O OG1 . THR A 1 85  ? -7.531  4.666   5.232   1.00 25.60 ? 172 THR A OG1 1 
ATOM   635 C CG2 . THR A 1 85  ? -6.211  6.568   4.601   1.00 21.94 ? 172 THR A CG2 1 
ATOM   636 N N   . ALA A 1 86  ? -4.178  2.995   6.857   1.00 19.59 ? 173 ALA A N   1 
ATOM   637 C CA  . ALA A 1 86  ? -4.012  1.735   7.564   1.00 20.06 ? 173 ALA A CA  1 
ATOM   638 C C   . ALA A 1 86  ? -3.818  1.914   9.044   1.00 19.32 ? 173 ALA A C   1 
ATOM   639 O O   . ALA A 1 86  ? -2.925  2.641   9.483   1.00 21.08 ? 173 ALA A O   1 
ATOM   640 C CB  . ALA A 1 86  ? -2.845  0.954   7.000   1.00 20.75 ? 173 ALA A CB  1 
ATOM   641 N N   . ASP A 1 87  ? -4.641  1.194   9.803   1.00 19.55 ? 174 ASP A N   1 
ATOM   642 C CA  . ASP A 1 87  ? -4.512  1.117   11.245  1.00 19.16 ? 174 ASP A CA  1 
ATOM   643 C C   . ASP A 1 87  ? -3.127  0.593   11.566  1.00 18.59 ? 174 ASP A C   1 
ATOM   644 O O   . ASP A 1 87  ? -2.567  -0.191  10.791  1.00 18.90 ? 174 ASP A O   1 
ATOM   645 C CB  . ASP A 1 87  ? -5.600  0.189   11.786  1.00 19.93 ? 174 ASP A CB  1 
ATOM   646 C CG  . ASP A 1 87  ? -5.563  0.061   13.304  1.00 20.79 ? 174 ASP A CG  1 
ATOM   647 O OD1 . ASP A 1 87  ? -6.378  0.724   13.979  1.00 24.59 ? 174 ASP A OD1 1 
ATOM   648 O OD2 . ASP A 1 87  ? -4.727  -0.716  13.803  1.00 20.20 ? 174 ASP A OD2 1 
ATOM   649 N N   . SER A 1 88  ? -2.581  1.021   12.708  1.00 18.94 ? 175 SER A N   1 
ATOM   650 C CA  . SER A 1 88  ? -1.213  0.643   13.095  1.00 19.24 ? 175 SER A CA  1 
ATOM   651 C C   . SER A 1 88  ? -0.960  -0.864  13.126  1.00 19.87 ? 175 SER A C   1 
ATOM   652 O O   . SER A 1 88  ? 0.179   -1.313  12.961  1.00 19.88 ? 175 SER A O   1 
ATOM   653 C CB  . SER A 1 88  ? -0.871  1.239   14.467  1.00 21.36 ? 175 SER A CB  1 
ATOM   654 O OG  . SER A 1 88  ? -1.683  0.697   15.493  1.00 20.40 ? 175 SER A OG  1 
ATOM   655 N N   . LYS A 1 89  ? -2.021  -1.632  13.362  1.00 18.95 ? 176 LYS A N   1 
ATOM   656 C CA  . LYS A 1 89  ? -1.918  -3.083  13.451  1.00 20.41 ? 176 LYS A CA  1 
ATOM   657 C C   . LYS A 1 89  ? -1.417  -3.670  12.123  1.00 20.22 ? 176 LYS A C   1 
ATOM   658 O O   . LYS A 1 89  ? -0.787  -4.721  12.108  1.00 20.17 ? 176 LYS A O   1 
ATOM   659 C CB  . LYS A 1 89  ? -3.287  -3.680  13.789  1.00 22.31 ? 176 LYS A CB  1 
ATOM   660 C CG  . LYS A 1 89  ? -3.271  -5.147  14.082  1.00 29.81 ? 176 LYS A CG  1 
ATOM   661 C CD  . LYS A 1 89  ? -4.300  -5.850  13.235  1.00 33.84 ? 176 LYS A CD  1 
ATOM   662 C CE  . LYS A 1 89  ? -3.839  -7.263  12.912  1.00 34.70 ? 176 LYS A CE  1 
ATOM   663 N NZ  . LYS A 1 89  ? -2.821  -7.253  11.823  1.00 42.29 ? 176 LYS A NZ  1 
ATOM   664 N N   . TYR A 1 90  ? -1.712  -2.990  11.013  1.00 18.76 ? 177 TYR A N   1 
ATOM   665 C CA  . TYR A 1 90  ? -1.308  -3.472  9.682   1.00 19.77 ? 177 TYR A CA  1 
ATOM   666 C C   . TYR A 1 90  ? 0.020   -2.884  9.243   1.00 21.12 ? 177 TYR A C   1 
ATOM   667 O O   . TYR A 1 90  ? 0.488   -3.140  8.135   1.00 20.70 ? 177 TYR A O   1 
ATOM   668 C CB  . TYR A 1 90  ? -2.407  -3.178  8.645   1.00 19.74 ? 177 TYR A CB  1 
ATOM   669 C CG  . TYR A 1 90  ? -3.708  -3.786  9.085   1.00 21.07 ? 177 TYR A CG  1 
ATOM   670 C CD1 . TYR A 1 90  ? -3.898  -5.166  9.053   1.00 18.98 ? 177 TYR A CD1 1 
ATOM   671 C CD2 . TYR A 1 90  ? -4.719  -2.983  9.606   1.00 21.14 ? 177 TYR A CD2 1 
ATOM   672 C CE1 . TYR A 1 90  ? -5.102  -5.741  9.520   1.00 22.33 ? 177 TYR A CE1 1 
ATOM   673 C CE2 . TYR A 1 90  ? -5.922  -3.540  10.064  1.00 22.44 ? 177 TYR A CE2 1 
ATOM   674 C CZ  . TYR A 1 90  ? -6.098  -4.905  10.022  1.00 23.92 ? 177 TYR A CZ  1 
ATOM   675 O OH  . TYR A 1 90  ? -7.294  -5.431  10.474  1.00 27.10 ? 177 TYR A OH  1 
ATOM   676 N N   . CYS A 1 91  ? 0.630   -2.102  10.123  1.00 20.02 ? 178 CYS A N   1 
ATOM   677 C CA  . CYS A 1 91  ? 1.810   -1.337  9.754   1.00 20.11 ? 178 CYS A CA  1 
ATOM   678 C C   . CYS A 1 91  ? 2.970   -1.870  10.582  1.00 20.09 ? 178 CYS A C   1 
ATOM   679 O O   . CYS A 1 91  ? 3.274   -3.066  10.509  1.00 21.70 ? 178 CYS A O   1 
ATOM   680 C CB  . CYS A 1 91  ? 1.554   0.147   9.969   1.00 19.16 ? 178 CYS A CB  1 
ATOM   681 S SG  . CYS A 1 91  ? 0.204   0.715   8.870   1.00 20.94 ? 178 CYS A SG  1 
ATOM   682 N N   . TYR A 1 92  ? 3.578   -1.012  11.400  1.00 18.56 ? 179 TYR A N   1 
ATOM   683 C CA  . TYR A 1 92  ? 4.703   -1.454  12.226  1.00 20.90 ? 179 TYR A CA  1 
ATOM   684 C C   . TYR A 1 92  ? 4.311   -1.767  13.668  1.00 21.43 ? 179 TYR A C   1 
ATOM   685 O O   . TYR A 1 92  ? 5.161   -2.126  14.492  1.00 22.50 ? 179 TYR A O   1 
ATOM   686 C CB  . TYR A 1 92  ? 5.834   -0.446  12.161  1.00 21.60 ? 179 TYR A CB  1 
ATOM   687 C CG  . TYR A 1 92  ? 6.453   -0.413  10.806  1.00 21.58 ? 179 TYR A CG  1 
ATOM   688 C CD1 . TYR A 1 92  ? 7.377   -1.398  10.427  1.00 23.92 ? 179 TYR A CD1 1 
ATOM   689 C CD2 . TYR A 1 92  ? 6.110   0.570   9.887   1.00 22.76 ? 179 TYR A CD2 1 
ATOM   690 C CE1 . TYR A 1 92  ? 7.938   -1.396  9.184   1.00 23.60 ? 179 TYR A CE1 1 
ATOM   691 C CE2 . TYR A 1 92  ? 6.686   0.591   8.615   1.00 25.21 ? 179 TYR A CE2 1 
ATOM   692 C CZ  . TYR A 1 92  ? 7.606   -0.404  8.281   1.00 22.81 ? 179 TYR A CZ  1 
ATOM   693 O OH  . TYR A 1 92  ? 8.195   -0.417  7.036   1.00 28.54 ? 179 TYR A OH  1 
ATOM   694 N N   . GLY A 1 93  ? 3.024   -1.627  13.979  1.00 20.54 ? 180 GLY A N   1 
ATOM   695 C CA  . GLY A 1 93  ? 2.506   -2.139  15.251  1.00 21.44 ? 180 GLY A CA  1 
ATOM   696 C C   . GLY A 1 93  ? 3.229   -1.572  16.466  1.00 21.74 ? 180 GLY A C   1 
ATOM   697 O O   . GLY A 1 93  ? 3.685   -0.427  16.439  1.00 21.01 ? 180 GLY A O   1 
ATOM   698 N N   . PRO A 1 94  ? 3.345   -2.378  17.542  1.00 23.88 ? 181 PRO A N   1 
ATOM   699 C CA  . PRO A 1 94  ? 3.989   -1.955  18.794  1.00 24.88 ? 181 PRO A CA  1 
ATOM   700 C C   . PRO A 1 94  ? 5.456   -1.559  18.645  1.00 25.82 ? 181 PRO A C   1 
ATOM   701 O O   . PRO A 1 94  ? 5.923   -0.656  19.357  1.00 27.69 ? 181 PRO A O   1 
ATOM   702 C CB  . PRO A 1 94  ? 3.888   -3.206  19.686  1.00 25.57 ? 181 PRO A CB  1 
ATOM   703 C CG  . PRO A 1 94  ? 2.793   -4.014  19.096  1.00 28.03 ? 181 PRO A CG  1 
ATOM   704 C CD  . PRO A 1 94  ? 2.834   -3.757  17.625  1.00 26.30 ? 181 PRO A CD  1 
ATOM   705 N N   . GLN A 1 95  ? 6.160   -2.212  17.727  1.00 27.58 ? 182 GLN A N   1 
ATOM   706 C CA  . GLN A 1 95  ? 7.603   -2.013  17.566  1.00 29.06 ? 182 GLN A CA  1 
ATOM   707 C C   . GLN A 1 95  ? 7.929   -0.651  16.954  1.00 28.04 ? 182 GLN A C   1 
ATOM   708 O O   . GLN A 1 95  ? 8.927   -0.022  17.320  1.00 28.05 ? 182 GLN A O   1 
ATOM   709 C CB  . GLN A 1 95  ? 8.234   -3.131  16.720  1.00 29.79 ? 182 GLN A CB  1 
ATOM   710 C CG  . GLN A 1 95  ? 8.022   -4.567  17.233  1.00 36.10 ? 182 GLN A CG  1 
ATOM   711 C CD  . GLN A 1 95  ? 6.578   -5.070  17.084  1.00 40.71 ? 182 GLN A CD  1 
ATOM   712 O OE1 . GLN A 1 95  ? 5.818   -4.605  16.225  1.00 38.59 ? 182 GLN A OE1 1 
ATOM   713 N NE2 . GLN A 1 95  ? 6.201   -6.028  17.930  1.00 44.89 ? 182 GLN A NE2 1 
ATOM   714 N N   . GLY A 1 96  ? 7.084   -0.193  16.032  1.00 24.81 ? 183 GLY A N   1 
ATOM   715 C CA  . GLY A 1 96  ? 7.423   0.967   15.204  1.00 24.66 ? 183 GLY A CA  1 
ATOM   716 C C   . GLY A 1 96  ? 8.595   0.621   14.293  1.00 25.75 ? 183 GLY A C   1 
ATOM   717 O O   . GLY A 1 96  ? 8.929   -0.551  14.107  1.00 24.66 ? 183 GLY A O   1 
ATOM   718 N N   . ARG A 1 97  ? 9.204   1.647   13.709  1.00 27.15 ? 184 ARG A N   1 
ATOM   719 C CA  . ARG A 1 97  ? 10.389  1.459   12.877  1.00 29.71 ? 184 ARG A CA  1 
ATOM   720 C C   . ARG A 1 97  ? 11.318  2.609   13.188  1.00 30.62 ? 184 ARG A C   1 
ATOM   721 O O   . ARG A 1 97  ? 11.141  3.720   12.693  1.00 31.55 ? 184 ARG A O   1 
ATOM   722 C CB  . ARG A 1 97  ? 10.030  1.426   11.382  1.00 30.12 ? 184 ARG A CB  1 
ATOM   723 C CG  . ARG A 1 97  ? 11.160  0.910   10.488  1.00 32.45 ? 184 ARG A CG  1 
ATOM   724 C CD  . ARG A 1 97  ? 10.764  0.926   9.008   1.00 34.46 ? 184 ARG A CD  1 
ATOM   725 N NE  . ARG A 1 97  ? 11.895  0.618   8.125   1.00 42.03 ? 184 ARG A NE  1 
ATOM   726 C CZ  . ARG A 1 97  ? 12.454  1.478   7.271   1.00 46.25 ? 184 ARG A CZ  1 
ATOM   727 N NH1 . ARG A 1 97  ? 11.992  2.725   7.146   1.00 48.39 ? 184 ARG A NH1 1 
ATOM   728 N NH2 . ARG A 1 97  ? 13.478  1.087   6.519   1.00 49.61 ? 184 ARG A NH2 1 
ATOM   729 N N   . SER A 1 98  ? 12.285  2.344   14.059  1.00 32.81 ? 185 SER A N   1 
ATOM   730 C CA  . SER A 1 98  ? 13.255  3.344   14.465  1.00 34.86 ? 185 SER A CA  1 
ATOM   731 C C   . SER A 1 98  ? 14.047  3.862   13.277  1.00 34.62 ? 185 SER A C   1 
ATOM   732 O O   . SER A 1 98  ? 14.421  3.084   12.401  1.00 36.49 ? 185 SER A O   1 
ATOM   733 C CB  . SER A 1 98  ? 14.199  2.765   15.525  1.00 35.86 ? 185 SER A CB  1 
ATOM   734 O OG  . SER A 1 98  ? 13.587  2.834   16.802  1.00 41.49 ? 185 SER A OG  1 
ATOM   735 N N   . PRO A 1 99  ? 14.312  5.182   13.251  1.00 34.43 ? 186 PRO A N   1 
ATOM   736 C CA  . PRO A 1 99  ? 13.894  6.181   14.240  1.00 32.20 ? 186 PRO A CA  1 
ATOM   737 C C   . PRO A 1 99  ? 12.621  6.985   13.913  1.00 30.41 ? 186 PRO A C   1 
ATOM   738 O O   . PRO A 1 99  ? 12.168  7.781   14.743  1.00 31.33 ? 186 PRO A O   1 
ATOM   739 C CB  . PRO A 1 99  ? 15.105  7.138   14.285  1.00 33.16 ? 186 PRO A CB  1 
ATOM   740 C CG  . PRO A 1 99  ? 15.984  6.757   13.073  1.00 34.61 ? 186 PRO A CG  1 
ATOM   741 C CD  . PRO A 1 99  ? 15.188  5.794   12.237  1.00 34.19 ? 186 PRO A CD  1 
ATOM   742 N N   . TYR A 1 100 ? 12.038  6.777   12.737  1.00 27.75 ? 187 TYR A N   1 
ATOM   743 C CA  . TYR A 1 100 ? 11.073  7.745   12.212  1.00 25.50 ? 187 TYR A CA  1 
ATOM   744 C C   . TYR A 1 100 ? 9.627   7.380   12.434  1.00 25.26 ? 187 TYR A C   1 
ATOM   745 O O   . TYR A 1 100 ? 8.751   8.241   12.331  1.00 26.56 ? 187 TYR A O   1 
ATOM   746 C CB  . TYR A 1 100 ? 11.317  8.016   10.723  1.00 25.42 ? 187 TYR A CB  1 
ATOM   747 C CG  . TYR A 1 100 ? 12.776  8.207   10.377  1.00 24.36 ? 187 TYR A CG  1 
ATOM   748 C CD1 . TYR A 1 100 ? 13.606  9.008   11.179  1.00 24.63 ? 187 TYR A CD1 1 
ATOM   749 C CD2 . TYR A 1 100 ? 13.335  7.576   9.269   1.00 22.65 ? 187 TYR A CD2 1 
ATOM   750 C CE1 . TYR A 1 100 ? 14.950  9.175   10.872  1.00 21.89 ? 187 TYR A CE1 1 
ATOM   751 C CE2 . TYR A 1 100 ? 14.690  7.742   8.948   1.00 24.28 ? 187 TYR A CE2 1 
ATOM   752 C CZ  . TYR A 1 100 ? 15.484  8.546   9.760   1.00 21.81 ? 187 TYR A CZ  1 
ATOM   753 O OH  . TYR A 1 100 ? 16.818  8.704   9.456   1.00 23.45 ? 187 TYR A OH  1 
ATOM   754 N N   . ILE A 1 101 ? 9.367   6.108   12.732  1.00 24.08 ? 188 ILE A N   1 
ATOM   755 C CA  . ILE A 1 101 ? 7.984   5.663   12.921  1.00 22.95 ? 188 ILE A CA  1 
ATOM   756 C C   . ILE A 1 101 ? 7.814   5.183   14.362  1.00 22.95 ? 188 ILE A C   1 
ATOM   757 O O   . ILE A 1 101 ? 8.448   4.208   14.761  1.00 23.73 ? 188 ILE A O   1 
ATOM   758 C CB  . ILE A 1 101 ? 7.584   4.547   11.918  1.00 24.19 ? 188 ILE A CB  1 
ATOM   759 C CG1 . ILE A 1 101 ? 7.845   5.008   10.477  1.00 24.71 ? 188 ILE A CG1 1 
ATOM   760 C CG2 . ILE A 1 101 ? 6.105   4.146   12.131  1.00 24.43 ? 188 ILE A CG2 1 
ATOM   761 C CD1 . ILE A 1 101 ? 7.487   3.968   9.417   1.00 22.27 ? 188 ILE A CD1 1 
ATOM   762 N N   . PRO A 1 102 ? 6.964   5.871   15.144  1.00 22.74 ? 189 PRO A N   1 
ATOM   763 C CA  . PRO A 1 102 ? 6.803   5.483   16.544  1.00 23.78 ? 189 PRO A CA  1 
ATOM   764 C C   . PRO A 1 102 ? 5.901   4.263   16.704  1.00 24.71 ? 189 PRO A C   1 
ATOM   765 O O   . PRO A 1 102 ? 5.240   3.845   15.742  1.00 22.92 ? 189 PRO A O   1 
ATOM   766 C CB  . PRO A 1 102 ? 6.142   6.715   17.165  1.00 24.87 ? 189 PRO A CB  1 
ATOM   767 C CG  . PRO A 1 102 ? 5.346   7.298   16.067  1.00 27.38 ? 189 PRO A CG  1 
ATOM   768 C CD  . PRO A 1 102 ? 6.138   7.048   14.801  1.00 25.34 ? 189 PRO A CD  1 
ATOM   769 N N   . PRO A 1 103 ? 5.876   3.682   17.912  1.00 24.83 ? 190 PRO A N   1 
ATOM   770 C CA  . PRO A 1 103 ? 4.914   2.628   18.216  1.00 23.96 ? 190 PRO A CA  1 
ATOM   771 C C   . PRO A 1 103 ? 3.481   3.026   17.874  1.00 22.84 ? 190 PRO A C   1 
ATOM   772 O O   . PRO A 1 103 ? 3.099   4.201   18.021  1.00 22.92 ? 190 PRO A O   1 
ATOM   773 C CB  . PRO A 1 103 ? 5.028   2.494   19.734  1.00 25.60 ? 190 PRO A CB  1 
ATOM   774 C CG  . PRO A 1 103 ? 6.456   2.839   20.011  1.00 26.42 ? 190 PRO A CG  1 
ATOM   775 C CD  . PRO A 1 103 ? 6.787   3.944   19.046  1.00 26.25 ? 190 PRO A CD  1 
ATOM   776 N N   . HIS A 1 104 ? 2.712   2.040   17.417  1.00 22.11 ? 191 HIS A N   1 
ATOM   777 C CA  . HIS A 1 104 ? 1.273   2.191   17.223  1.00 20.95 ? 191 HIS A CA  1 
ATOM   778 C C   . HIS A 1 104 ? 0.898   3.352   16.308  1.00 21.52 ? 191 HIS A C   1 
ATOM   779 O O   . HIS A 1 104 ? -0.091  4.059   16.567  1.00 22.96 ? 191 HIS A O   1 
ATOM   780 C CB  . HIS A 1 104 ? 0.548   2.319   18.573  1.00 22.19 ? 191 HIS A CB  1 
ATOM   781 C CG  . HIS A 1 104 ? 0.916   1.256   19.559  1.00 22.07 ? 191 HIS A CG  1 
ATOM   782 N ND1 . HIS A 1 104 ? 0.688   -0.086  19.332  1.00 22.97 ? 191 HIS A ND1 1 
ATOM   783 C CD2 . HIS A 1 104 ? 1.494   1.336   20.783  1.00 25.15 ? 191 HIS A CD2 1 
ATOM   784 C CE1 . HIS A 1 104 ? 1.115   -0.788  20.368  1.00 23.85 ? 191 HIS A CE1 1 
ATOM   785 N NE2 . HIS A 1 104 ? 1.599   0.054   21.270  1.00 22.05 ? 191 HIS A NE2 1 
ATOM   786 N N   . ALA A 1 105 ? 1.669   3.525   15.230  1.00 21.25 ? 192 ALA A N   1 
ATOM   787 C CA  . ALA A 1 105 ? 1.408   4.584   14.244  1.00 22.09 ? 192 ALA A CA  1 
ATOM   788 C C   . ALA A 1 105 ? 0.543   4.110   13.084  1.00 20.67 ? 192 ALA A C   1 
ATOM   789 O O   . ALA A 1 105 ? 0.908   3.179   12.361  1.00 19.69 ? 192 ALA A O   1 
ATOM   790 C CB  . ALA A 1 105 ? 2.734   5.143   13.701  1.00 23.10 ? 192 ALA A CB  1 
ATOM   791 N N   . ALA A 1 106 ? -0.604  4.760   12.903  1.00 19.21 ? 193 ALA A N   1 
ATOM   792 C CA  . ALA A 1 106 ? -1.371  4.576   11.668  1.00 20.48 ? 193 ALA A CA  1 
ATOM   793 C C   . ALA A 1 106 ? -0.604  5.238   10.548  1.00 21.16 ? 193 ALA A C   1 
ATOM   794 O O   . ALA A 1 106 ? 0.049   6.267   10.770  1.00 21.92 ? 193 ALA A O   1 
ATOM   795 C CB  . ALA A 1 106 ? -2.725  5.211   11.806  1.00 19.18 ? 193 ALA A CB  1 
ATOM   796 N N   . LEU A 1 107 ? -0.673  4.656   9.354   1.00 19.85 ? 194 LEU A N   1 
ATOM   797 C CA  . LEU A 1 107 ? 0.076   5.200   8.221   1.00 20.40 ? 194 LEU A CA  1 
ATOM   798 C C   . LEU A 1 107 ? -0.833  5.521   7.051   1.00 21.11 ? 194 LEU A C   1 
ATOM   799 O O   . LEU A 1 107 ? -1.895  4.922   6.898   1.00 23.00 ? 194 LEU A O   1 
ATOM   800 C CB  . LEU A 1 107 ? 1.160   4.225   7.766   1.00 21.33 ? 194 LEU A CB  1 
ATOM   801 C CG  . LEU A 1 107 ? 2.216   3.806   8.791   1.00 24.42 ? 194 LEU A CG  1 
ATOM   802 C CD1 . LEU A 1 107 ? 3.190   2.846   8.126   1.00 22.96 ? 194 LEU A CD1 1 
ATOM   803 C CD2 . LEU A 1 107 ? 2.936   5.002   9.389   1.00 23.28 ? 194 LEU A CD2 1 
ATOM   804 N N   . CYS A 1 108 ? -0.413  6.494   6.246   1.00 19.47 ? 195 CYS A N   1 
ATOM   805 C CA  . CYS A 1 108 ? -1.014  6.738   4.942   1.00 20.58 ? 195 CYS A CA  1 
ATOM   806 C C   . CYS A 1 108 ? 0.030   6.312   3.929   1.00 21.20 ? 195 CYS A C   1 
ATOM   807 O O   . CYS A 1 108 ? 1.187   6.762   3.987   1.00 21.11 ? 195 CYS A O   1 
ATOM   808 C CB  . CYS A 1 108 ? -1.311  8.214   4.774   1.00 23.02 ? 195 CYS A CB  1 
ATOM   809 S SG  . CYS A 1 108 ? -2.784  8.711   5.635   1.00 30.14 ? 195 CYS A SG  1 
ATOM   810 N N   . LEU A 1 109 ? -0.372  5.436   3.014   1.00 20.09 ? 196 LEU A N   1 
ATOM   811 C CA  . LEU A 1 109 ? 0.553   4.910   2.014   1.00 20.78 ? 196 LEU A CA  1 
ATOM   812 C C   . LEU A 1 109 ? 0.112   5.313   0.628   1.00 21.66 ? 196 LEU A C   1 
ATOM   813 O O   . LEU A 1 109 ? -0.994  4.966   0.213   1.00 24.66 ? 196 LEU A O   1 
ATOM   814 C CB  . LEU A 1 109 ? 0.602   3.386   2.060   1.00 20.45 ? 196 LEU A CB  1 
ATOM   815 C CG  . LEU A 1 109 ? 0.784   2.672   3.394   1.00 24.71 ? 196 LEU A CG  1 
ATOM   816 C CD1 . LEU A 1 109 ? 0.871   1.190   3.089   1.00 26.81 ? 196 LEU A CD1 1 
ATOM   817 C CD2 . LEU A 1 109 ? 2.027   3.118   4.135   1.00 29.55 ? 196 LEU A CD2 1 
ATOM   818 N N   . GLU A 1 110 ? 0.962   6.042   -0.082  1.00 19.40 ? 197 GLU A N   1 
ATOM   819 C CA  . GLU A 1 110 ? 0.702   6.311   -1.485  1.00 19.14 ? 197 GLU A CA  1 
ATOM   820 C C   . GLU A 1 110 ? 1.537   5.320   -2.285  1.00 19.77 ? 197 GLU A C   1 
ATOM   821 O O   . GLU A 1 110 ? 2.761   5.270   -2.141  1.00 20.36 ? 197 GLU A O   1 
ATOM   822 C CB  . GLU A 1 110 ? 1.079   7.744   -1.841  1.00 21.02 ? 197 GLU A CB  1 
ATOM   823 C CG  . GLU A 1 110 ? 0.756   8.100   -3.272  1.00 22.61 ? 197 GLU A CG  1 
ATOM   824 C CD  . GLU A 1 110 ? 0.834   9.597   -3.567  1.00 26.52 ? 197 GLU A CD  1 
ATOM   825 O OE1 . GLU A 1 110 ? 0.728   10.414  -2.631  1.00 30.63 ? 197 GLU A OE1 1 
ATOM   826 O OE2 . GLU A 1 110 ? 0.983   9.945   -4.757  1.00 29.18 ? 197 GLU A OE2 1 
ATOM   827 N N   . VAL A 1 111 ? 0.880   4.545   -3.141  1.00 17.67 ? 198 VAL A N   1 
ATOM   828 C CA  . VAL A 1 111 ? 1.527   3.389   -3.768  1.00 17.83 ? 198 VAL A CA  1 
ATOM   829 C C   . VAL A 1 111 ? 1.284   3.454   -5.256  1.00 19.27 ? 198 VAL A C   1 
ATOM   830 O O   . VAL A 1 111 ? 0.142   3.540   -5.682  1.00 17.93 ? 198 VAL A O   1 
ATOM   831 C CB  . VAL A 1 111 ? 0.915   2.061   -3.247  1.00 17.70 ? 198 VAL A CB  1 
ATOM   832 C CG1 . VAL A 1 111 ? 1.623   0.864   -3.874  1.00 19.25 ? 198 VAL A CG1 1 
ATOM   833 C CG2 . VAL A 1 111 ? 0.989   1.975   -1.720  1.00 18.79 ? 198 VAL A CG2 1 
ATOM   834 N N   . THR A 1 112 ? 2.353   3.440   -6.045  1.00 17.63 ? 199 THR A N   1 
ATOM   835 C CA  . THR A 1 112 ? 2.178   3.289   -7.488  1.00 18.95 ? 199 THR A CA  1 
ATOM   836 C C   . THR A 1 112 ? 2.651   1.893   -7.835  1.00 18.12 ? 199 THR A C   1 
ATOM   837 O O   . THR A 1 112 ? 3.818   1.557   -7.592  1.00 18.29 ? 199 THR A O   1 
ATOM   838 C CB  . THR A 1 112 ? 2.982   4.334   -8.285  1.00 20.69 ? 199 THR A CB  1 
ATOM   839 O OG1 . THR A 1 112 ? 2.526   5.644   -7.925  1.00 20.37 ? 199 THR A OG1 1 
ATOM   840 C CG2 . THR A 1 112 ? 2.774   4.135   -9.797  1.00 20.08 ? 199 THR A CG2 1 
ATOM   841 N N   . LEU A 1 113 ? 1.758   1.084   -8.396  1.00 17.66 ? 200 LEU A N   1 
ATOM   842 C CA  . LEU A 1 113 ? 2.144   -0.282  -8.795  1.00 17.88 ? 200 LEU A CA  1 
ATOM   843 C C   . LEU A 1 113 ? 2.646   -0.227  -10.223 1.00 18.30 ? 200 LEU A C   1 
ATOM   844 O O   . LEU A 1 113 ? 1.887   0.113   -11.131 1.00 19.41 ? 200 LEU A O   1 
ATOM   845 C CB  . LEU A 1 113 ? 0.962   -1.252  -8.680  1.00 18.15 ? 200 LEU A CB  1 
ATOM   846 C CG  . LEU A 1 113 ? 1.143   -2.676  -9.236  1.00 17.76 ? 200 LEU A CG  1 
ATOM   847 C CD1 . LEU A 1 113 ? 2.289   -3.422  -8.515  1.00 19.73 ? 200 LEU A CD1 1 
ATOM   848 C CD2 . LEU A 1 113 ? -0.165  -3.460  -9.107  1.00 18.18 ? 200 LEU A CD2 1 
ATOM   849 N N   . LYS A 1 114 ? 3.920   -0.557  -10.425 1.00 16.29 ? 201 LYS A N   1 
ATOM   850 C CA  . LYS A 1 114 ? 4.543   -0.367  -11.736 1.00 17.58 ? 201 LYS A CA  1 
ATOM   851 C C   . LYS A 1 114 ? 4.511   -1.614  -12.603 1.00 17.34 ? 201 LYS A C   1 
ATOM   852 O O   . LYS A 1 114 ? 4.231   -1.546  -13.804 1.00 20.88 ? 201 LYS A O   1 
ATOM   853 C CB  . LYS A 1 114 ? 5.988   0.135   -11.604 1.00 18.02 ? 201 LYS A CB  1 
ATOM   854 C CG  . LYS A 1 114 ? 6.098   1.462   -10.867 1.00 19.46 ? 201 LYS A CG  1 
ATOM   855 C CD  . LYS A 1 114 ? 7.502   2.028   -11.014 1.00 20.44 ? 201 LYS A CD  1 
ATOM   856 C CE  . LYS A 1 114 ? 7.578   3.429   -10.394 1.00 23.39 ? 201 LYS A CE  1 
ATOM   857 N NZ  . LYS A 1 114 ? 8.964   4.028   -10.582 1.00 21.07 ? 201 LYS A NZ  1 
ATOM   858 N N   . THR A 1 115 ? 4.816   -2.757  -11.999 1.00 18.67 ? 202 THR A N   1 
ATOM   859 C CA  . THR A 1 115 ? 4.984   -3.999  -12.726 1.00 19.02 ? 202 THR A CA  1 
ATOM   860 C C   . THR A 1 115 ? 4.563   -5.164  -11.828 1.00 18.80 ? 202 THR A C   1 
ATOM   861 O O   . THR A 1 115 ? 4.676   -5.075  -10.616 1.00 17.37 ? 202 THR A O   1 
ATOM   862 C CB  . THR A 1 115 ? 6.459   -4.230  -13.059 1.00 22.45 ? 202 THR A CB  1 
ATOM   863 O OG1 . THR A 1 115 ? 7.205   -4.360  -11.856 1.00 31.50 ? 202 THR A OG1 1 
ATOM   864 C CG2 . THR A 1 115 ? 7.028   -3.089  -13.818 1.00 21.01 ? 202 THR A CG2 1 
ATOM   865 N N   . ALA A 1 116 ? 4.097   -6.246  -12.455 1.00 19.07 ? 203 ALA A N   1 
ATOM   866 C CA  . ALA A 1 116 ? 3.809   -7.502  -11.771 1.00 18.78 ? 203 ALA A CA  1 
ATOM   867 C C   . ALA A 1 116 ? 4.175   -8.585  -12.758 1.00 20.71 ? 203 ALA A C   1 
ATOM   868 O O   . ALA A 1 116 ? 3.573   -8.690  -13.837 1.00 20.57 ? 203 ALA A O   1 
ATOM   869 C CB  . ALA A 1 116 ? 2.333   -7.596  -11.389 1.00 18.95 ? 203 ALA A CB  1 
ATOM   870 N N   . VAL A 1 117 ? 5.188   -9.370  -12.407 1.00 19.45 ? 204 VAL A N   1 
ATOM   871 C CA  . VAL A 1 117 ? 5.701   -10.419 -13.307 1.00 21.84 ? 204 VAL A CA  1 
ATOM   872 C C   . VAL A 1 117 ? 5.909   -11.726 -12.555 1.00 22.23 ? 204 VAL A C   1 
ATOM   873 O O   . VAL A 1 117 ? 6.205   -11.720 -11.353 1.00 21.96 ? 204 VAL A O   1 
ATOM   874 C CB  . VAL A 1 117 ? 7.032   -9.983  -13.998 1.00 22.72 ? 204 VAL A CB  1 
ATOM   875 C CG1 . VAL A 1 117 ? 6.812   -8.799  -14.923 1.00 28.44 ? 204 VAL A CG1 1 
ATOM   876 C CG2 . VAL A 1 117 ? 8.093   -9.658  -12.974 1.00 24.86 ? 204 VAL A CG2 1 
ATOM   877 N N   . ASP A 1 118 ? 5.755   -12.856 -13.252 1.00 23.66 ? 205 ASP A N   1 
ATOM   878 C CA  . ASP A 1 118 ? 5.902   -14.156 -12.593 1.00 24.66 ? 205 ASP A CA  1 
ATOM   879 C C   . ASP A 1 118 ? 7.314   -14.394 -12.058 1.00 27.90 ? 205 ASP A C   1 
ATOM   880 O O   . ASP A 1 118 ? 8.275   -13.933 -12.655 1.00 29.93 ? 205 ASP A O   1 
ATOM   881 C CB  . ASP A 1 118 ? 5.513   -15.290 -13.545 1.00 26.13 ? 205 ASP A CB  1 
ATOM   882 C CG  . ASP A 1 118 ? 4.034   -15.271 -13.897 1.00 31.69 ? 205 ASP A CG  1 
ATOM   883 O OD1 . ASP A 1 118 ? 3.273   -14.510 -13.262 1.00 31.04 ? 205 ASP A OD1 1 
ATOM   884 O OD2 . ASP A 1 118 ? 3.631   -16.021 -14.820 1.00 37.91 ? 205 ASP A OD2 1 
HETATM 885 O O   . HOH B 2 .   ? 5.487   -9.626  0.545   1.00 17.20 ? 206 HOH A O   1 
HETATM 886 O O   . HOH B 2 .   ? -11.120 4.693   -5.567  1.00 22.09 ? 207 HOH A O   1 
HETATM 887 O O   . HOH B 2 .   ? 9.892   -10.303 -1.461  1.00 18.49 ? 208 HOH A O   1 
HETATM 888 O O   . HOH B 2 .   ? 2.575   -5.484  9.067   1.00 21.92 ? 209 HOH A O   1 
HETATM 889 O O   . HOH B 2 .   ? -10.338 -3.186  6.335   1.00 20.78 ? 210 HOH A O   1 
HETATM 890 O O   . HOH B 2 .   ? 10.667  -12.544 -2.815  1.00 18.71 ? 211 HOH A O   1 
HETATM 891 O O   . HOH B 2 .   ? -6.998  1.292   -11.755 1.00 21.61 ? 212 HOH A O   1 
HETATM 892 O O   . HOH B 2 .   ? 3.538   -5.914  -15.332 1.00 23.99 ? 213 HOH A O   1 
HETATM 893 O O   . HOH B 2 .   ? 13.318  1.977   -3.523  1.00 24.69 ? 214 HOH A O   1 
HETATM 894 O O   . HOH B 2 .   ? -0.361  -13.991 1.562   1.00 27.91 ? 215 HOH A O   1 
HETATM 895 O O   . HOH B 2 .   ? 3.261   1.724   11.998  1.00 20.16 ? 216 HOH A O   1 
HETATM 896 O O   . HOH B 2 .   ? -7.825  4.447   -17.002 1.00 20.65 ? 217 HOH A O   1 
HETATM 897 O O   . HOH B 2 .   ? -0.213  -1.037  16.892  1.00 22.38 ? 218 HOH A O   1 
HETATM 898 O O   . HOH B 2 .   ? -4.097  2.946   14.238  1.00 23.96 ? 219 HOH A O   1 
HETATM 899 O O   . HOH B 2 .   ? 8.164   -6.331  -10.727 1.00 21.01 ? 220 HOH A O   1 
HETATM 900 O O   . HOH B 2 .   ? -16.905 -0.884  5.084   1.00 23.08 ? 221 HOH A O   1 
HETATM 901 O O   . HOH B 2 .   ? -2.253  5.269   -15.694 1.00 30.39 ? 222 HOH A O   1 
HETATM 902 O O   . HOH B 2 .   ? 15.049  -0.820  -12.841 1.00 27.81 ? 223 HOH A O   1 
HETATM 903 O O   . HOH B 2 .   ? 11.484  -3.076  -11.155 1.00 24.32 ? 224 HOH A O   1 
HETATM 904 O O   . HOH B 2 .   ? -5.164  -9.630  -6.965  1.00 22.01 ? 225 HOH A O   1 
HETATM 905 O O   . HOH B 2 .   ? -13.905 -0.116  12.083  1.00 27.42 ? 226 HOH A O   1 
HETATM 906 O O   . HOH B 2 .   ? -0.299  6.004   -11.581 1.00 22.77 ? 227 HOH A O   1 
HETATM 907 O O   . HOH B 2 .   ? 7.325   -2.849  4.508   1.00 29.52 ? 228 HOH A O   1 
HETATM 908 O O   . HOH B 2 .   ? 13.499  -3.247  -3.528  1.00 25.87 ? 229 HOH A O   1 
HETATM 909 O O   . HOH B 2 .   ? 4.108   1.652   14.598  1.00 21.47 ? 230 HOH A O   1 
HETATM 910 O O   . HOH B 2 .   ? 10.553  1.953   -9.586  1.00 26.93 ? 231 HOH A O   1 
HETATM 911 O O   . HOH B 2 .   ? -15.726 -1.474  0.487   1.00 28.44 ? 232 HOH A O   1 
HETATM 912 O O   . HOH B 2 .   ? 8.429   -14.881 -6.355  1.00 31.82 ? 233 HOH A O   1 
HETATM 913 O O   . HOH B 2 .   ? -1.460  6.874   14.711  1.00 35.31 ? 234 HOH A O   1 
HETATM 914 O O   . HOH B 2 .   ? -10.452 1.671   -5.620  1.00 32.13 ? 235 HOH A O   1 
HETATM 915 O O   . HOH B 2 .   ? -8.484  -0.336  -8.586  1.00 29.04 ? 236 HOH A O   1 
HETATM 916 O O   . HOH B 2 .   ? 0.346   8.515   12.339  1.00 31.37 ? 237 HOH A O   1 
HETATM 917 O O   . HOH B 2 .   ? 12.723  6.235   2.918   1.00 30.57 ? 238 HOH A O   1 
HETATM 918 O O   . HOH B 2 .   ? 10.048  -14.143 -0.277  1.00 28.76 ? 239 HOH A O   1 
HETATM 919 O O   . HOH B 2 .   ? -7.487  -7.897  10.713  1.00 31.95 ? 240 HOH A O   1 
HETATM 920 O O   . HOH B 2 .   ? 5.580   6.725   -9.034  1.00 38.16 ? 241 HOH A O   1 
HETATM 921 O O   . HOH B 2 .   ? -0.703  -9.953  -13.272 1.00 36.12 ? 242 HOH A O   1 
HETATM 922 O O   . HOH B 2 .   ? 12.927  7.100   5.698   1.00 29.71 ? 243 HOH A O   1 
HETATM 923 O O   . HOH B 2 .   ? -11.456 -0.572  -9.132  1.00 58.12 ? 244 HOH A O   1 
HETATM 924 O O   . HOH B 2 .   ? 1.789   9.160   1.968   1.00 28.63 ? 245 HOH A O   1 
HETATM 925 O O   . HOH B 2 .   ? -2.134  -5.433  -16.345 1.00 37.85 ? 246 HOH A O   1 
HETATM 926 O O   . HOH B 2 .   ? -15.192 -4.974  2.798   1.00 37.30 ? 247 HOH A O   1 
HETATM 927 O O   . HOH B 2 .   ? -8.034  -7.511  -12.720 1.00 36.04 ? 248 HOH A O   1 
HETATM 928 O O   . HOH B 2 .   ? 1.625   -3.311  22.355  1.00 31.31 ? 249 HOH A O   1 
HETATM 929 O O   . HOH B 2 .   ? -17.751 -6.328  6.422   1.00 31.81 ? 250 HOH A O   1 
HETATM 930 O O   . HOH B 2 .   ? 9.532   -2.419  2.862   1.00 38.95 ? 251 HOH A O   1 
HETATM 931 O O   . HOH B 2 .   ? -9.565  2.391   -11.765 1.00 29.85 ? 252 HOH A O   1 
HETATM 932 O O   . HOH B 2 .   ? 6.768   9.979   1.636   1.00 27.58 ? 253 HOH A O   1 
HETATM 933 O O   . HOH B 2 .   ? -9.992  -8.883  9.913   1.00 32.05 ? 254 HOH A O   1 
HETATM 934 O O   . HOH B 2 .   ? 3.698   6.573   -4.933  1.00 35.55 ? 255 HOH A O   1 
HETATM 935 O O   . HOH B 2 .   ? 0.700   12.016  13.106  1.00 43.33 ? 256 HOH A O   1 
HETATM 936 O O   . HOH B 2 .   ? 9.017   -9.412  6.842   1.00 32.84 ? 257 HOH A O   1 
HETATM 937 O O   . HOH B 2 .   ? -7.891  12.137  -5.085  1.00 38.81 ? 258 HOH A O   1 
HETATM 938 O O   . HOH B 2 .   ? -12.507 -8.149  9.195   1.00 29.87 ? 259 HOH A O   1 
HETATM 939 O O   . HOH B 2 .   ? -14.994 1.786   2.399   1.00 30.69 ? 260 HOH A O   1 
HETATM 940 O O   . HOH B 2 .   ? 10.214  -4.999  4.375   1.00 37.68 ? 261 HOH A O   1 
HETATM 941 O O   . HOH B 2 .   ? -10.168 13.645  -5.626  1.00 37.31 ? 262 HOH A O   1 
HETATM 942 O O   . HOH B 2 .   ? -8.318  -1.088  -15.445 1.00 42.35 ? 263 HOH A O   1 
HETATM 943 O O   . HOH B 2 .   ? -6.976  11.613  -7.240  1.00 38.60 ? 264 HOH A O   1 
HETATM 944 O O   . HOH B 2 .   ? -9.121  -4.514  -12.898 1.00 42.03 ? 265 HOH A O   1 
HETATM 945 O O   . HOH B 2 .   ? 12.155  4.791   10.419  1.00 32.93 ? 266 HOH A O   1 
HETATM 946 O O   . HOH B 2 .   ? 1.825   10.669  0.039   1.00 39.77 ? 267 HOH A O   1 
HETATM 947 O O   . HOH B 2 .   ? -2.944  2.780   17.129  1.00 32.98 ? 268 HOH A O   1 
HETATM 948 O O   . HOH B 2 .   ? 6.030   -15.949 3.880   1.00 40.41 ? 269 HOH A O   1 
HETATM 949 O O   . HOH B 2 .   ? 3.417   17.064  12.889  1.00 67.82 ? 270 HOH A O   1 
HETATM 950 O O   . HOH B 2 .   ? -7.948  2.695   13.060  1.00 35.00 ? 271 HOH A O   1 
HETATM 951 O O   . HOH B 2 .   ? 1.852   -16.071 -9.279  1.00 41.09 ? 272 HOH A O   1 
HETATM 952 O O   . HOH B 2 .   ? 2.426   13.658  3.523   1.00 43.64 ? 273 HOH A O   1 
HETATM 953 O O   . HOH B 2 .   ? 18.030  6.853   7.917   1.00 41.29 ? 274 HOH A O   1 
HETATM 954 O O   . HOH B 2 .   ? -6.017  -8.568  -0.076  1.00 34.80 ? 275 HOH A O   1 
HETATM 955 O O   . HOH B 2 .   ? -7.934  3.199   8.029   1.00 41.14 ? 276 HOH A O   1 
HETATM 956 O O   . HOH B 2 .   ? -0.094  -10.910 3.011   1.00 42.96 ? 277 HOH A O   1 
HETATM 957 O O   . HOH B 2 .   ? 16.079  6.390   5.529   1.00 48.37 ? 278 HOH A O   1 
HETATM 958 O O   . HOH B 2 .   ? 2.574   -8.873  4.807   1.00 37.92 ? 279 HOH A O   1 
HETATM 959 O O   . HOH B 2 .   ? 8.232   -17.063 -2.714  1.00 37.93 ? 280 HOH A O   1 
HETATM 960 O O   . HOH B 2 .   ? 8.667   6.486   -9.496  1.00 37.45 ? 281 HOH A O   1 
HETATM 961 O O   . HOH B 2 .   ? 1.347   8.843   -9.208  1.00 37.32 ? 282 HOH A O   1 
HETATM 962 O O   . HOH B 2 .   ? -19.101 11.109  -7.036  1.00 35.57 ? 283 HOH A O   1 
HETATM 963 O O   . HOH B 2 .   ? -10.448 2.751   14.463  1.00 42.03 ? 284 HOH A O   1 
HETATM 964 O O   . HOH B 2 .   ? -4.208  -6.661  -18.408 1.00 45.68 ? 285 HOH A O   1 
HETATM 965 O O   . HOH B 2 .   ? 12.132  3.464   3.958   1.00 39.36 ? 286 HOH A O   1 
HETATM 966 O O   . HOH B 2 .   ? 13.135  -0.197  -1.721  1.00 45.57 ? 287 HOH A O   1 
HETATM 967 O O   . HOH B 2 .   ? -4.514  -14.280 0.605   1.00 43.88 ? 288 HOH A O   1 
HETATM 968 O O   . HOH B 2 .   ? 13.547  9.785   0.101   1.00 46.69 ? 289 HOH A O   1 
HETATM 969 O O   . HOH B 2 .   ? -15.474 3.774   -10.195 1.00 37.81 ? 290 HOH A O   1 
HETATM 970 O O   . HOH B 2 .   ? 15.470  -2.639  -8.905  1.00 37.81 ? 291 HOH A O   1 
HETATM 971 O O   . HOH B 2 .   ? 2.650   8.290   14.636  1.00 43.02 ? 292 HOH A O   1 
HETATM 972 O O   . HOH B 2 .   ? -2.656  12.327  -12.756 1.00 34.09 ? 293 HOH A O   1 
HETATM 973 O O   . HOH B 2 .   ? 10.933  5.176   8.138   1.00 40.09 ? 294 HOH A O   1 
HETATM 974 O O   . HOH B 2 .   ? 1.542   -10.240 6.616   1.00 45.60 ? 295 HOH A O   1 
HETATM 975 O O   . HOH B 2 .   ? 0.087   19.049  9.836   1.00 41.23 ? 296 HOH A O   1 
HETATM 976 O O   . HOH B 2 .   ? 14.469  3.742   9.556   1.00 50.86 ? 297 HOH A O   1 
HETATM 977 O O   . HOH B 2 .   ? -4.741  8.760   8.809   1.00 49.25 ? 298 HOH A O   1 
HETATM 978 O O   . HOH B 2 .   ? -9.789  6.422   4.837   1.00 44.07 ? 299 HOH A O   1 
HETATM 979 O O   . HOH B 2 .   ? -8.531  -3.143  -9.244  1.00 48.32 ? 300 HOH A O   1 
HETATM 980 O O   . HOH B 2 .   ? 4.869   -7.168  8.988   1.00 45.13 ? 301 HOH A O   1 
HETATM 981 O O   . HOH B 2 .   ? -16.992 1.211   -0.478  1.00 45.43 ? 302 HOH A O   1 
HETATM 982 O O   . HOH B 2 .   ? -13.042 -7.415  -6.562  1.00 48.51 ? 303 HOH A O   1 
HETATM 983 O O   . HOH B 2 .   ? 2.568   -0.899  23.645  1.00 49.10 ? 304 HOH A O   1 
HETATM 984 O O   . HOH B 2 .   ? 1.167   -7.601  -15.147 1.00 38.60 ? 305 HOH A O   1 
HETATM 985 O O   . HOH B 2 .   ? -13.143 5.941   8.131   1.00 62.00 ? 306 HOH A O   1 
HETATM 986 O O   . HOH B 2 .   ? -0.512  12.054  5.464   1.00 48.78 ? 307 HOH A O   1 
HETATM 987 O O   . HOH B 2 .   ? 4.025   10.414  1.842   1.00 36.54 ? 308 HOH A O   1 
HETATM 988 O O   . HOH B 2 .   ? -4.259  -14.442 3.287   1.00 50.20 ? 309 HOH A O   1 
HETATM 989 O O   . HOH B 2 .   ? -5.624  11.946  -10.089 1.00 32.59 ? 310 HOH A O   1 
HETATM 990 O O   . HOH B 2 .   ? 5.981   -0.380  22.117  1.00 43.55 ? 311 HOH A O   1 
HETATM 991 O O   . HOH B 2 .   ? -0.845  12.582  -10.747 1.00 43.10 ? 312 HOH A O   1 
HETATM 992 O O   . HOH B 2 .   ? -17.196 4.047   -1.839  1.00 51.86 ? 313 HOH A O   1 
HETATM 993 O O   . HOH B 2 .   ? 14.105  4.773   6.378   1.00 59.82 ? 314 HOH A O   1 
HETATM 994 O O   . HOH B 2 .   ? 8.706   -4.003  6.594   1.00 42.35 ? 315 HOH A O   1 
HETATM 995 O O   . HOH B 2 .   ? -3.945  6.277   8.498   1.00 45.51 ? 316 HOH A O   1 
HETATM 996 O O   . HOH B 2 .   ? -12.845 0.516   -6.643  1.00 41.78 ? 317 HOH A O   1 
HETATM 997 O O   . HOH B 2 .   ? -8.507  1.414   15.513  1.00 43.50 ? 318 HOH A O   1 
HETATM 998 O O   . HOH B 2 .   ? -11.896 -8.975  2.810   1.00 61.83 ? 319 HOH A O   1 
HETATM 999 O O   . HOH B 2 .   ? -5.804  0.566   -22.735 1.00 46.86 ? 320 HOH A O   1 
# 
loop_
_pdbx_poly_seq_scheme.asym_id 
_pdbx_poly_seq_scheme.entity_id 
_pdbx_poly_seq_scheme.seq_id 
_pdbx_poly_seq_scheme.mon_id 
_pdbx_poly_seq_scheme.ndb_seq_num 
_pdbx_poly_seq_scheme.pdb_seq_num 
_pdbx_poly_seq_scheme.auth_seq_num 
_pdbx_poly_seq_scheme.pdb_mon_id 
_pdbx_poly_seq_scheme.auth_mon_id 
_pdbx_poly_seq_scheme.pdb_strand_id 
_pdbx_poly_seq_scheme.pdb_ins_code 
_pdbx_poly_seq_scheme.hetero 
A 1 1   GLY 1   88  88  GLY GLY A . n 
A 1 2   SER 2   89  89  SER SER A . n 
A 1 3   PRO 3   90  90  PRO PRO A . n 
A 1 4   GLU 4   91  91  GLU GLU A . n 
A 1 5   GLU 5   92  92  GLU GLU A . n 
A 1 6   TRP 6   93  93  TRP TRP A . n 
A 1 7   LEU 7   94  94  LEU LEU A . n 
A 1 8   ASP 8   95  95  ASP ASP A . n 
A 1 9   ILE 9   96  96  ILE ILE A . n 
A 1 10  LEU 10  97  97  LEU LEU A . n 
A 1 11  GLY 11  98  98  GLY GLY A . n 
A 1 12  ASN 12  99  99  ASN ASN A . n 
A 1 13  GLY 13  100 100 GLY GLY A . n 
A 1 14  LEU 14  101 101 LEU LEU A . n 
A 1 15  LEU 15  102 102 LEU LEU A . n 
A 1 16  ARG 16  103 103 ARG ARG A . n 
A 1 17  LYS 17  104 104 LYS LYS A . n 
A 1 18  LYS 18  105 105 LYS LYS A . n 
A 1 19  THR 19  106 106 THR THR A . n 
A 1 20  LEU 20  107 107 LEU LEU A . n 
A 1 21  VAL 21  108 108 VAL VAL A . n 
A 1 22  PRO 22  109 109 PRO PRO A . n 
A 1 23  GLY 23  110 110 GLY GLY A . n 
A 1 24  PRO 24  111 111 PRO PRO A . n 
A 1 25  PRO 25  112 112 PRO PRO A . n 
A 1 26  GLY 26  113 113 GLY GLY A . n 
A 1 27  SER 27  114 114 SER SER A . n 
A 1 28  SER 28  115 115 SER SER A . n 
A 1 29  ARG 29  116 116 ARG ARG A . n 
A 1 30  PRO 30  117 117 PRO PRO A . n 
A 1 31  VAL 31  118 118 VAL VAL A . n 
A 1 32  LYS 32  119 119 LYS LYS A . n 
A 1 33  GLY 33  120 120 GLY GLY A . n 
A 1 34  GLN 34  121 121 GLN GLN A . n 
A 1 35  VAL 35  122 122 VAL VAL A . n 
A 1 36  VAL 36  123 123 VAL VAL A . n 
A 1 37  THR 37  124 124 THR THR A . n 
A 1 38  VAL 38  125 125 VAL VAL A . n 
A 1 39  HIS 39  126 126 HIS HIS A . n 
A 1 40  LEU 40  127 127 LEU LEU A . n 
A 1 41  GLN 41  128 128 GLN GLN A . n 
A 1 42  THR 42  129 129 THR THR A . n 
A 1 43  SER 43  130 130 SER SER A . n 
A 1 44  LEU 44  131 131 LEU LEU A . n 
A 1 45  GLU 45  132 132 GLU GLU A . n 
A 1 46  ASN 46  133 133 ASN ASN A . n 
A 1 47  GLY 47  134 134 GLY GLY A . n 
A 1 48  THR 48  135 135 THR THR A . n 
A 1 49  ARG 49  136 136 ARG ARG A . n 
A 1 50  VAL 50  137 137 VAL VAL A . n 
A 1 51  GLN 51  138 138 GLN GLN A . n 
A 1 52  GLU 52  139 139 GLU GLU A . n 
A 1 53  GLU 53  140 140 GLU GLU A . n 
A 1 54  PRO 54  141 141 PRO PRO A . n 
A 1 55  GLU 55  142 142 GLU GLU A . n 
A 1 56  LEU 56  143 143 LEU LEU A . n 
A 1 57  VAL 57  144 144 VAL VAL A . n 
A 1 58  PHE 58  145 145 PHE PHE A . n 
A 1 59  THR 59  146 146 THR THR A . n 
A 1 60  LEU 60  147 147 LEU LEU A . n 
A 1 61  GLY 61  148 148 GLY GLY A . n 
A 1 62  ASP 62  149 149 ASP ASP A . n 
A 1 63  CYS 63  150 150 CYS CYS A . n 
A 1 64  ASP 64  151 151 ASP ASP A . n 
A 1 65  VAL 65  152 152 VAL VAL A . n 
A 1 66  ILE 66  153 153 ILE ILE A . n 
A 1 67  GLN 67  154 154 GLN GLN A . n 
A 1 68  ALA 68  155 155 ALA ALA A . n 
A 1 69  LEU 69  156 156 LEU LEU A . n 
A 1 70  ASP 70  157 157 ASP ASP A . n 
A 1 71  LEU 71  158 158 LEU LEU A . n 
A 1 72  SER 72  159 159 SER SER A . n 
A 1 73  VAL 73  160 160 VAL VAL A . n 
A 1 74  PRO 74  161 161 PRO PRO A . n 
A 1 75  LEU 75  162 162 LEU LEU A . n 
A 1 76  MET 76  163 163 MET MET A . n 
A 1 77  ASP 77  164 164 ASP ASP A . n 
A 1 78  VAL 78  165 165 VAL VAL A . n 
A 1 79  GLY 79  166 166 GLY GLY A . n 
A 1 80  GLU 80  167 167 GLU GLU A . n 
A 1 81  THR 81  168 168 THR THR A . n 
A 1 82  ALA 82  169 169 ALA ALA A . n 
A 1 83  MET 83  170 170 MET MET A . n 
A 1 84  VAL 84  171 171 VAL VAL A . n 
A 1 85  THR 85  172 172 THR THR A . n 
A 1 86  ALA 86  173 173 ALA ALA A . n 
A 1 87  ASP 87  174 174 ASP ASP A . n 
A 1 88  SER 88  175 175 SER SER A . n 
A 1 89  LYS 89  176 176 LYS LYS A . n 
A 1 90  TYR 90  177 177 TYR TYR A . n 
A 1 91  CYS 91  178 178 CYS CYS A . n 
A 1 92  TYR 92  179 179 TYR TYR A . n 
A 1 93  GLY 93  180 180 GLY GLY A . n 
A 1 94  PRO 94  181 181 PRO PRO A . n 
A 1 95  GLN 95  182 182 GLN GLN A . n 
A 1 96  GLY 96  183 183 GLY GLY A . n 
A 1 97  ARG 97  184 184 ARG ARG A . n 
A 1 98  SER 98  185 185 SER SER A . n 
A 1 99  PRO 99  186 186 PRO PRO A . n 
A 1 100 TYR 100 187 187 TYR TYR A . n 
A 1 101 ILE 101 188 188 ILE ILE A . n 
A 1 102 PRO 102 189 189 PRO PRO A . n 
A 1 103 PRO 103 190 190 PRO PRO A . n 
A 1 104 HIS 104 191 191 HIS HIS A . n 
A 1 105 ALA 105 192 192 ALA ALA A . n 
A 1 106 ALA 106 193 193 ALA ALA A . n 
A 1 107 LEU 107 194 194 LEU LEU A . n 
A 1 108 CYS 108 195 195 CYS CYS A . n 
A 1 109 LEU 109 196 196 LEU LEU A . n 
A 1 110 GLU 110 197 197 GLU GLU A . n 
A 1 111 VAL 111 198 198 VAL VAL A . n 
A 1 112 THR 112 199 199 THR THR A . n 
A 1 113 LEU 113 200 200 LEU LEU A . n 
A 1 114 LYS 114 201 201 LYS LYS A . n 
A 1 115 THR 115 202 202 THR THR A . n 
A 1 116 ALA 116 203 203 ALA ALA A . n 
A 1 117 VAL 117 204 204 VAL VAL A . n 
A 1 118 ASP 118 205 205 ASP ASP A . n 
# 
_pdbx_SG_project.id                    1 
_pdbx_SG_project.project_name          ? 
_pdbx_SG_project.full_name_of_center   'Structural Genomics Consortium' 
_pdbx_SG_project.initial_of_center     SGC 
# 
loop_
_pdbx_nonpoly_scheme.asym_id 
_pdbx_nonpoly_scheme.entity_id 
_pdbx_nonpoly_scheme.mon_id 
_pdbx_nonpoly_scheme.ndb_seq_num 
_pdbx_nonpoly_scheme.pdb_seq_num 
_pdbx_nonpoly_scheme.auth_seq_num 
_pdbx_nonpoly_scheme.pdb_mon_id 
_pdbx_nonpoly_scheme.auth_mon_id 
_pdbx_nonpoly_scheme.pdb_strand_id 
_pdbx_nonpoly_scheme.pdb_ins_code 
B 2 HOH 1   206 1   HOH HOH A . 
B 2 HOH 2   207 2   HOH HOH A . 
B 2 HOH 3   208 3   HOH HOH A . 
B 2 HOH 4   209 4   HOH HOH A . 
B 2 HOH 5   210 5   HOH HOH A . 
B 2 HOH 6   211 6   HOH HOH A . 
B 2 HOH 7   212 7   HOH HOH A . 
B 2 HOH 8   213 8   HOH HOH A . 
B 2 HOH 9   214 9   HOH HOH A . 
B 2 HOH 10  215 10  HOH HOH A . 
B 2 HOH 11  216 11  HOH HOH A . 
B 2 HOH 12  217 12  HOH HOH A . 
B 2 HOH 13  218 13  HOH HOH A . 
B 2 HOH 14  219 14  HOH HOH A . 
B 2 HOH 15  220 15  HOH HOH A . 
B 2 HOH 16  221 16  HOH HOH A . 
B 2 HOH 17  222 17  HOH HOH A . 
B 2 HOH 18  223 18  HOH HOH A . 
B 2 HOH 19  224 19  HOH HOH A . 
B 2 HOH 20  225 20  HOH HOH A . 
B 2 HOH 21  226 21  HOH HOH A . 
B 2 HOH 22  227 22  HOH HOH A . 
B 2 HOH 23  228 23  HOH HOH A . 
B 2 HOH 24  229 24  HOH HOH A . 
B 2 HOH 25  230 25  HOH HOH A . 
B 2 HOH 26  231 26  HOH HOH A . 
B 2 HOH 27  232 27  HOH HOH A . 
B 2 HOH 28  233 28  HOH HOH A . 
B 2 HOH 29  234 29  HOH HOH A . 
B 2 HOH 30  235 30  HOH HOH A . 
B 2 HOH 31  236 31  HOH HOH A . 
B 2 HOH 32  237 32  HOH HOH A . 
B 2 HOH 33  238 33  HOH HOH A . 
B 2 HOH 34  239 34  HOH HOH A . 
B 2 HOH 35  240 35  HOH HOH A . 
B 2 HOH 36  241 36  HOH HOH A . 
B 2 HOH 37  242 37  HOH HOH A . 
B 2 HOH 38  243 38  HOH HOH A . 
B 2 HOH 39  244 39  HOH HOH A . 
B 2 HOH 40  245 40  HOH HOH A . 
B 2 HOH 41  246 41  HOH HOH A . 
B 2 HOH 42  247 42  HOH HOH A . 
B 2 HOH 43  248 43  HOH HOH A . 
B 2 HOH 44  249 44  HOH HOH A . 
B 2 HOH 45  250 45  HOH HOH A . 
B 2 HOH 46  251 46  HOH HOH A . 
B 2 HOH 47  252 47  HOH HOH A . 
B 2 HOH 48  253 48  HOH HOH A . 
B 2 HOH 49  254 49  HOH HOH A . 
B 2 HOH 50  255 50  HOH HOH A . 
B 2 HOH 51  256 51  HOH HOH A . 
B 2 HOH 52  257 52  HOH HOH A . 
B 2 HOH 53  258 53  HOH HOH A . 
B 2 HOH 54  259 54  HOH HOH A . 
B 2 HOH 55  260 55  HOH HOH A . 
B 2 HOH 56  261 56  HOH HOH A . 
B 2 HOH 57  262 57  HOH HOH A . 
B 2 HOH 58  263 58  HOH HOH A . 
B 2 HOH 59  264 59  HOH HOH A . 
B 2 HOH 60  265 60  HOH HOH A . 
B 2 HOH 61  266 61  HOH HOH A . 
B 2 HOH 62  267 62  HOH HOH A . 
B 2 HOH 63  268 63  HOH HOH A . 
B 2 HOH 64  269 64  HOH HOH A . 
B 2 HOH 65  270 65  HOH HOH A . 
B 2 HOH 66  271 66  HOH HOH A . 
B 2 HOH 67  272 67  HOH HOH A . 
B 2 HOH 68  273 68  HOH HOH A . 
B 2 HOH 69  274 69  HOH HOH A . 
B 2 HOH 70  275 70  HOH HOH A . 
B 2 HOH 71  276 71  HOH HOH A . 
B 2 HOH 72  277 72  HOH HOH A . 
B 2 HOH 73  278 73  HOH HOH A . 
B 2 HOH 74  279 74  HOH HOH A . 
B 2 HOH 75  280 75  HOH HOH A . 
B 2 HOH 76  281 76  HOH HOH A . 
B 2 HOH 77  282 77  HOH HOH A . 
B 2 HOH 78  283 78  HOH HOH A . 
B 2 HOH 79  284 79  HOH HOH A . 
B 2 HOH 80  285 80  HOH HOH A . 
B 2 HOH 81  286 81  HOH HOH A . 
B 2 HOH 82  287 82  HOH HOH A . 
B 2 HOH 83  288 83  HOH HOH A . 
B 2 HOH 84  289 84  HOH HOH A . 
B 2 HOH 85  290 85  HOH HOH A . 
B 2 HOH 86  291 86  HOH HOH A . 
B 2 HOH 87  292 87  HOH HOH A . 
B 2 HOH 88  293 88  HOH HOH A . 
B 2 HOH 89  294 89  HOH HOH A . 
B 2 HOH 90  295 90  HOH HOH A . 
B 2 HOH 91  296 91  HOH HOH A . 
B 2 HOH 92  297 92  HOH HOH A . 
B 2 HOH 93  298 93  HOH HOH A . 
B 2 HOH 94  299 94  HOH HOH A . 
B 2 HOH 95  300 95  HOH HOH A . 
B 2 HOH 96  301 96  HOH HOH A . 
B 2 HOH 97  302 97  HOH HOH A . 
B 2 HOH 98  303 98  HOH HOH A . 
B 2 HOH 99  304 99  HOH HOH A . 
B 2 HOH 100 305 100 HOH HOH A . 
B 2 HOH 101 306 101 HOH HOH A . 
B 2 HOH 102 307 102 HOH HOH A . 
B 2 HOH 103 308 103 HOH HOH A . 
B 2 HOH 104 309 104 HOH HOH A . 
B 2 HOH 105 310 105 HOH HOH A . 
B 2 HOH 106 311 106 HOH HOH A . 
B 2 HOH 107 312 107 HOH HOH A . 
B 2 HOH 108 313 108 HOH HOH A . 
B 2 HOH 109 314 109 HOH HOH A . 
B 2 HOH 110 315 110 HOH HOH A . 
B 2 HOH 111 316 111 HOH HOH A . 
B 2 HOH 112 317 112 HOH HOH A . 
B 2 HOH 113 318 113 HOH HOH A . 
B 2 HOH 114 319 114 HOH HOH A . 
B 2 HOH 115 320 115 HOH HOH A . 
# 
_pdbx_struct_assembly.id                   1 
_pdbx_struct_assembly.details              author_defined_assembly 
_pdbx_struct_assembly.method_details       ? 
_pdbx_struct_assembly.oligomeric_details   monomeric 
_pdbx_struct_assembly.oligomeric_count     1 
# 
_pdbx_struct_assembly_gen.assembly_id       1 
_pdbx_struct_assembly_gen.oper_expression   1 
_pdbx_struct_assembly_gen.asym_id_list      A,B 
# 
_pdbx_struct_oper_list.id                   1 
_pdbx_struct_oper_list.type                 'identity operation' 
_pdbx_struct_oper_list.name                 1_555 
_pdbx_struct_oper_list.symmetry_operation   x,y,z 
_pdbx_struct_oper_list.matrix[1][1]         1.0000000000 
_pdbx_struct_oper_list.matrix[1][2]         0.0000000000 
_pdbx_struct_oper_list.matrix[1][3]         0.0000000000 
_pdbx_struct_oper_list.vector[1]            0.0000000000 
_pdbx_struct_oper_list.matrix[2][1]         0.0000000000 
_pdbx_struct_oper_list.matrix[2][2]         1.0000000000 
_pdbx_struct_oper_list.matrix[2][3]         0.0000000000 
_pdbx_struct_oper_list.vector[2]            0.0000000000 
_pdbx_struct_oper_list.matrix[3][1]         0.0000000000 
_pdbx_struct_oper_list.matrix[3][2]         0.0000000000 
_pdbx_struct_oper_list.matrix[3][3]         1.0000000000 
_pdbx_struct_oper_list.vector[3]            0.0000000000 
# 
loop_
_pdbx_audit_revision_history.ordinal 
_pdbx_audit_revision_history.data_content_type 
_pdbx_audit_revision_history.major_revision 
_pdbx_audit_revision_history.minor_revision 
_pdbx_audit_revision_history.revision_date 
1 'Structure model' 1 0 2005-09-27 
2 'Structure model' 1 1 2008-05-01 
3 'Structure model' 1 2 2011-07-13 
4 'Structure model' 1 3 2023-08-23 
# 
_pdbx_audit_revision_details.ordinal             1 
_pdbx_audit_revision_details.revision_ordinal    1 
_pdbx_audit_revision_details.data_content_type   'Structure model' 
_pdbx_audit_revision_details.provider            repository 
_pdbx_audit_revision_details.type                'Initial release' 
_pdbx_audit_revision_details.description         ? 
_pdbx_audit_revision_details.details             ? 
# 
loop_
_pdbx_audit_revision_group.ordinal 
_pdbx_audit_revision_group.revision_ordinal 
_pdbx_audit_revision_group.data_content_type 
_pdbx_audit_revision_group.group 
1 2 'Structure model' 'Version format compliance' 
2 3 'Structure model' 'Version format compliance' 
3 4 'Structure model' 'Data collection'           
4 4 'Structure model' 'Database references'       
5 4 'Structure model' 'Refinement description'    
# 
loop_
_pdbx_audit_revision_category.ordinal 
_pdbx_audit_revision_category.revision_ordinal 
_pdbx_audit_revision_category.data_content_type 
_pdbx_audit_revision_category.category 
1 4 'Structure model' chem_comp_atom                
2 4 'Structure model' chem_comp_bond                
3 4 'Structure model' database_2                    
4 4 'Structure model' pdbx_initial_refinement_model 
5 4 'Structure model' struct_ref_seq_dif            
# 
loop_
_pdbx_audit_revision_item.ordinal 
_pdbx_audit_revision_item.revision_ordinal 
_pdbx_audit_revision_item.data_content_type 
_pdbx_audit_revision_item.item 
1 4 'Structure model' '_database_2.pdbx_DOI'                
2 4 'Structure model' '_database_2.pdbx_database_accession' 
3 4 'Structure model' '_struct_ref_seq_dif.details'         
# 
loop_
_software.name 
_software.classification 
_software.version 
_software.citation_id 
_software.pdbx_ordinal 
REFMAC    refinement       5.2.0005 ? 1 
HKL-2000  'data reduction' .        ? 2 
SCALEPACK 'data scaling'   .        ? 3 
PHASER    phasing          .        ? 4 
# 
_pdbx_validate_torsion.id              1 
_pdbx_validate_torsion.PDB_model_num   1 
_pdbx_validate_torsion.auth_comp_id    CYS 
_pdbx_validate_torsion.auth_asym_id    A 
_pdbx_validate_torsion.auth_seq_id     178 
_pdbx_validate_torsion.PDB_ins_code    ? 
_pdbx_validate_torsion.label_alt_id    ? 
_pdbx_validate_torsion.phi             -115.51 
_pdbx_validate_torsion.psi             -119.48 
# 
loop_
_chem_comp_atom.comp_id 
_chem_comp_atom.atom_id 
_chem_comp_atom.type_symbol 
_chem_comp_atom.pdbx_aromatic_flag 
_chem_comp_atom.pdbx_stereo_config 
_chem_comp_atom.pdbx_ordinal 
ALA N    N N N 1   
ALA CA   C N S 2   
ALA C    C N N 3   
ALA O    O N N 4   
ALA CB   C N N 5   
ALA OXT  O N N 6   
ALA H    H N N 7   
ALA H2   H N N 8   
ALA HA   H N N 9   
ALA HB1  H N N 10  
ALA HB2  H N N 11  
ALA HB3  H N N 12  
ALA HXT  H N N 13  
ARG N    N N N 14  
ARG CA   C N S 15  
ARG C    C N N 16  
ARG O    O N N 17  
ARG CB   C N N 18  
ARG CG   C N N 19  
ARG CD   C N N 20  
ARG NE   N N N 21  
ARG CZ   C N N 22  
ARG NH1  N N N 23  
ARG NH2  N N N 24  
ARG OXT  O N N 25  
ARG H    H N N 26  
ARG H2   H N N 27  
ARG HA   H N N 28  
ARG HB2  H N N 29  
ARG HB3  H N N 30  
ARG HG2  H N N 31  
ARG HG3  H N N 32  
ARG HD2  H N N 33  
ARG HD3  H N N 34  
ARG HE   H N N 35  
ARG HH11 H N N 36  
ARG HH12 H N N 37  
ARG HH21 H N N 38  
ARG HH22 H N N 39  
ARG HXT  H N N 40  
ASN N    N N N 41  
ASN CA   C N S 42  
ASN C    C N N 43  
ASN O    O N N 44  
ASN CB   C N N 45  
ASN CG   C N N 46  
ASN OD1  O N N 47  
ASN ND2  N N N 48  
ASN OXT  O N N 49  
ASN H    H N N 50  
ASN H2   H N N 51  
ASN HA   H N N 52  
ASN HB2  H N N 53  
ASN HB3  H N N 54  
ASN HD21 H N N 55  
ASN HD22 H N N 56  
ASN HXT  H N N 57  
ASP N    N N N 58  
ASP CA   C N S 59  
ASP C    C N N 60  
ASP O    O N N 61  
ASP CB   C N N 62  
ASP CG   C N N 63  
ASP OD1  O N N 64  
ASP OD2  O N N 65  
ASP OXT  O N N 66  
ASP H    H N N 67  
ASP H2   H N N 68  
ASP HA   H N N 69  
ASP HB2  H N N 70  
ASP HB3  H N N 71  
ASP HD2  H N N 72  
ASP HXT  H N N 73  
CYS N    N N N 74  
CYS CA   C N R 75  
CYS C    C N N 76  
CYS O    O N N 77  
CYS CB   C N N 78  
CYS SG   S N N 79  
CYS OXT  O N N 80  
CYS H    H N N 81  
CYS H2   H N N 82  
CYS HA   H N N 83  
CYS HB2  H N N 84  
CYS HB3  H N N 85  
CYS HG   H N N 86  
CYS HXT  H N N 87  
GLN N    N N N 88  
GLN CA   C N S 89  
GLN C    C N N 90  
GLN O    O N N 91  
GLN CB   C N N 92  
GLN CG   C N N 93  
GLN CD   C N N 94  
GLN OE1  O N N 95  
GLN NE2  N N N 96  
GLN OXT  O N N 97  
GLN H    H N N 98  
GLN H2   H N N 99  
GLN HA   H N N 100 
GLN HB2  H N N 101 
GLN HB3  H N N 102 
GLN HG2  H N N 103 
GLN HG3  H N N 104 
GLN HE21 H N N 105 
GLN HE22 H N N 106 
GLN HXT  H N N 107 
GLU N    N N N 108 
GLU CA   C N S 109 
GLU C    C N N 110 
GLU O    O N N 111 
GLU CB   C N N 112 
GLU CG   C N N 113 
GLU CD   C N N 114 
GLU OE1  O N N 115 
GLU OE2  O N N 116 
GLU OXT  O N N 117 
GLU H    H N N 118 
GLU H2   H N N 119 
GLU HA   H N N 120 
GLU HB2  H N N 121 
GLU HB3  H N N 122 
GLU HG2  H N N 123 
GLU HG3  H N N 124 
GLU HE2  H N N 125 
GLU HXT  H N N 126 
GLY N    N N N 127 
GLY CA   C N N 128 
GLY C    C N N 129 
GLY O    O N N 130 
GLY OXT  O N N 131 
GLY H    H N N 132 
GLY H2   H N N 133 
GLY HA2  H N N 134 
GLY HA3  H N N 135 
GLY HXT  H N N 136 
HIS N    N N N 137 
HIS CA   C N S 138 
HIS C    C N N 139 
HIS O    O N N 140 
HIS CB   C N N 141 
HIS CG   C Y N 142 
HIS ND1  N Y N 143 
HIS CD2  C Y N 144 
HIS CE1  C Y N 145 
HIS NE2  N Y N 146 
HIS OXT  O N N 147 
HIS H    H N N 148 
HIS H2   H N N 149 
HIS HA   H N N 150 
HIS HB2  H N N 151 
HIS HB3  H N N 152 
HIS HD1  H N N 153 
HIS HD2  H N N 154 
HIS HE1  H N N 155 
HIS HE2  H N N 156 
HIS HXT  H N N 157 
HOH O    O N N 158 
HOH H1   H N N 159 
HOH H2   H N N 160 
ILE N    N N N 161 
ILE CA   C N S 162 
ILE C    C N N 163 
ILE O    O N N 164 
ILE CB   C N S 165 
ILE CG1  C N N 166 
ILE CG2  C N N 167 
ILE CD1  C N N 168 
ILE OXT  O N N 169 
ILE H    H N N 170 
ILE H2   H N N 171 
ILE HA   H N N 172 
ILE HB   H N N 173 
ILE HG12 H N N 174 
ILE HG13 H N N 175 
ILE HG21 H N N 176 
ILE HG22 H N N 177 
ILE HG23 H N N 178 
ILE HD11 H N N 179 
ILE HD12 H N N 180 
ILE HD13 H N N 181 
ILE HXT  H N N 182 
LEU N    N N N 183 
LEU CA   C N S 184 
LEU C    C N N 185 
LEU O    O N N 186 
LEU CB   C N N 187 
LEU CG   C N N 188 
LEU CD1  C N N 189 
LEU CD2  C N N 190 
LEU OXT  O N N 191 
LEU H    H N N 192 
LEU H2   H N N 193 
LEU HA   H N N 194 
LEU HB2  H N N 195 
LEU HB3  H N N 196 
LEU HG   H N N 197 
LEU HD11 H N N 198 
LEU HD12 H N N 199 
LEU HD13 H N N 200 
LEU HD21 H N N 201 
LEU HD22 H N N 202 
LEU HD23 H N N 203 
LEU HXT  H N N 204 
LYS N    N N N 205 
LYS CA   C N S 206 
LYS C    C N N 207 
LYS O    O N N 208 
LYS CB   C N N 209 
LYS CG   C N N 210 
LYS CD   C N N 211 
LYS CE   C N N 212 
LYS NZ   N N N 213 
LYS OXT  O N N 214 
LYS H    H N N 215 
LYS H2   H N N 216 
LYS HA   H N N 217 
LYS HB2  H N N 218 
LYS HB3  H N N 219 
LYS HG2  H N N 220 
LYS HG3  H N N 221 
LYS HD2  H N N 222 
LYS HD3  H N N 223 
LYS HE2  H N N 224 
LYS HE3  H N N 225 
LYS HZ1  H N N 226 
LYS HZ2  H N N 227 
LYS HZ3  H N N 228 
LYS HXT  H N N 229 
MET N    N N N 230 
MET CA   C N S 231 
MET C    C N N 232 
MET O    O N N 233 
MET CB   C N N 234 
MET CG   C N N 235 
MET SD   S N N 236 
MET CE   C N N 237 
MET OXT  O N N 238 
MET H    H N N 239 
MET H2   H N N 240 
MET HA   H N N 241 
MET HB2  H N N 242 
MET HB3  H N N 243 
MET HG2  H N N 244 
MET HG3  H N N 245 
MET HE1  H N N 246 
MET HE2  H N N 247 
MET HE3  H N N 248 
MET HXT  H N N 249 
PHE N    N N N 250 
PHE CA   C N S 251 
PHE C    C N N 252 
PHE O    O N N 253 
PHE CB   C N N 254 
PHE CG   C Y N 255 
PHE CD1  C Y N 256 
PHE CD2  C Y N 257 
PHE CE1  C Y N 258 
PHE CE2  C Y N 259 
PHE CZ   C Y N 260 
PHE OXT  O N N 261 
PHE H    H N N 262 
PHE H2   H N N 263 
PHE HA   H N N 264 
PHE HB2  H N N 265 
PHE HB3  H N N 266 
PHE HD1  H N N 267 
PHE HD2  H N N 268 
PHE HE1  H N N 269 
PHE HE2  H N N 270 
PHE HZ   H N N 271 
PHE HXT  H N N 272 
PRO N    N N N 273 
PRO CA   C N S 274 
PRO C    C N N 275 
PRO O    O N N 276 
PRO CB   C N N 277 
PRO CG   C N N 278 
PRO CD   C N N 279 
PRO OXT  O N N 280 
PRO H    H N N 281 
PRO HA   H N N 282 
PRO HB2  H N N 283 
PRO HB3  H N N 284 
PRO HG2  H N N 285 
PRO HG3  H N N 286 
PRO HD2  H N N 287 
PRO HD3  H N N 288 
PRO HXT  H N N 289 
SER N    N N N 290 
SER CA   C N S 291 
SER C    C N N 292 
SER O    O N N 293 
SER CB   C N N 294 
SER OG   O N N 295 
SER OXT  O N N 296 
SER H    H N N 297 
SER H2   H N N 298 
SER HA   H N N 299 
SER HB2  H N N 300 
SER HB3  H N N 301 
SER HG   H N N 302 
SER HXT  H N N 303 
THR N    N N N 304 
THR CA   C N S 305 
THR C    C N N 306 
THR O    O N N 307 
THR CB   C N R 308 
THR OG1  O N N 309 
THR CG2  C N N 310 
THR OXT  O N N 311 
THR H    H N N 312 
THR H2   H N N 313 
THR HA   H N N 314 
THR HB   H N N 315 
THR HG1  H N N 316 
THR HG21 H N N 317 
THR HG22 H N N 318 
THR HG23 H N N 319 
THR HXT  H N N 320 
TRP N    N N N 321 
TRP CA   C N S 322 
TRP C    C N N 323 
TRP O    O N N 324 
TRP CB   C N N 325 
TRP CG   C Y N 326 
TRP CD1  C Y N 327 
TRP CD2  C Y N 328 
TRP NE1  N Y N 329 
TRP CE2  C Y N 330 
TRP CE3  C Y N 331 
TRP CZ2  C Y N 332 
TRP CZ3  C Y N 333 
TRP CH2  C Y N 334 
TRP OXT  O N N 335 
TRP H    H N N 336 
TRP H2   H N N 337 
TRP HA   H N N 338 
TRP HB2  H N N 339 
TRP HB3  H N N 340 
TRP HD1  H N N 341 
TRP HE1  H N N 342 
TRP HE3  H N N 343 
TRP HZ2  H N N 344 
TRP HZ3  H N N 345 
TRP HH2  H N N 346 
TRP HXT  H N N 347 
TYR N    N N N 348 
TYR CA   C N S 349 
TYR C    C N N 350 
TYR O    O N N 351 
TYR CB   C N N 352 
TYR CG   C Y N 353 
TYR CD1  C Y N 354 
TYR CD2  C Y N 355 
TYR CE1  C Y N 356 
TYR CE2  C Y N 357 
TYR CZ   C Y N 358 
TYR OH   O N N 359 
TYR OXT  O N N 360 
TYR H    H N N 361 
TYR H2   H N N 362 
TYR HA   H N N 363 
TYR HB2  H N N 364 
TYR HB3  H N N 365 
TYR HD1  H N N 366 
TYR HD2  H N N 367 
TYR HE1  H N N 368 
TYR HE2  H N N 369 
TYR HH   H N N 370 
TYR HXT  H N N 371 
VAL N    N N N 372 
VAL CA   C N S 373 
VAL C    C N N 374 
VAL O    O N N 375 
VAL CB   C N N 376 
VAL CG1  C N N 377 
VAL CG2  C N N 378 
VAL OXT  O N N 379 
VAL H    H N N 380 
VAL H2   H N N 381 
VAL HA   H N N 382 
VAL HB   H N N 383 
VAL HG11 H N N 384 
VAL HG12 H N N 385 
VAL HG13 H N N 386 
VAL HG21 H N N 387 
VAL HG22 H N N 388 
VAL HG23 H N N 389 
VAL HXT  H N N 390 
# 
loop_
_chem_comp_bond.comp_id 
_chem_comp_bond.atom_id_1 
_chem_comp_bond.atom_id_2 
_chem_comp_bond.value_order 
_chem_comp_bond.pdbx_aromatic_flag 
_chem_comp_bond.pdbx_stereo_config 
_chem_comp_bond.pdbx_ordinal 
ALA N   CA   sing N N 1   
ALA N   H    sing N N 2   
ALA N   H2   sing N N 3   
ALA CA  C    sing N N 4   
ALA CA  CB   sing N N 5   
ALA CA  HA   sing N N 6   
ALA C   O    doub N N 7   
ALA C   OXT  sing N N 8   
ALA CB  HB1  sing N N 9   
ALA CB  HB2  sing N N 10  
ALA CB  HB3  sing N N 11  
ALA OXT HXT  sing N N 12  
ARG N   CA   sing N N 13  
ARG N   H    sing N N 14  
ARG N   H2   sing N N 15  
ARG CA  C    sing N N 16  
ARG CA  CB   sing N N 17  
ARG CA  HA   sing N N 18  
ARG C   O    doub N N 19  
ARG C   OXT  sing N N 20  
ARG CB  CG   sing N N 21  
ARG CB  HB2  sing N N 22  
ARG CB  HB3  sing N N 23  
ARG CG  CD   sing N N 24  
ARG CG  HG2  sing N N 25  
ARG CG  HG3  sing N N 26  
ARG CD  NE   sing N N 27  
ARG CD  HD2  sing N N 28  
ARG CD  HD3  sing N N 29  
ARG NE  CZ   sing N N 30  
ARG NE  HE   sing N N 31  
ARG CZ  NH1  sing N N 32  
ARG CZ  NH2  doub N N 33  
ARG NH1 HH11 sing N N 34  
ARG NH1 HH12 sing N N 35  
ARG NH2 HH21 sing N N 36  
ARG NH2 HH22 sing N N 37  
ARG OXT HXT  sing N N 38  
ASN N   CA   sing N N 39  
ASN N   H    sing N N 40  
ASN N   H2   sing N N 41  
ASN CA  C    sing N N 42  
ASN CA  CB   sing N N 43  
ASN CA  HA   sing N N 44  
ASN C   O    doub N N 45  
ASN C   OXT  sing N N 46  
ASN CB  CG   sing N N 47  
ASN CB  HB2  sing N N 48  
ASN CB  HB3  sing N N 49  
ASN CG  OD1  doub N N 50  
ASN CG  ND2  sing N N 51  
ASN ND2 HD21 sing N N 52  
ASN ND2 HD22 sing N N 53  
ASN OXT HXT  sing N N 54  
ASP N   CA   sing N N 55  
ASP N   H    sing N N 56  
ASP N   H2   sing N N 57  
ASP CA  C    sing N N 58  
ASP CA  CB   sing N N 59  
ASP CA  HA   sing N N 60  
ASP C   O    doub N N 61  
ASP C   OXT  sing N N 62  
ASP CB  CG   sing N N 63  
ASP CB  HB2  sing N N 64  
ASP CB  HB3  sing N N 65  
ASP CG  OD1  doub N N 66  
ASP CG  OD2  sing N N 67  
ASP OD2 HD2  sing N N 68  
ASP OXT HXT  sing N N 69  
CYS N   CA   sing N N 70  
CYS N   H    sing N N 71  
CYS N   H2   sing N N 72  
CYS CA  C    sing N N 73  
CYS CA  CB   sing N N 74  
CYS CA  HA   sing N N 75  
CYS C   O    doub N N 76  
CYS C   OXT  sing N N 77  
CYS CB  SG   sing N N 78  
CYS CB  HB2  sing N N 79  
CYS CB  HB3  sing N N 80  
CYS SG  HG   sing N N 81  
CYS OXT HXT  sing N N 82  
GLN N   CA   sing N N 83  
GLN N   H    sing N N 84  
GLN N   H2   sing N N 85  
GLN CA  C    sing N N 86  
GLN CA  CB   sing N N 87  
GLN CA  HA   sing N N 88  
GLN C   O    doub N N 89  
GLN C   OXT  sing N N 90  
GLN CB  CG   sing N N 91  
GLN CB  HB2  sing N N 92  
GLN CB  HB3  sing N N 93  
GLN CG  CD   sing N N 94  
GLN CG  HG2  sing N N 95  
GLN CG  HG3  sing N N 96  
GLN CD  OE1  doub N N 97  
GLN CD  NE2  sing N N 98  
GLN NE2 HE21 sing N N 99  
GLN NE2 HE22 sing N N 100 
GLN OXT HXT  sing N N 101 
GLU N   CA   sing N N 102 
GLU N   H    sing N N 103 
GLU N   H2   sing N N 104 
GLU CA  C    sing N N 105 
GLU CA  CB   sing N N 106 
GLU CA  HA   sing N N 107 
GLU C   O    doub N N 108 
GLU C   OXT  sing N N 109 
GLU CB  CG   sing N N 110 
GLU CB  HB2  sing N N 111 
GLU CB  HB3  sing N N 112 
GLU CG  CD   sing N N 113 
GLU CG  HG2  sing N N 114 
GLU CG  HG3  sing N N 115 
GLU CD  OE1  doub N N 116 
GLU CD  OE2  sing N N 117 
GLU OE2 HE2  sing N N 118 
GLU OXT HXT  sing N N 119 
GLY N   CA   sing N N 120 
GLY N   H    sing N N 121 
GLY N   H2   sing N N 122 
GLY CA  C    sing N N 123 
GLY CA  HA2  sing N N 124 
GLY CA  HA3  sing N N 125 
GLY C   O    doub N N 126 
GLY C   OXT  sing N N 127 
GLY OXT HXT  sing N N 128 
HIS N   CA   sing N N 129 
HIS N   H    sing N N 130 
HIS N   H2   sing N N 131 
HIS CA  C    sing N N 132 
HIS CA  CB   sing N N 133 
HIS CA  HA   sing N N 134 
HIS C   O    doub N N 135 
HIS C   OXT  sing N N 136 
HIS CB  CG   sing N N 137 
HIS CB  HB2  sing N N 138 
HIS CB  HB3  sing N N 139 
HIS CG  ND1  sing Y N 140 
HIS CG  CD2  doub Y N 141 
HIS ND1 CE1  doub Y N 142 
HIS ND1 HD1  sing N N 143 
HIS CD2 NE2  sing Y N 144 
HIS CD2 HD2  sing N N 145 
HIS CE1 NE2  sing Y N 146 
HIS CE1 HE1  sing N N 147 
HIS NE2 HE2  sing N N 148 
HIS OXT HXT  sing N N 149 
HOH O   H1   sing N N 150 
HOH O   H2   sing N N 151 
ILE N   CA   sing N N 152 
ILE N   H    sing N N 153 
ILE N   H2   sing N N 154 
ILE CA  C    sing N N 155 
ILE CA  CB   sing N N 156 
ILE CA  HA   sing N N 157 
ILE C   O    doub N N 158 
ILE C   OXT  sing N N 159 
ILE CB  CG1  sing N N 160 
ILE CB  CG2  sing N N 161 
ILE CB  HB   sing N N 162 
ILE CG1 CD1  sing N N 163 
ILE CG1 HG12 sing N N 164 
ILE CG1 HG13 sing N N 165 
ILE CG2 HG21 sing N N 166 
ILE CG2 HG22 sing N N 167 
ILE CG2 HG23 sing N N 168 
ILE CD1 HD11 sing N N 169 
ILE CD1 HD12 sing N N 170 
ILE CD1 HD13 sing N N 171 
ILE OXT HXT  sing N N 172 
LEU N   CA   sing N N 173 
LEU N   H    sing N N 174 
LEU N   H2   sing N N 175 
LEU CA  C    sing N N 176 
LEU CA  CB   sing N N 177 
LEU CA  HA   sing N N 178 
LEU C   O    doub N N 179 
LEU C   OXT  sing N N 180 
LEU CB  CG   sing N N 181 
LEU CB  HB2  sing N N 182 
LEU CB  HB3  sing N N 183 
LEU CG  CD1  sing N N 184 
LEU CG  CD2  sing N N 185 
LEU CG  HG   sing N N 186 
LEU CD1 HD11 sing N N 187 
LEU CD1 HD12 sing N N 188 
LEU CD1 HD13 sing N N 189 
LEU CD2 HD21 sing N N 190 
LEU CD2 HD22 sing N N 191 
LEU CD2 HD23 sing N N 192 
LEU OXT HXT  sing N N 193 
LYS N   CA   sing N N 194 
LYS N   H    sing N N 195 
LYS N   H2   sing N N 196 
LYS CA  C    sing N N 197 
LYS CA  CB   sing N N 198 
LYS CA  HA   sing N N 199 
LYS C   O    doub N N 200 
LYS C   OXT  sing N N 201 
LYS CB  CG   sing N N 202 
LYS CB  HB2  sing N N 203 
LYS CB  HB3  sing N N 204 
LYS CG  CD   sing N N 205 
LYS CG  HG2  sing N N 206 
LYS CG  HG3  sing N N 207 
LYS CD  CE   sing N N 208 
LYS CD  HD2  sing N N 209 
LYS CD  HD3  sing N N 210 
LYS CE  NZ   sing N N 211 
LYS CE  HE2  sing N N 212 
LYS CE  HE3  sing N N 213 
LYS NZ  HZ1  sing N N 214 
LYS NZ  HZ2  sing N N 215 
LYS NZ  HZ3  sing N N 216 
LYS OXT HXT  sing N N 217 
MET N   CA   sing N N 218 
MET N   H    sing N N 219 
MET N   H2   sing N N 220 
MET CA  C    sing N N 221 
MET CA  CB   sing N N 222 
MET CA  HA   sing N N 223 
MET C   O    doub N N 224 
MET C   OXT  sing N N 225 
MET CB  CG   sing N N 226 
MET CB  HB2  sing N N 227 
MET CB  HB3  sing N N 228 
MET CG  SD   sing N N 229 
MET CG  HG2  sing N N 230 
MET CG  HG3  sing N N 231 
MET SD  CE   sing N N 232 
MET CE  HE1  sing N N 233 
MET CE  HE2  sing N N 234 
MET CE  HE3  sing N N 235 
MET OXT HXT  sing N N 236 
PHE N   CA   sing N N 237 
PHE N   H    sing N N 238 
PHE N   H2   sing N N 239 
PHE CA  C    sing N N 240 
PHE CA  CB   sing N N 241 
PHE CA  HA   sing N N 242 
PHE C   O    doub N N 243 
PHE C   OXT  sing N N 244 
PHE CB  CG   sing N N 245 
PHE CB  HB2  sing N N 246 
PHE CB  HB3  sing N N 247 
PHE CG  CD1  doub Y N 248 
PHE CG  CD2  sing Y N 249 
PHE CD1 CE1  sing Y N 250 
PHE CD1 HD1  sing N N 251 
PHE CD2 CE2  doub Y N 252 
PHE CD2 HD2  sing N N 253 
PHE CE1 CZ   doub Y N 254 
PHE CE1 HE1  sing N N 255 
PHE CE2 CZ   sing Y N 256 
PHE CE2 HE2  sing N N 257 
PHE CZ  HZ   sing N N 258 
PHE OXT HXT  sing N N 259 
PRO N   CA   sing N N 260 
PRO N   CD   sing N N 261 
PRO N   H    sing N N 262 
PRO CA  C    sing N N 263 
PRO CA  CB   sing N N 264 
PRO CA  HA   sing N N 265 
PRO C   O    doub N N 266 
PRO C   OXT  sing N N 267 
PRO CB  CG   sing N N 268 
PRO CB  HB2  sing N N 269 
PRO CB  HB3  sing N N 270 
PRO CG  CD   sing N N 271 
PRO CG  HG2  sing N N 272 
PRO CG  HG3  sing N N 273 
PRO CD  HD2  sing N N 274 
PRO CD  HD3  sing N N 275 
PRO OXT HXT  sing N N 276 
SER N   CA   sing N N 277 
SER N   H    sing N N 278 
SER N   H2   sing N N 279 
SER CA  C    sing N N 280 
SER CA  CB   sing N N 281 
SER CA  HA   sing N N 282 
SER C   O    doub N N 283 
SER C   OXT  sing N N 284 
SER CB  OG   sing N N 285 
SER CB  HB2  sing N N 286 
SER CB  HB3  sing N N 287 
SER OG  HG   sing N N 288 
SER OXT HXT  sing N N 289 
THR N   CA   sing N N 290 
THR N   H    sing N N 291 
THR N   H2   sing N N 292 
THR CA  C    sing N N 293 
THR CA  CB   sing N N 294 
THR CA  HA   sing N N 295 
THR C   O    doub N N 296 
THR C   OXT  sing N N 297 
THR CB  OG1  sing N N 298 
THR CB  CG2  sing N N 299 
THR CB  HB   sing N N 300 
THR OG1 HG1  sing N N 301 
THR CG2 HG21 sing N N 302 
THR CG2 HG22 sing N N 303 
THR CG2 HG23 sing N N 304 
THR OXT HXT  sing N N 305 
TRP N   CA   sing N N 306 
TRP N   H    sing N N 307 
TRP N   H2   sing N N 308 
TRP CA  C    sing N N 309 
TRP CA  CB   sing N N 310 
TRP CA  HA   sing N N 311 
TRP C   O    doub N N 312 
TRP C   OXT  sing N N 313 
TRP CB  CG   sing N N 314 
TRP CB  HB2  sing N N 315 
TRP CB  HB3  sing N N 316 
TRP CG  CD1  doub Y N 317 
TRP CG  CD2  sing Y N 318 
TRP CD1 NE1  sing Y N 319 
TRP CD1 HD1  sing N N 320 
TRP CD2 CE2  doub Y N 321 
TRP CD2 CE3  sing Y N 322 
TRP NE1 CE2  sing Y N 323 
TRP NE1 HE1  sing N N 324 
TRP CE2 CZ2  sing Y N 325 
TRP CE3 CZ3  doub Y N 326 
TRP CE3 HE3  sing N N 327 
TRP CZ2 CH2  doub Y N 328 
TRP CZ2 HZ2  sing N N 329 
TRP CZ3 CH2  sing Y N 330 
TRP CZ3 HZ3  sing N N 331 
TRP CH2 HH2  sing N N 332 
TRP OXT HXT  sing N N 333 
TYR N   CA   sing N N 334 
TYR N   H    sing N N 335 
TYR N   H2   sing N N 336 
TYR CA  C    sing N N 337 
TYR CA  CB   sing N N 338 
TYR CA  HA   sing N N 339 
TYR C   O    doub N N 340 
TYR C   OXT  sing N N 341 
TYR CB  CG   sing N N 342 
TYR CB  HB2  sing N N 343 
TYR CB  HB3  sing N N 344 
TYR CG  CD1  doub Y N 345 
TYR CG  CD2  sing Y N 346 
TYR CD1 CE1  sing Y N 347 
TYR CD1 HD1  sing N N 348 
TYR CD2 CE2  doub Y N 349 
TYR CD2 HD2  sing N N 350 
TYR CE1 CZ   doub Y N 351 
TYR CE1 HE1  sing N N 352 
TYR CE2 CZ   sing Y N 353 
TYR CE2 HE2  sing N N 354 
TYR CZ  OH   sing N N 355 
TYR OH  HH   sing N N 356 
TYR OXT HXT  sing N N 357 
VAL N   CA   sing N N 358 
VAL N   H    sing N N 359 
VAL N   H2   sing N N 360 
VAL CA  C    sing N N 361 
VAL CA  CB   sing N N 362 
VAL CA  HA   sing N N 363 
VAL C   O    doub N N 364 
VAL C   OXT  sing N N 365 
VAL CB  CG1  sing N N 366 
VAL CB  CG2  sing N N 367 
VAL CB  HB   sing N N 368 
VAL CG1 HG11 sing N N 369 
VAL CG1 HG12 sing N N 370 
VAL CG1 HG13 sing N N 371 
VAL CG2 HG21 sing N N 372 
VAL CG2 HG22 sing N N 373 
VAL CG2 HG23 sing N N 374 
VAL OXT HXT  sing N N 375 
# 
_pdbx_entity_nonpoly.entity_id   2 
_pdbx_entity_nonpoly.name        water 
_pdbx_entity_nonpoly.comp_id     HOH 
# 
_pdbx_initial_refinement_model.id               1 
_pdbx_initial_refinement_model.entity_id_list   ? 
_pdbx_initial_refinement_model.type             'experimental model' 
_pdbx_initial_refinement_model.source_name      PDB 
_pdbx_initial_refinement_model.accession_code   1Q1C 
_pdbx_initial_refinement_model.details          'PDB ENTRY 1Q1C' 
# 
